data_8S0C
#
_entry.id   8S0C
#
_cell.length_a   1.00
_cell.length_b   1.00
_cell.length_c   1.00
_cell.angle_alpha   90.00
_cell.angle_beta   90.00
_cell.angle_gamma   90.00
#
_symmetry.space_group_name_H-M   'P 1'
#
loop_
_entity.id
_entity.type
_entity.pdbx_description
1 polymer 'Origin recognition complex subunit 1'
2 polymer 'DNA (26-mer)'
3 polymer 'DNA (26-mer)'
4 polymer 'Origin recognition complex subunit 2'
5 polymer 'Isoform 2 of Origin recognition complex subunit 3'
6 polymer 'Origin recognition complex subunit 4'
7 polymer 'Origin recognition complex subunit 5'
8 non-polymer 'PHOSPHOTHIOPHOSPHORIC ACID-ADENYLATE ESTER'
9 non-polymer 'MAGNESIUM ION'
#
loop_
_entity_poly.entity_id
_entity_poly.type
_entity_poly.pdbx_seq_one_letter_code
_entity_poly.pdbx_strand_id
1 'polypeptide(L)'
;MAHYPTRLKTRKTYSWVGRPLLDRKLHYQTYREMCVKTEGCSTEIHIQIGQFVLIEGDDDENPYVAKLLELFEDDSDPPP
KKRARVQWFVRFCEVPACKRHLLGRKPGAQEIFWYDYPACDSNINAETIIGLVRVIPLAPKDVVPTNLKNEKTLFVKLSW
NEKKFRPLSSELFAELNKPQESAAKCQKPVRAKSKSAESPSWTPAEHVAKRIESRHSASKSRQTPTHPLTPRARKRLELG
NLGNPQMSQQTSCASLDSPGRIKRKVAFSEITSPSKRSQPDKLQTLSPALKAPEKTRETGLSYTEDDKKASPEHRIILRT
RIAASKTIDIREERTLTPISGGQRSSVVPSVILKPENIKKRDAKEAKAQNEATSTPHRIRRKSSVLTMNRIRQQLRFLGN
SKSDQEEKEILPAAEISDSSSDEEEASTPPLPRRAPRTVSRNLRSSLKSSLHTLTKVPKKSLKPRTPRCAAPQIRSRSLA
AQEPASVLEEARLRLHVSAVPESLPCREQEFQDIYNFVESKLLDHTGGCMYISGVPGTGKTATVHEVIRCLQQAAQANDV
PPFQYIEVNGMKLTEPHQVYVQILQKLTGQKATANHAAELLAKQFCTRGSPQETTVLLVDELDLLWTHKQDIMYNLFDWP
THKEARLVVLAIANTMDLPERIMMNRVSSRLGLTRMCFQPYTYSQLQQILRSRLKHLKAFEDDAIQLVARKVAALSGDAR
RCLDICRRATEICEFSQQKPDSPGLVTIAHSMEAVDEMFSSSYITAIKNSSVLEQSFLRAILAEFRRSGLEEATFQQIYS
QHVALCRMEGLPYPTMSETMAVCSHLGSCRLLLVEPSRNDLLLRVRLNVSQDDVLYALKDE
;
A
2 'polydeoxyribonucleotide'
;(DT)(DA)(DT)(DT)(DT)(DT)(DC)(DC)(DC)(DT)(DT)(DG)(DA)(DC)(DT)(DG)(DA)(DC)(DT)(DG)
(DA)(DC)(DT)(DG)(DA)(DA)
;
X
3 'polydeoxyribonucleotide'
;(DT)(DT)(DC)(DA)(DG)(DT)(DC)(DA)(DG)(DT)(DC)(DA)(DG)(DT)(DC)(DA)(DA)(DG)(DG)(DG)
(DA)(DA)(DA)(DA)(DT)(DA)
;
Y
4 'polypeptide(L)'
;MSKPELKEDKMLEVHFVGDDDVLNHILDREGGAKLKKERAQLLVNPKKIIKKPEYDLEEDDQEVLKDQNYVEIMGRDVQE
SLKNGSATGGGNKVYSFQNRKHSEKMAKLASELAKTPQKSVSFSLKNDPEITINVPQSSKGHSASDKVQPKNNDKSEFLS
TAPRSLRKRLIVPRSHSDSESEYSASNSEDDEGVAQEHEEDTNAVIFSQKIQAQNRVVSAPVGKETPSKRMKRDKTSDLV
EEYFEAHSSSKVLTSDRTLQKLKRAKLDQQTLRNLLSKVSPSFSAELKQLNQQYEKLFHKWMLQLHLGFNIVLYGLGSKR
DLLERFRTTMLQDSIHVVINGFFPGISVKSVLNSITEEVLDHMGTFRSILDQLDWIVNKFKEDSSLELFLLIHNLDSQML
RGEKSQQIIGQLSSLHNIYLIASIDHLNAPLMWDHAKQSLFNWLWYETTTYSPYTEETSYENSLLVKQSGSLPLSSLTHV
LRSLTPNARGIFRLLIKYQLDNQDNPSYIGLSFQDFYQQCREAFLVNSDLTLRAQLTEFRDHKLIRTKKGTDGVEYLLIP
VDNGTLTDFLEKEEEEA
;
B
5 'polypeptide(L)'
;MATSSMSKGCFVFKPNSKKRKISLPIEDYFNKGKNEPEDSKLRFETYQLIWQQMKSENERLQEELNKNLFDNLIEFLQKS
HSGFQKNSRDLGGQIKLREIPTAALVLGVNVTDHDLTFGSLTEALQNNVTPYVVSLQAKDCPDMKHFLQKLISQLMDCCV
DIKSKEEESVHVTQRKTHYSMDSLSSWYMTVTQKTDPKMLSKKRTTSSQWQSPPVVVILKDMESFATKVLQDFIIISSQH
LHEFPLILIFGIATSPIIIHRLLPHAVSSLLCIELFQSLSCKEHLTTVLDKLLLTTQFPFKINEKVLQVLTNIFLYHDFS
VQNFIKGLQLSLLEHFYSQPLSVLCCNLPEAKRRINFLSNNQCENIRRLPSFRRYVEKQASEKQVALLTNERYLKEETQL
LLENLHVYHMNYFLVLRCLHKFTSSLPKYPLGRQIRELYCTCLEKNIWDSEEYASVLQLLRMLAKDELMTILEKCFKVFK
SYCENHLGSTAKRIEEFLAQFQSLDAETKEEEDASGSQPKGLQKTDLYHLQKSLLEMKELRRSKKQTKFEVLRENVVNFI
DCLVREYLLPPETQPLHEVVYFSAAHALREHLNAAPRIALHTALNNPYYYLKNEALKSEEGCIPNIAPDICIAYKLHLEC
SRLINLVDWSEAFATVVTAAEKMDANSATSEEMNEIIHARFIRAVSELELLGFIKPTKQKTDHVARLTWGGC
;
C
6 'polypeptide(L)'
;MSSRKSKSNSLIHTECLSQVQRILRERFCRQSPHSNLFGVQVQYKHLSELLKRTALHGESNSVLIIGPRGSGKTMLINHA
LKELMEIEEVSENVLQVHLNGLLQINDKIALKEITRQLNLENVVGDKVFGSFAENLSFLLEALKKGDRTSSCPVIFILDE
FDLFAHHKNQTLLYNLFDISQSAQTPIAVIGLTCRLDILELLEKRVKSRFSHRQIHLMNSFGFPQYVKIFKEQLSLPAEF
PDKVFAEKWNENVQYLSEDRSVQEVLQKHFNISKNLRSLHMLLMLALNRVTASHPFMTAVDLMEASQLCSMDSKANIVHG
LSVLEICLIIAMKHLNDIYEEEPFNFQMVYNEFQKFVQRKAHSVYNFEKPVVMKAFEHLQQLELIKPMERTSGNSQREYQ
LMKLLLDNTQIMNALQKYPNCPTDVRQWATSSLSWL
;
D
7 'polypeptide(L)'
;MPHLENVVLCRESQVSILQSLFGERHHFSFPSIFIYGHTASGKTYVTQTLLKTLELPHVFVNCVECFTLRLLLEQILNKL
NHLSSSEDGCSTEITCETFNDFVRLFKQVTTAENLKDQTVYIVLDKAEYLRDMEANLLPGFLRLQELADRNVTVLFLSEI
VWEKFRPNTGCFEPFVLYFPDYSIGNLQKILSHDHPPEYSADFYAAYINILLGVFYTVCRDLKELRHLAVLNFPKYCEPV
VKGEASERDTRKLWRNIEPHLKKAMQTVYLREISSSQWEKLQKDDTDPGQLKGLSAHTHVELPYYSKFILIAAYLASYNP
ARTDKRFFLKHHGKIKKTNFLKKHEKTSNHLLGPKPFPLDRLLAILYSIVDSRVAPTANIFSQITSLVTLQLLTLVGHDD
QLDGPKYKCTVSLDFIRAIARTVNFDIIKYLYDFL
;
E
#
loop_
_chem_comp.id
_chem_comp.type
_chem_comp.name
_chem_comp.formula
AGS non-polymer 'PHOSPHOTHIOPHOSPHORIC ACID-ADENYLATE ESTER' 'C10 H16 N5 O12 P3 S'
DA DNA linking 2'-DEOXYADENOSINE-5'-MONOPHOSPHATE 'C10 H14 N5 O6 P'
DC DNA linking 2'-DEOXYCYTIDINE-5'-MONOPHOSPHATE 'C9 H14 N3 O7 P'
DG DNA linking 2'-DEOXYGUANOSINE-5'-MONOPHOSPHATE 'C10 H14 N5 O7 P'
DT DNA linking THYMIDINE-5'-MONOPHOSPHATE 'C10 H15 N2 O8 P'
MG non-polymer 'MAGNESIUM ION' 'Mg 2'
#
# COMPACT_ATOMS: atom_id res chain seq x y z
N ILE A 748 35.69 -18.33 62.61
CA ILE A 748 36.05 -18.40 61.20
C ILE A 748 34.89 -18.94 60.39
N ALA A 749 34.06 -19.77 61.02
CA ALA A 749 32.90 -20.33 60.34
C ALA A 749 31.91 -19.24 59.96
N HIS A 750 31.68 -18.27 60.86
CA HIS A 750 30.76 -17.19 60.58
C HIS A 750 31.24 -16.35 59.40
N SER A 751 32.53 -16.00 59.41
CA SER A 751 33.09 -15.21 58.31
C SER A 751 33.05 -15.98 56.99
N MET A 752 33.36 -17.28 57.03
CA MET A 752 33.30 -18.08 55.82
C MET A 752 31.88 -18.16 55.27
N GLU A 753 30.90 -18.35 56.15
CA GLU A 753 29.51 -18.38 55.72
C GLU A 753 29.10 -17.04 55.12
N ALA A 754 29.51 -15.94 55.76
CA ALA A 754 29.16 -14.62 55.23
C ALA A 754 29.78 -14.41 53.85
N VAL A 755 31.05 -14.77 53.68
CA VAL A 755 31.73 -14.49 52.43
C VAL A 755 31.20 -15.37 51.30
N ASP A 756 30.90 -16.64 51.59
CA ASP A 756 30.39 -17.48 50.51
C ASP A 756 28.88 -17.37 50.33
N GLU A 757 28.19 -16.63 51.21
CA GLU A 757 26.78 -16.36 51.02
C GLU A 757 26.53 -15.00 50.37
N MET A 758 27.44 -14.05 50.53
CA MET A 758 27.27 -12.71 49.99
C MET A 758 28.07 -12.44 48.72
N PHE A 759 28.96 -13.36 48.32
CA PHE A 759 29.80 -13.16 47.15
C PHE A 759 29.59 -14.18 46.05
N SER A 760 29.28 -15.43 46.39
CA SER A 760 29.21 -16.49 45.40
C SER A 760 28.00 -16.33 44.49
N SER A 761 28.09 -16.94 43.30
CA SER A 761 27.00 -16.95 42.34
C SER A 761 26.01 -18.05 42.70
N SER A 762 24.73 -17.79 42.45
CA SER A 762 23.65 -18.69 42.82
C SER A 762 23.08 -19.45 41.62
N TYR A 763 23.75 -19.39 40.47
CA TYR A 763 23.22 -20.07 39.28
C TYR A 763 23.20 -21.58 39.46
N ILE A 764 24.23 -22.15 40.07
CA ILE A 764 24.37 -23.60 40.14
C ILE A 764 23.24 -24.20 40.99
N THR A 765 23.03 -23.64 42.19
CA THR A 765 21.99 -24.16 43.05
C THR A 765 20.60 -23.86 42.52
N ALA A 766 20.45 -22.79 41.73
CA ALA A 766 19.19 -22.55 41.04
C ALA A 766 18.92 -23.63 40.01
N ILE A 767 19.97 -24.06 39.30
CA ILE A 767 19.83 -25.16 38.36
C ILE A 767 19.49 -26.45 39.08
N LYS A 768 20.13 -26.69 40.23
CA LYS A 768 19.88 -27.92 40.98
C LYS A 768 18.43 -28.02 41.43
N ASN A 769 17.84 -26.90 41.86
CA ASN A 769 16.48 -26.90 42.38
C ASN A 769 15.43 -26.88 41.27
N SER A 770 15.84 -26.81 40.00
CA SER A 770 14.91 -26.76 38.90
C SER A 770 14.10 -28.06 38.80
N SER A 771 13.04 -28.02 38.00
CA SER A 771 12.14 -29.15 37.86
C SER A 771 12.77 -30.23 36.96
N VAL A 772 11.97 -31.27 36.68
CA VAL A 772 12.46 -32.40 35.90
C VAL A 772 12.49 -32.06 34.41
N LEU A 773 11.36 -31.56 33.90
CA LEU A 773 11.28 -31.19 32.48
C LEU A 773 12.32 -30.13 32.14
N GLU A 774 12.57 -29.20 33.05
CA GLU A 774 13.59 -28.20 32.83
C GLU A 774 14.98 -28.85 32.72
N GLN A 775 15.25 -29.84 33.57
CA GLN A 775 16.51 -30.56 33.47
C GLN A 775 16.62 -31.29 32.13
N SER A 776 15.53 -31.90 31.67
CA SER A 776 15.54 -32.59 30.39
C SER A 776 15.77 -31.61 29.24
N PHE A 777 15.18 -30.42 29.33
CA PHE A 777 15.39 -29.40 28.32
C PHE A 777 16.85 -28.95 28.29
N LEU A 778 17.45 -28.76 29.47
CA LEU A 778 18.86 -28.42 29.53
C LEU A 778 19.73 -29.51 28.93
N ARG A 779 19.41 -30.78 29.24
CA ARG A 779 20.18 -31.89 28.69
C ARG A 779 20.05 -31.95 27.17
N ALA A 780 18.85 -31.72 26.65
CA ALA A 780 18.66 -31.72 25.20
C ALA A 780 19.45 -30.61 24.53
N ILE A 781 19.45 -29.41 25.14
CA ILE A 781 20.24 -28.32 24.58
C ILE A 781 21.72 -28.66 24.59
N LEU A 782 22.19 -29.24 25.70
CA LEU A 782 23.61 -29.60 25.80
C LEU A 782 23.99 -30.64 24.75
N ALA A 783 23.13 -31.65 24.56
CA ALA A 783 23.42 -32.69 23.58
C ALA A 783 23.41 -32.12 22.16
N GLU A 784 22.46 -31.22 21.86
CA GLU A 784 22.44 -30.60 20.54
C GLU A 784 23.69 -29.76 20.31
N PHE A 785 24.14 -29.03 21.33
CA PHE A 785 25.37 -28.26 21.20
C PHE A 785 26.57 -29.16 20.99
N ARG A 786 26.62 -30.30 21.68
CA ARG A 786 27.70 -31.25 21.46
C ARG A 786 27.68 -31.79 20.04
N ARG A 787 26.48 -32.04 19.51
CA ARG A 787 26.37 -32.50 18.13
C ARG A 787 26.86 -31.45 17.15
N SER A 788 26.49 -30.18 17.37
CA SER A 788 26.78 -29.12 16.43
C SER A 788 28.08 -28.38 16.77
N GLY A 789 28.18 -27.83 17.97
CA GLY A 789 29.32 -27.03 18.36
C GLY A 789 29.10 -25.54 18.32
N LEU A 790 27.89 -25.09 17.99
CA LEU A 790 27.58 -23.67 17.93
C LEU A 790 26.96 -23.20 19.24
N GLU A 791 27.04 -21.89 19.46
CA GLU A 791 26.47 -21.28 20.65
C GLU A 791 25.06 -20.72 20.42
N GLU A 792 24.50 -20.92 19.24
CA GLU A 792 23.13 -20.53 18.94
C GLU A 792 22.43 -21.67 18.21
N ALA A 793 21.16 -21.89 18.56
CA ALA A 793 20.39 -22.96 17.95
C ALA A 793 18.92 -22.57 17.92
N THR A 794 18.23 -22.98 16.87
CA THR A 794 16.80 -22.70 16.77
C THR A 794 16.01 -23.59 17.71
N PHE A 795 14.73 -23.25 17.87
CA PHE A 795 13.87 -23.98 18.79
C PHE A 795 13.55 -25.38 18.27
N GLN A 796 13.59 -25.58 16.95
CA GLN A 796 13.16 -26.84 16.36
C GLN A 796 14.11 -27.97 16.70
N GLN A 797 15.42 -27.75 16.55
CA GLN A 797 16.39 -28.80 16.85
C GLN A 797 16.37 -29.17 18.32
N ILE A 798 16.27 -28.16 19.20
CA ILE A 798 16.17 -28.42 20.62
C ILE A 798 14.90 -29.19 20.95
N TYR A 799 13.79 -28.83 20.30
CA TYR A 799 12.54 -29.55 20.53
C TYR A 799 12.65 -31.01 20.11
N SER A 800 13.28 -31.28 18.96
CA SER A 800 13.44 -32.65 18.52
C SER A 800 14.33 -33.45 19.48
N GLN A 801 15.44 -32.84 19.92
CA GLN A 801 16.31 -33.50 20.88
C GLN A 801 15.57 -33.78 22.19
N HIS A 802 14.72 -32.83 22.61
CA HIS A 802 13.94 -33.03 23.83
C HIS A 802 12.91 -34.15 23.66
N VAL A 803 12.29 -34.25 22.49
CA VAL A 803 11.38 -35.36 22.23
C VAL A 803 12.12 -36.68 22.33
N ALA A 804 13.31 -36.74 21.73
CA ALA A 804 14.11 -37.97 21.80
C ALA A 804 14.49 -38.31 23.24
N LEU A 805 14.89 -37.31 24.03
CA LEU A 805 15.28 -37.57 25.41
C LEU A 805 14.08 -37.96 26.27
N CYS A 806 12.91 -37.39 25.99
CA CYS A 806 11.70 -37.81 26.70
C CYS A 806 11.35 -39.25 26.37
N ARG A 807 11.49 -39.64 25.10
CA ARG A 807 11.28 -41.03 24.73
C ARG A 807 12.27 -41.95 25.44
N MET A 808 13.52 -41.49 25.56
CA MET A 808 14.53 -42.27 26.29
C MET A 808 14.16 -42.42 27.75
N GLU A 809 13.67 -41.34 28.38
CA GLU A 809 13.37 -41.36 29.80
C GLU A 809 12.06 -42.07 30.12
N GLY A 810 11.27 -42.39 29.10
CA GLY A 810 9.96 -42.96 29.32
C GLY A 810 8.88 -41.97 29.65
N LEU A 811 9.20 -40.68 29.63
CA LEU A 811 8.21 -39.64 29.93
C LEU A 811 7.17 -39.57 28.83
N PRO A 812 5.97 -39.09 29.14
CA PRO A 812 4.93 -38.98 28.11
C PRO A 812 5.29 -37.97 27.04
N TYR A 813 4.51 -37.99 25.97
CA TYR A 813 4.80 -37.14 24.81
C TYR A 813 4.49 -35.69 25.14
N PRO A 814 5.47 -34.79 25.05
CA PRO A 814 5.20 -33.38 25.37
C PRO A 814 4.74 -32.59 24.16
N THR A 815 3.77 -31.72 24.38
CA THR A 815 3.26 -30.85 23.33
C THR A 815 4.16 -29.62 23.17
N MET A 816 4.00 -28.95 22.03
CA MET A 816 4.82 -27.77 21.75
C MET A 816 4.50 -26.64 22.72
N SER A 817 3.22 -26.46 23.06
CA SER A 817 2.84 -25.36 23.95
C SER A 817 3.48 -25.52 25.33
N GLU A 818 3.54 -26.76 25.84
CA GLU A 818 4.18 -26.99 27.12
C GLU A 818 5.66 -26.64 27.07
N THR A 819 6.34 -27.02 25.99
CA THR A 819 7.75 -26.66 25.83
C THR A 819 7.93 -25.15 25.74
N MET A 820 7.02 -24.47 25.04
CA MET A 820 7.09 -23.02 24.95
C MET A 820 6.91 -22.38 26.32
N ALA A 821 5.99 -22.91 27.13
CA ALA A 821 5.80 -22.39 28.48
C ALA A 821 7.05 -22.59 29.33
N VAL A 822 7.67 -23.77 29.22
CA VAL A 822 8.89 -24.04 29.97
C VAL A 822 9.99 -23.09 29.54
N CYS A 823 10.12 -22.85 28.22
CA CYS A 823 11.14 -21.95 27.72
C CYS A 823 10.87 -20.51 28.17
N SER A 824 9.60 -20.10 28.19
CA SER A 824 9.27 -18.76 28.67
C SER A 824 9.64 -18.60 30.14
N HIS A 825 9.34 -19.61 30.95
CA HIS A 825 9.71 -19.56 32.36
C HIS A 825 11.23 -19.48 32.51
N LEU A 826 11.96 -20.27 31.73
CA LEU A 826 13.42 -20.27 31.81
C LEU A 826 13.98 -18.92 31.39
N GLY A 827 13.41 -18.30 30.36
CA GLY A 827 13.84 -16.99 29.96
C GLY A 827 13.54 -15.91 30.99
N SER A 828 12.38 -16.03 31.65
CA SER A 828 11.97 -15.02 32.62
C SER A 828 12.95 -14.91 33.78
N CYS A 829 13.65 -16.00 34.10
CA CYS A 829 14.69 -15.98 35.10
C CYS A 829 16.09 -15.82 34.51
N ARG A 830 16.17 -15.52 33.21
CA ARG A 830 17.42 -15.23 32.52
C ARG A 830 18.43 -16.36 32.63
N LEU A 831 17.98 -17.61 32.64
CA LEU A 831 18.91 -18.72 32.49
C LEU A 831 19.34 -18.90 31.03
N LEU A 832 18.59 -18.32 30.10
CA LEU A 832 18.89 -18.36 28.68
C LEU A 832 18.78 -16.95 28.12
N LEU A 833 18.93 -16.84 26.80
CA LEU A 833 18.70 -15.59 26.08
C LEU A 833 17.82 -15.89 24.88
N VAL A 834 16.70 -15.17 24.76
CA VAL A 834 15.69 -15.48 23.76
C VAL A 834 14.80 -14.26 23.59
N GLU A 835 14.14 -14.17 22.43
CA GLU A 835 13.17 -13.13 22.14
C GLU A 835 11.89 -13.80 21.68
N PRO A 836 11.20 -14.52 22.57
CA PRO A 836 10.10 -15.39 22.13
C PRO A 836 8.77 -14.70 21.93
N SER A 837 8.72 -13.37 21.99
CA SER A 837 7.44 -12.68 21.97
C SER A 837 6.71 -12.87 20.64
N ARG A 838 7.44 -12.78 19.52
CA ARG A 838 6.81 -12.74 18.21
C ARG A 838 7.14 -13.96 17.35
N ASN A 839 8.42 -14.25 17.13
CA ASN A 839 8.82 -15.48 16.47
C ASN A 839 8.80 -16.62 17.48
N ASP A 840 8.29 -17.77 17.05
CA ASP A 840 8.04 -18.89 17.95
C ASP A 840 8.92 -20.11 17.65
N LEU A 841 8.89 -20.61 16.41
CA LEU A 841 9.57 -21.85 16.07
C LEU A 841 11.03 -21.63 15.68
N LEU A 842 11.47 -20.38 15.53
CA LEU A 842 12.80 -20.07 15.04
C LEU A 842 13.55 -19.19 16.04
N LEU A 843 13.59 -19.62 17.30
CA LEU A 843 14.17 -18.83 18.37
C LEU A 843 15.59 -19.28 18.65
N ARG A 844 16.54 -18.35 18.57
CA ARG A 844 17.92 -18.62 18.94
C ARG A 844 18.04 -18.64 20.46
N VAL A 845 18.66 -19.68 20.99
CA VAL A 845 18.78 -19.88 22.42
C VAL A 845 20.26 -19.95 22.78
N ARG A 846 20.67 -19.14 23.75
CA ARG A 846 22.06 -19.06 24.16
C ARG A 846 22.19 -19.34 25.66
N LEU A 847 23.24 -20.06 26.02
CA LEU A 847 23.55 -20.28 27.43
C LEU A 847 23.93 -18.96 28.09
N ASN A 848 23.34 -18.69 29.25
CA ASN A 848 23.68 -17.50 30.01
C ASN A 848 24.84 -17.73 30.96
N VAL A 849 25.30 -18.97 31.12
CA VAL A 849 26.42 -19.30 31.99
C VAL A 849 27.34 -20.25 31.23
N SER A 850 28.51 -20.51 31.83
CA SER A 850 29.47 -21.42 31.22
C SER A 850 28.94 -22.85 31.23
N GLN A 851 29.38 -23.62 30.24
CA GLN A 851 28.91 -24.99 30.11
C GLN A 851 29.42 -25.88 31.25
N ASP A 852 30.64 -25.60 31.73
CA ASP A 852 31.21 -26.40 32.81
C ASP A 852 30.37 -26.27 34.09
N ASP A 853 29.85 -25.07 34.37
CA ASP A 853 28.97 -24.89 35.52
C ASP A 853 27.70 -25.70 35.35
N VAL A 854 27.13 -25.73 34.14
CA VAL A 854 25.92 -26.51 33.91
C VAL A 854 26.20 -27.99 34.12
N LEU A 855 27.33 -28.48 33.61
CA LEU A 855 27.67 -29.88 33.81
C LEU A 855 27.91 -30.21 35.28
N TYR A 856 28.56 -29.30 36.00
CA TYR A 856 28.81 -29.51 37.43
C TYR A 856 27.51 -29.50 38.22
N ALA A 857 26.52 -28.73 37.77
CA ALA A 857 25.22 -28.75 38.43
C ALA A 857 24.44 -30.02 38.09
N LEU A 858 24.52 -30.47 36.84
CA LEU A 858 23.73 -31.61 36.39
C LEU A 858 24.33 -32.97 36.73
N LYS A 859 25.61 -33.03 37.09
CA LYS A 859 26.23 -34.32 37.37
C LYS A 859 25.66 -34.93 38.65
N ASP A 860 25.37 -34.11 39.65
CA ASP A 860 24.85 -34.59 40.93
C ASP A 860 23.43 -35.11 40.77
N GLN D 270 45.54 19.74 -16.57
CA GLN D 270 44.29 20.40 -16.88
C GLN D 270 44.52 21.85 -17.30
N THR D 271 45.29 22.59 -16.50
CA THR D 271 45.59 23.97 -16.81
C THR D 271 46.38 24.09 -18.10
N LEU D 272 47.33 23.17 -18.32
CA LEU D 272 48.12 23.18 -19.55
C LEU D 272 47.22 23.03 -20.78
N ARG D 273 46.26 22.12 -20.72
CA ARG D 273 45.32 21.96 -21.83
C ARG D 273 44.48 23.20 -22.04
N ASN D 274 44.01 23.82 -20.95
CA ASN D 274 43.18 25.02 -21.09
C ASN D 274 43.97 26.16 -21.72
N LEU D 275 45.24 26.31 -21.34
CA LEU D 275 46.05 27.38 -21.90
C LEU D 275 46.24 27.22 -23.41
N LEU D 276 46.48 25.99 -23.87
CA LEU D 276 46.76 25.73 -25.28
C LEU D 276 45.46 25.78 -26.07
N SER D 277 45.24 26.86 -26.80
CA SER D 277 44.05 27.00 -27.63
C SER D 277 44.37 27.64 -28.98
N LYS D 278 45.57 27.38 -29.51
CA LYS D 278 46.01 28.00 -30.76
C LYS D 278 45.52 27.26 -31.99
N VAL D 279 44.77 26.16 -31.84
CA VAL D 279 44.33 25.38 -32.98
C VAL D 279 43.34 26.19 -33.82
N SER D 280 43.23 25.80 -35.10
CA SER D 280 42.33 26.44 -36.04
C SER D 280 41.48 25.40 -36.75
N PRO D 281 40.17 25.64 -36.89
CA PRO D 281 39.32 24.69 -37.60
C PRO D 281 39.69 24.60 -39.08
N SER D 282 39.49 23.41 -39.64
CA SER D 282 39.86 23.17 -41.03
C SER D 282 38.95 23.94 -41.98
N PHE D 283 37.65 23.65 -41.93
CA PHE D 283 36.67 24.27 -42.84
C PHE D 283 36.11 25.51 -42.15
N SER D 284 36.72 26.67 -42.43
CA SER D 284 36.37 27.89 -41.71
C SER D 284 35.08 28.50 -42.24
N ALA D 285 35.08 28.92 -43.51
CA ALA D 285 33.89 29.54 -44.09
C ALA D 285 32.73 28.56 -44.20
N GLU D 286 33.03 27.28 -44.42
CA GLU D 286 32.00 26.26 -44.48
C GLU D 286 31.21 26.21 -43.18
N LEU D 287 31.90 26.30 -42.05
CA LEU D 287 31.23 26.37 -40.76
C LEU D 287 30.63 27.74 -40.50
N LYS D 288 31.26 28.80 -41.03
CA LYS D 288 30.78 30.15 -40.78
C LYS D 288 29.40 30.37 -41.40
N GLN D 289 29.18 29.87 -42.61
CA GLN D 289 27.92 30.15 -43.29
C GLN D 289 26.73 29.54 -42.56
N LEU D 290 26.91 28.38 -41.93
CA LEU D 290 25.82 27.76 -41.18
C LEU D 290 25.40 28.62 -40.01
N ASN D 291 26.34 29.37 -39.43
CA ASN D 291 26.00 30.26 -38.32
C ASN D 291 24.92 31.24 -38.73
N GLN D 292 25.11 31.92 -39.86
CA GLN D 292 24.08 32.84 -40.35
C GLN D 292 22.85 32.07 -40.82
N GLN D 293 23.05 30.89 -41.42
CA GLN D 293 21.93 30.08 -41.88
C GLN D 293 20.94 29.81 -40.76
N TYR D 294 21.44 29.54 -39.56
CA TYR D 294 20.56 29.30 -38.41
C TYR D 294 20.27 30.56 -37.61
N GLU D 295 21.09 31.60 -37.76
CA GLU D 295 20.77 32.89 -37.13
C GLU D 295 19.59 33.56 -37.81
N LYS D 296 19.30 33.16 -39.05
CA LYS D 296 18.14 33.71 -39.74
C LYS D 296 16.82 33.32 -39.07
N LEU D 297 16.85 32.37 -38.13
CA LEU D 297 15.65 31.87 -37.48
C LEU D 297 15.29 32.59 -36.19
N PHE D 298 15.97 33.68 -35.85
CA PHE D 298 15.70 34.34 -34.56
C PHE D 298 14.30 34.95 -34.51
N HIS D 299 13.89 35.60 -35.59
CA HIS D 299 12.56 36.19 -35.63
C HIS D 299 11.49 35.11 -35.54
N LYS D 300 11.69 33.98 -36.21
CA LYS D 300 10.76 32.86 -36.08
C LYS D 300 10.76 32.32 -34.65
N TRP D 301 11.94 32.28 -34.02
CA TRP D 301 12.03 31.85 -32.63
C TRP D 301 11.12 32.69 -31.74
N MET D 302 11.24 34.01 -31.85
CA MET D 302 10.42 34.89 -31.03
C MET D 302 8.94 34.79 -31.39
N LEU D 303 8.65 34.70 -32.69
CA LEU D 303 7.28 34.51 -33.15
C LEU D 303 6.63 33.31 -32.48
N GLN D 304 7.31 32.17 -32.49
CA GLN D 304 6.80 30.98 -31.82
C GLN D 304 6.71 31.20 -30.31
N LEU D 305 7.76 31.76 -29.72
CA LEU D 305 7.87 31.80 -28.26
C LEU D 305 6.82 32.68 -27.62
N HIS D 306 6.44 33.78 -28.27
CA HIS D 306 5.50 34.69 -27.64
C HIS D 306 4.10 34.10 -27.53
N LEU D 307 3.77 33.14 -28.39
CA LEU D 307 2.38 32.70 -28.54
C LEU D 307 2.05 31.46 -27.71
N GLY D 308 2.92 31.05 -26.79
CA GLY D 308 2.58 29.94 -25.92
C GLY D 308 3.34 28.65 -26.19
N PHE D 309 4.62 28.77 -26.56
CA PHE D 309 5.47 27.62 -26.78
C PHE D 309 6.83 27.88 -26.14
N ASN D 310 7.70 26.87 -26.21
CA ASN D 310 9.06 26.99 -25.71
C ASN D 310 9.97 26.18 -26.62
N ILE D 311 11.23 26.55 -26.68
CA ILE D 311 12.12 26.10 -27.75
C ILE D 311 13.32 25.37 -27.16
N VAL D 312 13.68 24.25 -27.80
CA VAL D 312 14.76 23.37 -27.35
C VAL D 312 15.74 23.15 -28.50
N LEU D 313 17.03 23.08 -28.18
CA LEU D 313 18.09 22.90 -29.17
C LEU D 313 18.77 21.55 -28.95
N TYR D 314 18.84 20.75 -30.01
CA TYR D 314 19.48 19.43 -29.98
C TYR D 314 20.41 19.32 -31.18
N GLY D 315 21.70 19.19 -30.92
CA GLY D 315 22.67 19.10 -31.99
C GLY D 315 24.02 18.70 -31.44
N LEU D 316 24.94 18.40 -32.37
CA LEU D 316 26.26 17.94 -31.97
C LEU D 316 27.08 19.07 -31.35
N GLY D 317 27.31 20.13 -32.11
CA GLY D 317 28.11 21.24 -31.60
C GLY D 317 27.41 22.02 -30.52
N SER D 318 28.21 22.71 -29.72
CA SER D 318 27.68 23.50 -28.62
C SER D 318 26.88 24.68 -29.16
N LYS D 319 25.75 24.96 -28.52
CA LYS D 319 24.90 26.07 -28.91
C LYS D 319 25.17 27.34 -28.11
N ARG D 320 26.17 27.33 -27.22
CA ARG D 320 26.43 28.50 -26.39
C ARG D 320 26.80 29.71 -27.23
N ASP D 321 27.55 29.50 -28.32
CA ASP D 321 27.82 30.59 -29.25
C ASP D 321 26.53 31.14 -29.83
N LEU D 322 25.63 30.25 -30.26
CA LEU D 322 24.36 30.69 -30.81
C LEU D 322 23.51 31.39 -29.75
N LEU D 323 23.52 30.87 -28.52
CA LEU D 323 22.79 31.53 -27.44
C LEU D 323 23.34 32.92 -27.16
N GLU D 324 24.67 33.07 -27.19
CA GLU D 324 25.27 34.37 -26.95
C GLU D 324 24.90 35.35 -28.06
N ARG D 325 24.96 34.90 -29.31
CA ARG D 325 24.56 35.77 -30.41
C ARG D 325 23.08 36.14 -30.32
N PHE D 326 22.25 35.18 -29.89
CA PHE D 326 20.82 35.44 -29.76
C PHE D 326 20.54 36.46 -28.67
N ARG D 327 21.22 36.33 -27.52
CA ARG D 327 20.99 37.28 -26.44
C ARG D 327 21.52 38.67 -26.80
N THR D 328 22.64 38.73 -27.52
CA THR D 328 23.16 40.04 -27.94
C THR D 328 22.23 40.70 -28.96
N THR D 329 21.79 39.94 -29.96
CA THR D 329 20.98 40.52 -31.02
C THR D 329 19.55 40.81 -30.58
N MET D 330 18.95 39.92 -29.79
CA MET D 330 17.53 40.03 -29.46
C MET D 330 17.28 40.38 -28.00
N LEU D 331 18.00 39.76 -27.07
CA LEU D 331 17.72 39.93 -25.64
C LEU D 331 18.46 41.16 -25.13
N GLN D 332 17.96 42.32 -25.53
CA GLN D 332 18.45 43.60 -25.01
C GLN D 332 17.37 44.37 -24.28
N ASP D 333 16.23 44.61 -24.91
CA ASP D 333 15.12 45.35 -24.30
C ASP D 333 14.10 44.39 -23.69
N SER D 334 14.57 43.56 -22.76
CA SER D 334 13.70 42.62 -22.07
C SER D 334 14.36 42.20 -20.76
N ILE D 335 13.55 41.64 -19.88
CA ILE D 335 14.01 41.11 -18.59
C ILE D 335 14.35 39.64 -18.79
N HIS D 336 15.63 39.32 -18.70
CA HIS D 336 16.11 37.96 -18.96
C HIS D 336 17.03 37.50 -17.84
N VAL D 337 16.96 36.21 -17.54
CA VAL D 337 17.81 35.59 -16.53
C VAL D 337 18.39 34.30 -17.11
N VAL D 338 19.68 34.09 -16.90
CA VAL D 338 20.44 33.00 -17.51
C VAL D 338 20.84 32.01 -16.43
N ILE D 339 20.67 30.73 -16.72
CA ILE D 339 21.07 29.64 -15.82
C ILE D 339 22.24 28.91 -16.47
N ASN D 340 23.37 28.88 -15.79
CA ASN D 340 24.56 28.18 -16.27
C ASN D 340 24.61 26.76 -15.74
N GLY D 341 23.58 25.99 -16.09
CA GLY D 341 23.38 24.64 -15.58
C GLY D 341 24.59 23.73 -15.62
N PHE D 342 25.56 24.07 -16.46
CA PHE D 342 26.80 23.30 -16.53
C PHE D 342 27.69 23.51 -15.32
N PHE D 343 27.38 24.46 -14.45
CA PHE D 343 28.18 24.68 -13.25
C PHE D 343 27.97 23.52 -12.27
N PRO D 344 29.04 22.94 -11.71
CA PRO D 344 28.88 21.77 -10.84
C PRO D 344 28.25 22.07 -9.49
N GLY D 345 27.76 23.28 -9.25
CA GLY D 345 27.21 23.61 -7.95
C GLY D 345 25.86 24.29 -7.96
N ILE D 346 25.04 24.02 -8.97
CA ILE D 346 23.74 24.67 -9.06
C ILE D 346 22.63 23.70 -8.64
N SER D 347 21.62 24.26 -7.98
CA SER D 347 20.41 23.53 -7.62
C SER D 347 19.23 24.47 -7.74
N VAL D 348 18.03 23.89 -7.80
CA VAL D 348 16.82 24.69 -8.06
C VAL D 348 16.58 25.70 -6.96
N LYS D 349 17.08 25.44 -5.74
CA LYS D 349 16.93 26.42 -4.67
C LYS D 349 17.64 27.72 -5.03
N SER D 350 18.81 27.63 -5.65
CA SER D 350 19.55 28.84 -6.01
C SER D 350 18.80 29.66 -7.05
N VAL D 351 18.23 29.02 -8.07
CA VAL D 351 17.51 29.77 -9.09
C VAL D 351 16.22 30.35 -8.50
N LEU D 352 15.57 29.62 -7.59
CA LEU D 352 14.40 30.18 -6.91
C LEU D 352 14.78 31.40 -6.09
N ASN D 353 15.93 31.35 -5.40
CA ASN D 353 16.41 32.50 -4.65
C ASN D 353 16.67 33.67 -5.57
N SER D 354 17.30 33.42 -6.72
CA SER D 354 17.58 34.49 -7.67
C SER D 354 16.28 35.11 -8.20
N ILE D 355 15.28 34.27 -8.46
CA ILE D 355 14.01 34.77 -8.98
C ILE D 355 13.31 35.64 -7.95
N THR D 356 13.19 35.13 -6.71
CA THR D 356 12.39 35.83 -5.72
C THR D 356 13.11 37.05 -5.14
N GLU D 357 14.41 36.93 -4.87
CA GLU D 357 15.13 37.97 -4.14
C GLU D 357 15.55 39.12 -5.04
N GLU D 358 16.06 38.82 -6.23
CA GLU D 358 16.68 39.82 -7.08
C GLU D 358 15.85 40.18 -8.30
N VAL D 359 15.36 39.18 -9.05
CA VAL D 359 14.46 39.46 -10.17
C VAL D 359 13.18 40.09 -9.65
N LEU D 360 12.60 39.50 -8.60
CA LEU D 360 11.48 40.08 -7.90
C LEU D 360 11.98 40.89 -6.72
N ASP D 361 11.25 41.96 -6.40
CA ASP D 361 11.65 42.85 -5.32
C ASP D 361 11.25 42.34 -3.94
N HIS D 362 10.81 41.08 -3.84
CA HIS D 362 10.49 40.51 -2.55
C HIS D 362 11.75 40.34 -1.71
N MET D 363 11.62 40.49 -0.40
CA MET D 363 12.76 40.41 0.49
C MET D 363 12.45 39.55 1.72
N ILE D 369 11.10 24.54 -0.68
CA ILE D 369 11.09 25.28 -1.94
C ILE D 369 9.71 25.21 -2.58
N LEU D 370 8.90 24.24 -2.14
CA LEU D 370 7.55 24.12 -2.67
C LEU D 370 6.71 25.35 -2.33
N ASP D 371 6.85 25.85 -1.10
CA ASP D 371 6.15 27.07 -0.73
C ASP D 371 6.61 28.26 -1.58
N GLN D 372 7.92 28.34 -1.84
CA GLN D 372 8.43 29.39 -2.72
C GLN D 372 7.86 29.28 -4.12
N LEU D 373 7.78 28.06 -4.65
CA LEU D 373 7.21 27.85 -5.97
C LEU D 373 5.74 28.27 -6.01
N ASP D 374 4.98 27.91 -4.98
CA ASP D 374 3.59 28.33 -4.90
C ASP D 374 3.49 29.85 -4.85
N TRP D 375 4.36 30.50 -4.08
CA TRP D 375 4.32 31.96 -3.97
C TRP D 375 4.63 32.61 -5.30
N ILE D 376 5.62 32.09 -6.04
CA ILE D 376 5.97 32.67 -7.32
C ILE D 376 4.85 32.48 -8.34
N VAL D 377 4.25 31.28 -8.35
CA VAL D 377 3.13 31.02 -9.25
C VAL D 377 1.98 31.98 -8.93
N ASN D 378 1.68 32.17 -7.65
CA ASN D 378 0.62 33.09 -7.26
C ASN D 378 0.95 34.51 -7.66
N LYS D 379 2.21 34.92 -7.51
CA LYS D 379 2.62 36.28 -7.87
C LYS D 379 2.42 36.53 -9.36
N PHE D 380 2.92 35.63 -10.21
CA PHE D 380 2.74 35.84 -11.64
C PHE D 380 1.30 35.65 -12.07
N LYS D 381 0.50 34.92 -11.30
CA LYS D 381 -0.94 34.89 -11.58
C LYS D 381 -1.60 36.22 -11.23
N GLU D 382 -1.10 36.89 -10.19
CA GLU D 382 -1.66 38.18 -9.79
C GLU D 382 -1.45 39.23 -10.87
N ASP D 383 -0.26 39.29 -11.45
CA ASP D 383 0.12 40.37 -12.35
C ASP D 383 0.59 39.80 -13.68
N SER D 384 0.00 40.29 -14.76
CA SER D 384 0.42 39.94 -16.11
C SER D 384 1.36 40.96 -16.73
N SER D 385 1.74 42.00 -15.97
CA SER D 385 2.61 43.04 -16.50
C SER D 385 4.08 42.69 -16.43
N LEU D 386 4.43 41.57 -15.79
CA LEU D 386 5.82 41.14 -15.67
C LEU D 386 6.13 40.10 -16.74
N GLU D 387 7.24 40.30 -17.45
CA GLU D 387 7.69 39.38 -18.48
C GLU D 387 9.14 39.03 -18.24
N LEU D 388 9.45 37.73 -18.23
CA LEU D 388 10.80 37.25 -17.99
C LEU D 388 11.19 36.26 -19.08
N PHE D 389 12.43 36.37 -19.55
CA PHE D 389 13.00 35.42 -20.50
C PHE D 389 13.97 34.52 -19.76
N LEU D 390 13.59 33.25 -19.61
CA LEU D 390 14.42 32.27 -18.91
C LEU D 390 15.31 31.56 -19.92
N LEU D 391 16.61 31.78 -19.82
CA LEU D 391 17.60 31.13 -20.67
C LEU D 391 18.24 29.99 -19.89
N ILE D 392 18.24 28.80 -20.46
CA ILE D 392 18.82 27.62 -19.82
C ILE D 392 19.88 27.08 -20.76
N HIS D 393 21.15 27.28 -20.40
CA HIS D 393 22.24 26.78 -21.23
C HIS D 393 22.23 25.25 -21.28
N ASN D 394 22.03 24.61 -20.13
CA ASN D 394 21.98 23.16 -20.07
C ASN D 394 20.82 22.75 -19.17
N LEU D 395 19.92 21.93 -19.71
CA LEU D 395 18.79 21.41 -18.96
C LEU D 395 18.96 19.97 -18.52
N ASP D 396 19.88 19.23 -19.14
CA ASP D 396 20.08 17.81 -18.86
C ASP D 396 21.32 17.54 -18.01
N SER D 397 21.83 18.54 -17.31
CA SER D 397 23.02 18.34 -16.48
C SER D 397 22.68 17.44 -15.29
N GLN D 398 23.72 16.91 -14.66
CA GLN D 398 23.54 15.97 -13.56
C GLN D 398 22.79 16.58 -12.39
N MET D 399 22.88 17.90 -12.24
CA MET D 399 22.24 18.58 -11.12
C MET D 399 20.75 18.84 -11.33
N LEU D 400 20.26 18.67 -12.56
CA LEU D 400 18.85 18.95 -12.86
C LEU D 400 18.15 17.75 -13.50
N ARG D 401 18.68 16.54 -13.30
CA ARG D 401 18.04 15.35 -13.86
C ARG D 401 16.95 14.79 -12.96
N GLY D 402 16.75 15.35 -11.76
CA GLY D 402 15.70 14.86 -10.90
C GLY D 402 14.33 15.16 -11.47
N GLU D 403 13.39 14.23 -11.24
CA GLU D 403 12.04 14.41 -11.77
C GLU D 403 11.28 15.51 -11.03
N LYS D 404 11.51 15.65 -9.73
CA LYS D 404 10.83 16.70 -8.97
C LYS D 404 11.30 18.09 -9.40
N SER D 405 12.60 18.25 -9.67
CA SER D 405 13.10 19.52 -10.18
C SER D 405 12.47 19.84 -11.53
N GLN D 406 12.36 18.84 -12.40
CA GLN D 406 11.70 19.05 -13.69
C GLN D 406 10.23 19.40 -13.51
N GLN D 407 9.56 18.81 -12.52
CA GLN D 407 8.19 19.19 -12.21
C GLN D 407 8.11 20.65 -11.81
N ILE D 408 9.04 21.09 -10.96
CA ILE D 408 9.07 22.49 -10.54
C ILE D 408 9.26 23.41 -11.75
N ILE D 409 10.23 23.08 -12.61
CA ILE D 409 10.51 23.94 -13.75
C ILE D 409 9.33 23.93 -14.73
N GLY D 410 8.66 22.79 -14.87
CA GLY D 410 7.50 22.73 -15.73
C GLY D 410 6.34 23.57 -15.22
N GLN D 411 6.09 23.52 -13.92
CA GLN D 411 5.06 24.39 -13.34
C GLN D 411 5.44 25.86 -13.49
N LEU D 412 6.73 26.17 -13.42
CA LEU D 412 7.17 27.54 -13.64
C LEU D 412 6.91 27.98 -15.07
N SER D 413 7.34 27.18 -16.05
CA SER D 413 7.26 27.58 -17.45
C SER D 413 5.88 27.35 -18.04
N SER D 414 5.01 26.61 -17.33
CA SER D 414 3.64 26.45 -17.81
C SER D 414 2.90 27.78 -17.86
N LEU D 415 3.33 28.76 -17.06
CA LEU D 415 2.69 30.07 -17.05
C LEU D 415 2.93 30.79 -18.37
N HIS D 416 2.00 31.68 -18.72
CA HIS D 416 2.07 32.41 -19.97
C HIS D 416 2.98 33.63 -19.90
N ASN D 417 3.56 33.92 -18.73
CA ASN D 417 4.43 35.08 -18.56
C ASN D 417 5.90 34.69 -18.37
N ILE D 418 6.26 33.46 -18.72
CA ILE D 418 7.64 33.00 -18.64
C ILE D 418 7.98 32.29 -19.94
N TYR D 419 9.16 32.57 -20.49
CA TYR D 419 9.57 32.09 -21.80
C TYR D 419 10.80 31.23 -21.64
N LEU D 420 10.84 30.10 -22.35
CA LEU D 420 11.88 29.10 -22.12
C LEU D 420 12.62 28.77 -23.42
N ILE D 421 13.94 28.99 -23.39
CA ILE D 421 14.88 28.50 -24.38
C ILE D 421 15.84 27.54 -23.67
N ALA D 422 15.96 26.33 -24.19
CA ALA D 422 16.73 25.29 -23.53
C ALA D 422 17.51 24.49 -24.57
N SER D 423 18.41 23.63 -24.10
CA SER D 423 19.18 22.78 -24.99
C SER D 423 19.47 21.47 -24.28
N ILE D 424 19.55 20.40 -25.06
CA ILE D 424 19.88 19.08 -24.53
C ILE D 424 21.02 18.50 -25.35
N ASP D 425 21.88 17.75 -24.68
CA ASP D 425 23.03 17.11 -25.31
C ASP D 425 23.18 15.63 -25.00
N HIS D 426 22.57 15.12 -23.93
CA HIS D 426 22.69 13.71 -23.59
C HIS D 426 21.96 12.85 -24.60
N LEU D 427 22.56 11.69 -24.90
CA LEU D 427 21.91 10.74 -25.80
C LEU D 427 20.62 10.21 -25.19
N ASN D 428 20.62 9.95 -23.88
CA ASN D 428 19.45 9.44 -23.18
C ASN D 428 18.70 10.55 -22.44
N ALA D 429 18.76 11.78 -22.94
CA ALA D 429 18.07 12.91 -22.31
C ALA D 429 16.55 12.76 -22.24
N PRO D 430 15.84 12.45 -23.33
CA PRO D 430 14.36 12.56 -23.29
C PRO D 430 13.71 11.65 -22.27
N LEU D 431 14.42 10.64 -21.76
CA LEU D 431 13.87 9.77 -20.73
C LEU D 431 13.53 10.54 -19.45
N MET D 432 14.10 11.73 -19.25
CA MET D 432 13.96 12.40 -17.96
C MET D 432 12.51 12.77 -17.67
N TRP D 433 11.76 13.22 -18.68
CA TRP D 433 10.38 13.61 -18.46
C TRP D 433 9.42 12.64 -19.14
N ASP D 434 8.19 12.58 -18.62
CA ASP D 434 7.14 11.69 -19.06
C ASP D 434 6.07 12.47 -19.84
N HIS D 435 4.97 11.79 -20.16
CA HIS D 435 3.93 12.39 -20.98
C HIS D 435 3.30 13.59 -20.29
N ALA D 436 3.12 13.54 -18.97
CA ALA D 436 2.57 14.68 -18.26
C ALA D 436 3.55 15.84 -18.24
N LYS D 437 4.82 15.57 -17.94
CA LYS D 437 5.82 16.62 -17.90
C LYS D 437 6.03 17.24 -19.28
N GLN D 438 6.10 16.41 -20.33
CA GLN D 438 6.18 16.95 -21.67
C GLN D 438 4.87 17.59 -22.11
N SER D 439 3.77 17.28 -21.43
CA SER D 439 2.52 18.00 -21.68
C SER D 439 2.56 19.39 -21.04
N LEU D 440 3.32 19.54 -19.96
CA LEU D 440 3.50 20.87 -19.37
C LEU D 440 4.28 21.78 -20.32
N PHE D 441 5.45 21.34 -20.77
CA PHE D 441 6.25 22.12 -21.71
C PHE D 441 5.61 22.04 -23.10
N ASN D 442 5.22 23.19 -23.64
CA ASN D 442 4.79 23.25 -25.04
C ASN D 442 6.06 23.27 -25.90
N TRP D 443 6.67 22.09 -26.01
CA TRP D 443 7.96 21.98 -26.66
C TRP D 443 7.88 22.23 -28.16
N LEU D 444 8.92 22.85 -28.70
CA LEU D 444 9.13 22.93 -30.14
C LEU D 444 10.61 22.66 -30.41
N TRP D 445 10.88 21.81 -31.39
CA TRP D 445 12.23 21.33 -31.64
C TRP D 445 12.87 22.11 -32.80
N TYR D 446 14.19 22.06 -32.84
CA TYR D 446 14.96 22.80 -33.83
C TYR D 446 16.28 22.08 -34.08
N GLU D 447 16.39 21.43 -35.24
CA GLU D 447 17.63 20.75 -35.58
C GLU D 447 18.70 21.79 -35.90
N THR D 448 19.68 21.91 -35.01
CA THR D 448 20.78 22.85 -35.18
C THR D 448 22.10 22.09 -34.96
N THR D 449 22.63 21.54 -36.04
CA THR D 449 23.77 20.64 -35.99
C THR D 449 25.08 21.37 -36.31
N THR D 450 25.45 22.29 -35.43
CA THR D 450 26.75 22.93 -35.56
C THR D 450 27.85 21.95 -35.16
N TYR D 451 29.09 22.34 -35.44
CA TYR D 451 30.26 21.58 -35.03
C TYR D 451 31.12 22.35 -34.03
N SER D 452 30.53 23.28 -33.29
CA SER D 452 31.30 24.07 -32.33
C SER D 452 31.86 23.16 -31.25
N PRO D 453 33.10 23.37 -30.81
CA PRO D 453 33.65 22.55 -29.73
C PRO D 453 33.06 22.94 -28.38
N TYR D 454 33.08 21.97 -27.46
CA TYR D 454 32.59 22.20 -26.10
C TYR D 454 33.72 22.68 -25.18
N THR D 455 34.43 23.73 -25.61
CA THR D 455 35.60 24.19 -24.86
C THR D 455 35.23 24.69 -23.48
N GLU D 456 34.21 25.55 -23.40
CA GLU D 456 33.78 26.06 -22.10
C GLU D 456 33.08 25.00 -21.29
N GLU D 457 32.24 24.18 -21.94
CA GLU D 457 31.44 23.20 -21.22
C GLU D 457 32.30 22.08 -20.62
N THR D 458 33.33 21.63 -21.35
CA THR D 458 34.19 20.57 -20.86
C THR D 458 35.04 21.08 -19.71
N SER D 459 34.89 20.47 -18.53
CA SER D 459 35.67 20.83 -17.36
C SER D 459 36.95 20.01 -17.22
N TYR D 460 37.14 19.00 -18.07
CA TYR D 460 38.34 18.15 -18.04
C TYR D 460 38.55 17.52 -16.66
N THR E 3 31.84 37.57 -19.07
CA THR E 3 30.80 38.14 -18.22
C THR E 3 29.97 37.05 -17.57
N SER E 4 29.60 36.04 -18.36
CA SER E 4 28.77 34.94 -17.88
C SER E 4 29.60 33.78 -17.33
N SER E 5 30.92 33.90 -17.28
CA SER E 5 31.80 32.83 -16.81
C SER E 5 32.52 33.31 -15.56
N MET E 6 32.32 32.58 -14.46
CA MET E 6 32.98 32.86 -13.19
C MET E 6 32.70 31.67 -12.26
N SER E 7 33.19 31.77 -11.03
CA SER E 7 32.97 30.73 -10.03
C SER E 7 31.66 30.96 -9.28
N LYS E 8 30.60 31.13 -10.05
CA LYS E 8 29.24 31.20 -9.53
C LYS E 8 28.29 30.86 -10.67
N GLY E 9 27.16 30.25 -10.33
CA GLY E 9 26.26 29.67 -11.32
C GLY E 9 25.03 30.47 -11.66
N CYS E 10 24.93 31.74 -11.26
CA CYS E 10 23.74 32.53 -11.56
C CYS E 10 24.17 33.98 -11.79
N PHE E 11 24.32 34.35 -13.05
CA PHE E 11 24.63 35.73 -13.42
C PHE E 11 23.45 36.28 -14.21
N VAL E 12 23.01 37.49 -13.87
CA VAL E 12 21.84 38.12 -14.46
C VAL E 12 22.27 39.40 -15.15
N PHE E 13 21.87 39.54 -16.41
CA PHE E 13 22.13 40.77 -17.15
C PHE E 13 20.88 41.64 -17.20
N PRO E 25 7.80 46.30 -29.54
CA PRO E 25 6.47 45.70 -29.58
C PRO E 25 6.51 44.22 -29.97
N ILE E 26 5.40 43.52 -29.74
CA ILE E 26 5.34 42.10 -30.06
C ILE E 26 5.33 41.88 -31.57
N GLU E 27 4.54 42.69 -32.29
CA GLU E 27 4.44 42.51 -33.74
C GLU E 27 5.74 42.84 -34.44
N ASP E 28 6.57 43.71 -33.85
CA ASP E 28 7.89 43.98 -34.41
C ASP E 28 8.72 42.71 -34.46
N TYR E 29 8.67 41.91 -33.40
CA TYR E 29 9.26 40.57 -33.43
C TYR E 29 8.51 39.68 -34.42
N PHE E 30 7.18 39.78 -34.45
CA PHE E 30 6.37 38.87 -35.25
C PHE E 30 6.69 39.01 -36.74
N ASN E 31 6.79 40.25 -37.22
CA ASN E 31 7.02 40.50 -38.64
C ASN E 31 8.43 40.98 -38.88
N LYS E 32 9.16 40.26 -39.74
CA LYS E 32 10.53 40.65 -40.10
C LYS E 32 10.69 40.99 -41.58
N GLY E 33 9.82 40.51 -42.47
CA GLY E 33 9.95 40.81 -43.87
C GLY E 33 9.36 42.16 -44.24
N LYS E 34 9.93 42.77 -45.28
CA LYS E 34 9.49 44.07 -45.76
C LYS E 34 8.36 43.96 -46.76
N ASN E 35 7.68 42.81 -46.82
CA ASN E 35 6.68 42.59 -47.87
C ASN E 35 5.44 43.43 -47.62
N GLU E 36 4.74 43.18 -46.49
CA GLU E 36 3.61 43.97 -46.01
C GLU E 36 3.49 43.93 -44.49
N PRO E 37 3.63 45.06 -43.79
CA PRO E 37 3.39 45.06 -42.34
C PRO E 37 1.92 45.09 -41.96
N GLU E 38 1.11 45.83 -42.72
CA GLU E 38 -0.29 46.03 -42.36
C GLU E 38 -1.10 44.75 -42.55
N ASP E 39 -0.92 44.08 -43.70
CA ASP E 39 -1.57 42.80 -43.88
C ASP E 39 -1.06 41.79 -42.87
N SER E 40 0.20 41.90 -42.46
CA SER E 40 0.74 41.02 -41.43
C SER E 40 0.01 41.22 -40.10
N LYS E 41 -0.21 42.48 -39.72
CA LYS E 41 -0.88 42.74 -38.44
C LYS E 41 -2.38 42.47 -38.50
N LEU E 42 -2.97 42.46 -39.70
CA LEU E 42 -4.34 41.97 -39.82
C LEU E 42 -4.39 40.45 -39.71
N ARG E 43 -3.43 39.77 -40.34
CA ARG E 43 -3.34 38.32 -40.23
C ARG E 43 -3.18 37.88 -38.79
N PHE E 44 -2.33 38.57 -38.04
CA PHE E 44 -2.10 38.19 -36.65
C PHE E 44 -3.35 38.33 -35.80
N GLU E 45 -4.09 39.43 -35.98
CA GLU E 45 -5.33 39.61 -35.21
C GLU E 45 -6.38 38.57 -35.58
N THR E 46 -6.53 38.27 -36.87
CA THR E 46 -7.48 37.24 -37.28
C THR E 46 -7.10 35.89 -36.69
N TYR E 47 -5.81 35.57 -36.71
CA TYR E 47 -5.31 34.32 -36.15
C TYR E 47 -5.60 34.23 -34.65
N GLN E 48 -5.37 35.33 -33.95
CA GLN E 48 -5.63 35.36 -32.51
C GLN E 48 -7.12 35.16 -32.21
N LEU E 49 -7.99 35.81 -32.98
CA LEU E 49 -9.43 35.64 -32.78
C LEU E 49 -9.85 34.19 -33.02
N ILE E 50 -9.34 33.59 -34.10
CA ILE E 50 -9.71 32.22 -34.43
C ILE E 50 -9.26 31.27 -33.32
N TRP E 51 -8.03 31.46 -32.83
CA TRP E 51 -7.55 30.56 -31.78
C TRP E 51 -8.31 30.77 -30.47
N GLN E 52 -8.71 32.00 -30.17
CA GLN E 52 -9.54 32.23 -28.99
C GLN E 52 -10.86 31.48 -29.10
N GLN E 53 -11.49 31.52 -30.29
CA GLN E 53 -12.73 30.76 -30.48
C GLN E 53 -12.48 29.26 -30.31
N MET E 54 -11.38 28.75 -30.85
CA MET E 54 -11.04 27.34 -30.69
C MET E 54 -10.93 26.97 -29.22
N LYS E 55 -10.18 27.75 -28.45
CA LYS E 55 -9.97 27.42 -27.04
C LYS E 55 -11.28 27.50 -26.27
N SER E 56 -12.12 28.48 -26.58
CA SER E 56 -13.41 28.59 -25.89
C SER E 56 -14.27 27.36 -26.13
N GLU E 57 -14.33 26.90 -27.39
CA GLU E 57 -15.17 25.73 -27.68
C GLU E 57 -14.58 24.47 -27.07
N ASN E 58 -13.26 24.35 -27.04
CA ASN E 58 -12.64 23.21 -26.38
C ASN E 58 -12.97 23.18 -24.88
N GLU E 59 -12.92 24.35 -24.25
CA GLU E 59 -13.29 24.44 -22.84
C GLU E 59 -14.75 24.05 -22.62
N ARG E 60 -15.63 24.48 -23.52
CA ARG E 60 -17.03 24.07 -23.43
C ARG E 60 -17.16 22.55 -23.47
N LEU E 61 -16.44 21.91 -24.40
CA LEU E 61 -16.49 20.46 -24.50
C LEU E 61 -16.04 19.79 -23.21
N GLN E 62 -14.91 20.25 -22.66
CA GLN E 62 -14.39 19.65 -21.43
C GLN E 62 -15.35 19.82 -20.26
N GLU E 63 -15.95 21.01 -20.14
CA GLU E 63 -16.93 21.24 -19.08
C GLU E 63 -18.11 20.30 -19.21
N GLU E 64 -18.62 20.12 -20.43
CA GLU E 64 -19.75 19.21 -20.63
C GLU E 64 -19.38 17.79 -20.22
N LEU E 65 -18.19 17.33 -20.60
CA LEU E 65 -17.78 15.98 -20.25
C LEU E 65 -17.67 15.78 -18.74
N ASN E 66 -17.07 16.75 -18.05
CA ASN E 66 -16.91 16.62 -16.60
C ASN E 66 -18.26 16.66 -15.89
N LYS E 67 -19.19 17.52 -16.36
CA LYS E 67 -20.53 17.52 -15.79
C LYS E 67 -21.22 16.18 -16.01
N ASN E 68 -21.02 15.57 -17.19
CA ASN E 68 -21.59 14.26 -17.46
C ASN E 68 -21.09 13.23 -16.47
N LEU E 69 -19.79 13.24 -16.17
CA LEU E 69 -19.25 12.29 -15.19
C LEU E 69 -19.82 12.54 -13.80
N PHE E 70 -19.88 13.81 -13.38
CA PHE E 70 -20.33 14.11 -12.03
C PHE E 70 -21.81 13.80 -11.84
N ASP E 71 -22.61 13.85 -12.90
CA ASP E 71 -23.99 13.41 -12.79
C ASP E 71 -24.08 11.96 -12.35
N ASN E 72 -23.29 11.09 -12.99
CA ASN E 72 -23.27 9.67 -12.62
C ASN E 72 -22.78 9.48 -11.20
N LEU E 73 -21.74 10.23 -10.80
CA LEU E 73 -21.26 10.09 -9.43
C LEU E 73 -22.32 10.52 -8.40
N ILE E 74 -23.05 11.60 -8.70
CA ILE E 74 -24.11 12.05 -7.81
C ILE E 74 -25.20 10.99 -7.70
N GLU E 75 -25.60 10.40 -8.82
CA GLU E 75 -26.62 9.36 -8.78
C GLU E 75 -26.14 8.14 -7.98
N PHE E 76 -24.86 7.80 -8.12
CA PHE E 76 -24.31 6.70 -7.32
C PHE E 76 -24.41 7.01 -5.83
N LEU E 77 -24.06 8.24 -5.44
CA LEU E 77 -24.14 8.60 -4.03
C LEU E 77 -25.59 8.58 -3.53
N GLN E 78 -26.53 9.02 -4.36
CA GLN E 78 -27.94 8.94 -4.00
C GLN E 78 -28.35 7.49 -3.72
N LYS E 79 -28.03 6.59 -4.65
CA LYS E 79 -28.40 5.19 -4.46
C LYS E 79 -27.69 4.58 -3.26
N SER E 80 -26.46 5.03 -2.98
CA SER E 80 -25.72 4.50 -1.84
C SER E 80 -26.35 4.93 -0.53
N HIS E 81 -26.67 6.21 -0.39
CA HIS E 81 -27.29 6.68 0.84
C HIS E 81 -28.74 6.24 0.95
N SER E 82 -29.33 5.74 -0.14
CA SER E 82 -30.65 5.12 -0.04
C SER E 82 -30.66 3.99 1.00
N GLY E 83 -29.53 3.28 1.12
CA GLY E 83 -29.46 2.22 2.12
C GLY E 83 -29.49 2.74 3.55
N PHE E 84 -28.82 3.87 3.80
CA PHE E 84 -28.78 4.41 5.15
C PHE E 84 -30.16 4.85 5.62
N GLN E 85 -31.05 5.21 4.70
CA GLN E 85 -32.40 5.65 5.04
C GLN E 85 -33.18 4.56 5.76
N GLN E 94 -28.97 -5.50 14.67
CA GLN E 94 -29.96 -4.98 13.73
C GLN E 94 -29.27 -4.28 12.56
N ILE E 95 -27.94 -4.23 12.60
CA ILE E 95 -27.17 -3.59 11.54
C ILE E 95 -27.33 -4.35 10.22
N LYS E 96 -27.31 -5.68 10.29
CA LYS E 96 -27.48 -6.55 9.13
C LYS E 96 -26.41 -6.28 8.06
N LEU E 97 -25.17 -6.08 8.51
CA LEU E 97 -23.98 -6.08 7.65
C LEU E 97 -24.09 -5.03 6.54
N ARG E 98 -24.11 -3.77 6.96
CA ARG E 98 -24.05 -2.64 6.05
C ARG E 98 -22.62 -2.15 5.92
N GLU E 99 -22.21 -1.84 4.69
CA GLU E 99 -20.82 -1.54 4.38
C GLU E 99 -20.60 -0.03 4.25
N ILE E 100 -19.36 0.34 3.94
CA ILE E 100 -18.97 1.74 3.77
C ILE E 100 -19.00 2.09 2.29
N PRO E 101 -19.81 3.07 1.88
CA PRO E 101 -19.86 3.44 0.45
C PRO E 101 -18.61 4.21 0.03
N THR E 102 -17.91 3.66 -0.95
CA THR E 102 -16.74 4.31 -1.55
C THR E 102 -16.89 4.30 -3.06
N ALA E 103 -16.32 5.32 -3.69
CA ALA E 103 -16.33 5.45 -5.14
C ALA E 103 -14.93 5.77 -5.64
N ALA E 104 -14.45 5.01 -6.61
CA ALA E 104 -13.13 5.21 -7.19
C ALA E 104 -13.26 6.04 -8.46
N LEU E 105 -12.39 7.05 -8.60
CA LEU E 105 -12.42 7.91 -9.77
C LEU E 105 -11.07 7.93 -10.46
N THR E 112 -1.60 17.42 -12.24
CA THR E 112 -1.71 18.88 -12.27
C THR E 112 -3.16 19.32 -12.46
N ASP E 113 -3.79 18.83 -13.53
CA ASP E 113 -5.18 19.16 -13.79
C ASP E 113 -6.10 18.59 -12.71
N HIS E 114 -5.71 17.47 -12.09
CA HIS E 114 -6.53 16.86 -11.06
C HIS E 114 -6.88 17.86 -9.97
N ASP E 115 -5.96 18.78 -9.67
CA ASP E 115 -6.21 19.80 -8.67
C ASP E 115 -7.52 20.54 -8.93
N LEU E 116 -7.74 20.97 -10.18
CA LEU E 116 -9.01 21.62 -10.49
C LEU E 116 -10.13 20.59 -10.61
N THR E 117 -9.82 19.38 -11.06
CA THR E 117 -10.86 18.38 -11.32
C THR E 117 -11.69 18.13 -10.07
N PHE E 118 -11.05 17.63 -9.01
CA PHE E 118 -11.75 17.43 -7.76
C PHE E 118 -12.38 18.71 -7.26
N GLY E 119 -11.76 19.86 -7.55
CA GLY E 119 -12.32 21.13 -7.15
C GLY E 119 -13.70 21.30 -7.73
N SER E 120 -13.85 21.00 -9.02
CA SER E 120 -15.18 21.02 -9.63
C SER E 120 -16.11 20.05 -8.92
N LEU E 121 -15.60 18.85 -8.62
CA LEU E 121 -16.38 17.88 -7.87
C LEU E 121 -16.94 18.49 -6.59
N THR E 122 -16.13 19.32 -5.92
CA THR E 122 -16.60 19.99 -4.71
C THR E 122 -17.88 20.75 -4.98
N GLU E 123 -17.87 21.62 -6.01
CA GLU E 123 -19.08 22.36 -6.34
C GLU E 123 -20.19 21.43 -6.80
N ALA E 124 -19.83 20.29 -7.37
CA ALA E 124 -20.84 19.30 -7.74
C ALA E 124 -21.48 18.70 -6.50
N LEU E 125 -20.71 18.50 -5.43
CA LEU E 125 -21.23 17.81 -4.26
C LEU E 125 -21.82 18.76 -3.22
N GLN E 126 -21.18 19.91 -3.00
CA GLN E 126 -21.66 20.83 -1.97
C GLN E 126 -23.02 21.41 -2.34
N ASN E 127 -23.26 21.70 -3.62
CA ASN E 127 -24.52 22.28 -4.04
C ASN E 127 -25.65 21.26 -4.18
N ASN E 128 -25.33 19.96 -4.17
CA ASN E 128 -26.31 18.93 -4.46
C ASN E 128 -26.54 17.95 -3.32
N VAL E 129 -25.47 17.34 -2.80
CA VAL E 129 -25.63 16.15 -1.96
C VAL E 129 -25.62 16.50 -0.48
N THR E 130 -24.51 17.03 0.01
CA THR E 130 -24.37 17.37 1.42
C THR E 130 -23.78 18.76 1.55
N PRO E 131 -24.00 19.42 2.69
CA PRO E 131 -23.23 20.62 3.02
C PRO E 131 -21.88 20.34 3.67
N TYR E 132 -21.53 19.07 3.88
CA TYR E 132 -20.31 18.69 4.56
C TYR E 132 -19.49 17.79 3.66
N VAL E 133 -18.42 18.34 3.08
CA VAL E 133 -17.48 17.58 2.25
C VAL E 133 -16.09 18.10 2.55
N VAL E 134 -15.16 17.17 2.75
CA VAL E 134 -13.78 17.54 3.06
C VAL E 134 -12.84 16.78 2.12
N SER E 135 -11.65 17.36 1.91
CA SER E 135 -10.60 16.75 1.13
C SER E 135 -9.37 16.56 2.01
N LEU E 136 -8.60 15.50 1.75
CA LEU E 136 -7.42 15.20 2.53
C LEU E 136 -6.23 14.95 1.60
N GLN E 137 -5.06 15.34 2.06
CA GLN E 137 -3.82 15.19 1.32
C GLN E 137 -2.94 14.17 2.02
N ALA E 138 -2.38 13.24 1.26
CA ALA E 138 -1.53 12.20 1.84
C ALA E 138 -0.25 12.78 2.42
N LYS E 139 0.08 14.04 2.10
CA LYS E 139 1.29 14.65 2.64
C LYS E 139 1.16 14.92 4.13
N ASP E 140 -0.07 15.12 4.62
CA ASP E 140 -0.29 15.51 6.01
C ASP E 140 -1.07 14.45 6.78
N CYS E 141 -0.91 13.18 6.42
CA CYS E 141 -1.52 12.07 7.16
C CYS E 141 -0.51 10.96 7.38
N PRO E 142 0.50 11.19 8.22
CA PRO E 142 1.47 10.11 8.48
C PRO E 142 0.96 9.08 9.47
N ASP E 143 0.18 9.50 10.46
CA ASP E 143 -0.40 8.60 11.44
C ASP E 143 -1.90 8.88 11.57
N MET E 144 -2.56 8.06 12.38
CA MET E 144 -3.99 8.24 12.61
C MET E 144 -4.28 9.54 13.35
N LYS E 145 -3.37 9.95 14.23
CA LYS E 145 -3.59 11.15 15.03
C LYS E 145 -3.69 12.39 14.15
N HIS E 146 -2.70 12.59 13.26
CA HIS E 146 -2.74 13.74 12.37
C HIS E 146 -3.92 13.65 11.41
N PHE E 147 -4.23 12.45 10.93
CA PHE E 147 -5.38 12.26 10.05
C PHE E 147 -6.67 12.74 10.72
N LEU E 148 -6.93 12.27 11.93
CA LEU E 148 -8.16 12.64 12.62
C LEU E 148 -8.15 14.12 13.00
N GLN E 149 -7.00 14.65 13.39
CA GLN E 149 -6.91 16.07 13.74
C GLN E 149 -7.26 16.94 12.54
N LYS E 150 -6.69 16.63 11.38
CA LYS E 150 -6.99 17.40 10.18
C LYS E 150 -8.45 17.24 9.78
N LEU E 151 -8.99 16.02 9.91
CA LEU E 151 -10.38 15.79 9.54
C LEU E 151 -11.32 16.61 10.42
N ILE E 152 -11.10 16.59 11.73
CA ILE E 152 -11.98 17.34 12.62
C ILE E 152 -11.78 18.85 12.45
N SER E 153 -10.56 19.28 12.14
CA SER E 153 -10.32 20.70 11.88
C SER E 153 -11.07 21.15 10.64
N GLN E 154 -11.03 20.35 9.57
CA GLN E 154 -11.78 20.70 8.37
C GLN E 154 -13.28 20.67 8.62
N LEU E 155 -13.76 19.71 9.42
CA LEU E 155 -15.18 19.66 9.75
C LEU E 155 -15.61 20.90 10.52
N MET E 156 -14.77 21.35 11.47
CA MET E 156 -15.08 22.57 12.21
C MET E 156 -15.07 23.79 11.30
N ASP E 157 -14.10 23.86 10.38
CA ASP E 157 -14.02 25.00 9.46
C ASP E 157 -15.21 25.05 8.52
N CYS E 158 -15.68 23.88 8.05
CA CYS E 158 -16.78 23.84 7.10
C CYS E 158 -18.09 24.32 7.73
N CYS E 159 -18.14 24.41 9.06
CA CYS E 159 -19.34 24.86 9.75
C CYS E 159 -19.66 26.32 9.39
N THR E 177 -6.93 17.97 21.02
CA THR E 177 -7.27 17.61 22.38
C THR E 177 -7.64 16.13 22.48
N HIS E 178 -6.94 15.31 21.71
CA HIS E 178 -7.14 13.85 21.68
C HIS E 178 -8.58 13.50 21.31
N TYR E 179 -8.98 13.94 20.12
CA TYR E 179 -10.29 13.59 19.61
C TYR E 179 -10.34 12.12 19.19
N SER E 180 -11.55 11.58 19.12
CA SER E 180 -11.76 10.20 18.72
C SER E 180 -12.97 10.13 17.80
N MET E 181 -13.29 8.92 17.37
CA MET E 181 -14.51 8.71 16.60
C MET E 181 -15.75 9.03 17.43
N ASP E 182 -15.67 8.82 18.74
CA ASP E 182 -16.76 9.26 19.62
C ASP E 182 -16.91 10.77 19.59
N SER E 183 -15.79 11.50 19.52
CA SER E 183 -15.86 12.95 19.38
C SER E 183 -16.56 13.33 18.07
N LEU E 184 -16.24 12.62 16.99
CA LEU E 184 -16.90 12.89 15.72
C LEU E 184 -18.39 12.63 15.81
N SER E 185 -18.78 11.51 16.44
CA SER E 185 -20.19 11.17 16.56
C SER E 185 -20.94 12.19 17.41
N SER E 186 -20.33 12.61 18.52
CA SER E 186 -20.96 13.61 19.38
C SER E 186 -21.10 14.94 18.65
N TRP E 187 -20.07 15.34 17.91
CA TRP E 187 -20.16 16.57 17.13
C TRP E 187 -21.25 16.48 16.07
N TYR E 188 -21.35 15.34 15.40
CA TYR E 188 -22.38 15.15 14.38
C TYR E 188 -23.77 15.23 14.99
N MET E 189 -23.96 14.59 16.14
CA MET E 189 -25.25 14.69 16.83
C MET E 189 -25.55 16.12 17.26
N THR E 190 -24.51 16.85 17.68
CA THR E 190 -24.69 18.24 18.10
C THR E 190 -25.12 19.12 16.93
N VAL E 191 -24.51 18.92 15.77
CA VAL E 191 -24.75 19.82 14.64
C VAL E 191 -26.03 19.44 13.90
N THR E 192 -26.21 18.15 13.61
CA THR E 192 -27.39 17.72 12.87
C THR E 192 -28.64 17.76 13.74
N GLN E 193 -28.53 17.28 14.97
CA GLN E 193 -29.65 17.23 15.92
C GLN E 193 -30.85 16.49 15.35
N SER E 212 -28.82 13.52 9.79
CA SER E 212 -29.20 12.84 8.56
C SER E 212 -28.18 13.01 7.40
N PRO E 213 -27.76 14.24 7.09
CA PRO E 213 -26.79 14.42 6.00
C PRO E 213 -25.49 13.71 6.31
N PRO E 214 -24.94 12.97 5.36
CA PRO E 214 -23.72 12.20 5.61
C PRO E 214 -22.48 13.07 5.43
N VAL E 215 -21.32 12.42 5.54
CA VAL E 215 -20.02 13.07 5.43
C VAL E 215 -19.27 12.43 4.28
N VAL E 216 -18.69 13.27 3.42
CA VAL E 216 -17.94 12.83 2.25
C VAL E 216 -16.48 13.23 2.42
N VAL E 217 -15.58 12.28 2.26
CA VAL E 217 -14.14 12.50 2.40
C VAL E 217 -13.47 12.16 1.08
N ILE E 218 -12.64 13.07 0.59
CA ILE E 218 -11.97 12.94 -0.70
C ILE E 218 -10.51 12.59 -0.44
N LEU E 219 -10.10 11.38 -0.81
CA LEU E 219 -8.70 10.98 -0.75
C LEU E 219 -8.16 11.08 -2.18
N LYS E 220 -7.59 12.23 -2.51
CA LYS E 220 -7.26 12.53 -3.90
C LYS E 220 -6.05 11.78 -4.41
N ASP E 221 -5.16 11.32 -3.53
CA ASP E 221 -4.06 10.43 -3.91
C ASP E 221 -4.07 9.24 -2.95
N MET E 222 -4.90 8.25 -3.25
CA MET E 222 -5.00 7.08 -2.37
C MET E 222 -3.74 6.24 -2.40
N GLU E 223 -3.07 6.19 -3.55
CA GLU E 223 -1.86 5.39 -3.70
C GLU E 223 -0.69 5.92 -2.87
N SER E 224 -0.80 7.11 -2.30
CA SER E 224 0.26 7.67 -1.49
C SER E 224 -0.01 7.59 0.01
N PHE E 225 -1.18 7.13 0.43
CA PHE E 225 -1.48 7.02 1.84
C PHE E 225 -0.70 5.86 2.48
N ALA E 226 -0.68 5.87 3.81
CA ALA E 226 -0.11 4.76 4.57
C ALA E 226 -1.16 3.65 4.71
N THR E 227 -0.71 2.40 4.54
CA THR E 227 -1.62 1.27 4.61
C THR E 227 -2.23 1.12 5.99
N LYS E 228 -1.43 1.27 7.03
CA LYS E 228 -1.91 1.09 8.39
C LYS E 228 -3.00 2.11 8.74
N VAL E 229 -2.80 3.36 8.34
CA VAL E 229 -3.77 4.41 8.61
C VAL E 229 -5.09 4.08 7.92
N LEU E 230 -5.04 3.67 6.66
CA LEU E 230 -6.25 3.31 5.94
C LEU E 230 -6.98 2.16 6.61
N GLN E 231 -6.24 1.12 6.97
CA GLN E 231 -6.86 -0.05 7.61
C GLN E 231 -7.54 0.34 8.92
N ASP E 232 -6.81 1.08 9.77
CA ASP E 232 -7.37 1.46 11.07
C ASP E 232 -8.59 2.36 10.90
N PHE E 233 -8.52 3.32 9.97
CA PHE E 233 -9.64 4.23 9.76
C PHE E 233 -10.87 3.48 9.28
N ILE E 234 -10.70 2.56 8.33
CA ILE E 234 -11.84 1.80 7.83
C ILE E 234 -12.43 0.93 8.94
N ILE E 235 -11.57 0.28 9.71
CA ILE E 235 -12.05 -0.60 10.78
C ILE E 235 -12.84 0.19 11.81
N ILE E 236 -12.30 1.33 12.26
CA ILE E 236 -12.99 2.11 13.29
C ILE E 236 -14.27 2.73 12.73
N SER E 237 -14.27 3.08 11.44
CA SER E 237 -15.44 3.72 10.86
C SER E 237 -16.58 2.73 10.67
N SER E 238 -16.27 1.50 10.29
CA SER E 238 -17.32 0.51 10.04
C SER E 238 -18.10 0.19 11.31
N GLN E 239 -17.50 0.42 12.48
CA GLN E 239 -18.16 0.10 13.74
C GLN E 239 -19.16 1.15 14.19
N HIS E 240 -19.27 2.27 13.49
CA HIS E 240 -20.17 3.35 13.90
C HIS E 240 -21.03 3.86 12.75
N LEU E 241 -21.32 3.01 11.76
CA LEU E 241 -22.21 3.42 10.69
C LEU E 241 -23.60 3.76 11.21
N HIS E 242 -24.07 3.04 12.22
CA HIS E 242 -25.36 3.30 12.84
C HIS E 242 -25.44 4.67 13.49
N GLU E 243 -24.31 5.29 13.82
CA GLU E 243 -24.29 6.55 14.54
C GLU E 243 -23.51 7.66 13.87
N PHE E 244 -22.80 7.39 12.78
CA PHE E 244 -21.98 8.40 12.14
C PHE E 244 -21.74 8.04 10.67
N PRO E 245 -22.58 8.52 9.76
CA PRO E 245 -22.42 8.15 8.35
C PRO E 245 -21.09 8.61 7.78
N LEU E 246 -20.54 7.79 6.88
CA LEU E 246 -19.27 8.08 6.23
C LEU E 246 -19.31 7.61 4.79
N ILE E 247 -18.78 8.44 3.89
CA ILE E 247 -18.67 8.11 2.46
C ILE E 247 -17.29 8.52 1.97
N LEU E 248 -16.66 7.66 1.17
CA LEU E 248 -15.31 7.90 0.69
C LEU E 248 -15.27 8.01 -0.82
N ILE E 249 -14.46 8.94 -1.34
CA ILE E 249 -14.19 9.04 -2.76
C ILE E 249 -12.68 8.96 -2.94
N PHE E 250 -12.22 7.89 -3.60
CA PHE E 250 -10.81 7.68 -3.88
C PHE E 250 -10.46 8.27 -5.24
N GLY E 251 -9.27 8.85 -5.33
CA GLY E 251 -8.73 9.34 -6.60
C GLY E 251 -7.65 8.41 -7.09
N ILE E 252 -7.87 7.87 -8.29
CA ILE E 252 -7.01 6.84 -8.85
C ILE E 252 -6.60 7.23 -10.26
N ALA E 253 -5.30 7.17 -10.54
CA ALA E 253 -4.73 7.46 -11.85
C ALA E 253 -3.87 6.30 -12.32
N THR E 254 -4.29 5.08 -12.02
CA THR E 254 -3.54 3.87 -12.33
C THR E 254 -4.59 2.75 -12.42
N SER E 255 -4.14 1.54 -12.71
CA SER E 255 -5.05 0.41 -12.74
C SER E 255 -5.64 0.19 -11.35
N PRO E 256 -6.96 -0.02 -11.25
CA PRO E 256 -7.60 -0.17 -9.93
C PRO E 256 -7.14 -1.41 -9.16
N ILE E 257 -6.47 -2.36 -9.82
CA ILE E 257 -6.00 -3.56 -9.16
C ILE E 257 -5.07 -3.23 -8.00
N ILE E 258 -4.39 -2.08 -8.06
CA ILE E 258 -3.50 -1.66 -6.99
C ILE E 258 -4.24 -1.62 -5.66
N ILE E 259 -5.55 -1.40 -5.69
CA ILE E 259 -6.34 -1.40 -4.45
C ILE E 259 -6.16 -2.72 -3.70
N HIS E 260 -6.29 -3.84 -4.43
CA HIS E 260 -6.14 -5.14 -3.79
C HIS E 260 -4.73 -5.41 -3.32
N ARG E 261 -3.75 -4.60 -3.73
CA ARG E 261 -2.40 -4.74 -3.22
C ARG E 261 -2.11 -3.84 -2.03
N LEU E 262 -3.05 -2.98 -1.64
CA LEU E 262 -2.89 -2.19 -0.43
C LEU E 262 -3.88 -2.61 0.66
N LEU E 263 -5.16 -2.73 0.31
CA LEU E 263 -6.17 -3.10 1.29
C LEU E 263 -6.31 -4.61 1.34
N PRO E 264 -5.96 -5.27 2.44
CA PRO E 264 -6.16 -6.72 2.53
C PRO E 264 -7.64 -7.08 2.48
N HIS E 265 -7.91 -8.28 1.98
CA HIS E 265 -9.29 -8.68 1.74
C HIS E 265 -10.10 -8.71 3.03
N ALA E 266 -9.45 -8.99 4.16
CA ALA E 266 -10.15 -8.91 5.45
C ALA E 266 -10.66 -7.50 5.70
N VAL E 267 -9.80 -6.50 5.49
CA VAL E 267 -10.24 -5.11 5.59
C VAL E 267 -11.15 -4.75 4.42
N SER E 268 -10.79 -5.19 3.22
CA SER E 268 -11.54 -4.83 2.02
C SER E 268 -12.97 -5.36 2.02
N SER E 269 -13.26 -6.36 2.86
CA SER E 269 -14.61 -6.89 2.93
C SER E 269 -15.61 -5.89 3.48
N LEU E 270 -15.13 -4.80 4.07
CA LEU E 270 -15.98 -3.80 4.71
C LEU E 270 -16.46 -2.72 3.73
N LEU E 271 -15.97 -2.73 2.49
CA LEU E 271 -16.20 -1.64 1.56
C LEU E 271 -16.97 -2.13 0.33
N CYS E 272 -17.92 -1.31 -0.11
CA CYS E 272 -18.62 -1.52 -1.37
C CYS E 272 -18.03 -0.56 -2.39
N ILE E 273 -17.20 -1.08 -3.28
CA ILE E 273 -16.40 -0.25 -4.19
C ILE E 273 -17.08 -0.17 -5.55
N GLU E 274 -17.05 1.03 -6.13
CA GLU E 274 -17.51 1.26 -7.50
C GLU E 274 -16.40 1.96 -8.26
N LEU E 275 -16.30 1.67 -9.55
CA LEU E 275 -15.26 2.24 -10.40
C LEU E 275 -15.89 3.23 -11.37
N PHE E 276 -15.35 4.45 -11.40
CA PHE E 276 -15.83 5.50 -12.29
C PHE E 276 -14.64 6.16 -12.98
N GLN E 277 -14.83 6.51 -14.25
CA GLN E 277 -13.76 7.10 -15.05
C GLN E 277 -13.73 8.61 -14.89
N CYS E 281 -10.51 7.51 -24.70
CA CYS E 281 -9.67 8.64 -25.09
C CYS E 281 -9.85 8.97 -26.57
N LYS E 282 -9.94 7.93 -27.40
CA LYS E 282 -10.11 8.14 -28.84
C LYS E 282 -11.46 8.78 -29.14
N GLU E 283 -12.49 8.43 -28.37
CA GLU E 283 -13.81 9.03 -28.58
C GLU E 283 -13.75 10.55 -28.38
N HIS E 284 -12.96 11.00 -27.39
CA HIS E 284 -12.78 12.43 -27.18
C HIS E 284 -12.20 13.10 -28.41
N LEU E 285 -11.16 12.51 -29.00
CA LEU E 285 -10.54 13.10 -30.17
C LEU E 285 -11.49 13.09 -31.37
N THR E 286 -12.23 12.00 -31.55
CA THR E 286 -13.19 11.95 -32.64
C THR E 286 -14.26 13.03 -32.48
N THR E 287 -14.78 13.20 -31.27
CA THR E 287 -15.80 14.22 -31.04
C THR E 287 -15.25 15.62 -31.30
N VAL E 288 -14.06 15.90 -30.77
CA VAL E 288 -13.51 17.25 -30.93
C VAL E 288 -13.18 17.53 -32.39
N LEU E 289 -12.74 16.50 -33.13
CA LEU E 289 -12.43 16.71 -34.54
C LEU E 289 -13.71 16.84 -35.37
N ASP E 290 -14.79 16.18 -34.94
CA ASP E 290 -16.07 16.39 -35.60
C ASP E 290 -16.58 17.80 -35.37
N LYS E 291 -16.32 18.35 -34.18
CA LYS E 291 -16.75 19.71 -33.87
C LYS E 291 -15.72 20.78 -34.24
N LEU E 292 -14.58 20.40 -34.80
CA LEU E 292 -13.57 21.36 -35.23
C LEU E 292 -13.43 21.42 -36.75
N LEU E 293 -13.15 20.29 -37.40
CA LEU E 293 -12.92 20.29 -38.84
C LEU E 293 -14.15 19.90 -39.63
N LEU E 294 -14.92 18.92 -39.12
CA LEU E 294 -16.12 18.48 -39.83
C LEU E 294 -17.21 19.54 -39.88
N THR E 295 -17.13 20.56 -39.03
CA THR E 295 -18.07 21.67 -39.10
C THR E 295 -17.63 22.65 -40.17
N THR E 296 -18.61 23.17 -40.91
CA THR E 296 -18.34 24.12 -42.00
C THR E 296 -18.01 25.51 -41.49
N GLN E 297 -18.40 25.85 -40.26
CA GLN E 297 -18.29 27.24 -39.80
C GLN E 297 -16.84 27.71 -39.74
N PHE E 298 -15.94 26.86 -39.29
CA PHE E 298 -14.55 27.28 -39.18
C PHE E 298 -13.89 27.29 -40.55
N PRO E 299 -13.27 28.41 -40.96
CA PRO E 299 -12.84 28.53 -42.36
C PRO E 299 -11.62 27.70 -42.72
N PHE E 300 -10.58 27.71 -41.89
CA PHE E 300 -9.32 27.09 -42.30
C PHE E 300 -9.37 25.58 -42.16
N LYS E 301 -8.66 24.89 -43.06
CA LYS E 301 -8.60 23.43 -43.07
C LYS E 301 -7.16 23.01 -43.36
N ILE E 302 -6.95 21.70 -43.48
CA ILE E 302 -5.64 21.13 -43.73
C ILE E 302 -5.74 20.09 -44.84
N ASN E 303 -4.57 19.67 -45.33
CA ASN E 303 -4.48 18.73 -46.43
C ASN E 303 -4.40 17.30 -45.91
N GLU E 304 -4.08 16.37 -46.81
CA GLU E 304 -4.05 14.95 -46.45
C GLU E 304 -2.89 14.63 -45.52
N LYS E 305 -1.67 15.03 -45.90
CA LYS E 305 -0.48 14.56 -45.21
C LYS E 305 -0.34 15.14 -43.81
N VAL E 306 -0.74 16.39 -43.60
CA VAL E 306 -0.70 16.97 -42.26
C VAL E 306 -1.59 16.17 -41.32
N LEU E 307 -2.83 15.91 -41.74
CA LEU E 307 -3.74 15.12 -40.93
C LEU E 307 -3.20 13.71 -40.71
N GLN E 308 -2.61 13.11 -41.74
CA GLN E 308 -2.05 11.77 -41.59
C GLN E 308 -0.93 11.75 -40.56
N VAL E 309 -0.04 12.74 -40.59
CA VAL E 309 1.05 12.78 -39.63
C VAL E 309 0.51 12.98 -38.22
N LEU E 310 -0.46 13.88 -38.06
CA LEU E 310 -1.04 14.11 -36.74
C LEU E 310 -1.70 12.85 -36.19
N THR E 311 -2.47 12.15 -37.01
CA THR E 311 -3.09 10.90 -36.56
C THR E 311 -2.05 9.83 -36.26
N ASN E 312 -1.03 9.70 -37.10
CA ASN E 312 -0.03 8.66 -36.93
C ASN E 312 0.93 8.97 -35.79
N ILE E 313 0.92 10.18 -35.25
CA ILE E 313 1.61 10.39 -33.99
C ILE E 313 0.67 10.24 -32.80
N PHE E 314 -0.60 10.67 -32.94
CA PHE E 314 -1.54 10.55 -31.83
C PHE E 314 -1.79 9.10 -31.46
N LEU E 315 -2.25 8.29 -32.41
CA LEU E 315 -2.64 6.92 -32.08
C LEU E 315 -1.49 5.94 -32.18
N TYR E 316 -0.25 6.41 -32.21
CA TYR E 316 0.93 5.56 -32.18
C TYR E 316 1.86 5.87 -31.03
N HIS E 317 2.08 7.14 -30.71
CA HIS E 317 3.07 7.52 -29.71
C HIS E 317 2.48 7.74 -28.33
N ASP E 318 1.33 8.42 -28.23
CA ASP E 318 0.67 8.64 -26.96
C ASP E 318 -0.75 9.14 -27.17
N PHE E 319 -1.71 8.60 -26.43
CA PHE E 319 -3.10 8.95 -26.63
C PHE E 319 -3.41 10.31 -26.01
N SER E 320 -2.68 11.34 -26.42
CA SER E 320 -2.79 12.67 -25.86
C SER E 320 -3.35 13.62 -26.92
N VAL E 321 -4.39 14.36 -26.55
CA VAL E 321 -4.98 15.34 -27.47
C VAL E 321 -4.37 16.72 -27.33
N GLN E 322 -3.64 16.98 -26.24
CA GLN E 322 -3.01 18.29 -26.04
C GLN E 322 -2.02 18.58 -27.16
N ASN E 323 -1.17 17.62 -27.49
CA ASN E 323 -0.22 17.81 -28.58
C ASN E 323 -0.92 17.87 -29.94
N PHE E 324 -2.09 17.25 -30.09
CA PHE E 324 -2.83 17.39 -31.34
C PHE E 324 -3.33 18.81 -31.51
N ILE E 325 -3.91 19.39 -30.46
CA ILE E 325 -4.35 20.78 -30.52
C ILE E 325 -3.15 21.71 -30.74
N LYS E 326 -2.02 21.38 -30.10
CA LYS E 326 -0.79 22.14 -30.28
C LYS E 326 -0.32 22.09 -31.73
N GLY E 327 -0.36 20.92 -32.36
CA GLY E 327 -0.03 20.82 -33.76
C GLY E 327 -0.99 21.59 -34.64
N LEU E 328 -2.28 21.59 -34.28
CA LEU E 328 -3.26 22.39 -35.01
C LEU E 328 -2.88 23.87 -34.98
N GLN E 329 -2.53 24.39 -33.81
CA GLN E 329 -2.22 25.81 -33.74
C GLN E 329 -0.88 26.13 -34.40
N LEU E 330 0.09 25.20 -34.33
CA LEU E 330 1.35 25.43 -35.05
C LEU E 330 1.11 25.47 -36.56
N SER E 331 0.27 24.57 -37.08
CA SER E 331 -0.06 24.60 -38.50
C SER E 331 -0.76 25.90 -38.86
N LEU E 332 -1.70 26.35 -38.02
CA LEU E 332 -2.38 27.61 -38.30
C LEU E 332 -1.40 28.78 -38.32
N LEU E 333 -0.47 28.81 -37.36
CA LEU E 333 0.51 29.89 -37.31
C LEU E 333 1.40 29.88 -38.54
N GLU E 334 1.88 28.71 -38.93
CA GLU E 334 2.75 28.63 -40.10
C GLU E 334 2.02 29.04 -41.37
N HIS E 335 0.76 28.60 -41.53
CA HIS E 335 -0.01 28.96 -42.71
C HIS E 335 -0.28 30.45 -42.76
N PHE E 336 -0.59 31.07 -41.62
CA PHE E 336 -0.84 32.50 -41.60
C PHE E 336 0.44 33.32 -41.69
N TYR E 337 1.59 32.72 -41.39
CA TYR E 337 2.85 33.43 -41.46
C TYR E 337 3.43 33.40 -42.86
N SER E 338 3.49 32.21 -43.48
CA SER E 338 4.17 32.09 -44.75
C SER E 338 3.37 32.69 -45.90
N GLN E 339 2.05 32.47 -45.90
CA GLN E 339 1.21 32.90 -47.02
C GLN E 339 0.63 34.28 -46.77
N PRO E 340 0.98 35.29 -47.57
CA PRO E 340 0.28 36.58 -47.45
C PRO E 340 -1.20 36.47 -47.79
N LEU E 341 -1.54 35.70 -48.82
CA LEU E 341 -2.93 35.58 -49.25
C LEU E 341 -3.81 34.90 -48.21
N SER E 342 -3.26 34.53 -47.06
CA SER E 342 -4.09 34.13 -45.94
C SER E 342 -4.99 35.27 -45.48
N VAL E 343 -4.63 36.51 -45.82
CA VAL E 343 -5.55 37.64 -45.60
C VAL E 343 -6.85 37.41 -46.34
N LEU E 344 -6.80 36.72 -47.48
CA LEU E 344 -7.96 36.58 -48.35
C LEU E 344 -9.12 35.88 -47.65
N CYS E 345 -8.84 34.81 -46.91
CA CYS E 345 -9.89 33.95 -46.39
C CYS E 345 -10.33 34.37 -44.99
N CYS E 346 -11.63 34.57 -44.84
CA CYS E 346 -12.27 34.90 -43.57
C CYS E 346 -13.73 34.48 -43.67
N ASN E 347 -14.56 34.94 -42.73
CA ASN E 347 -15.99 34.77 -42.89
C ASN E 347 -16.47 35.54 -44.11
N LEU E 348 -17.51 35.02 -44.75
CA LEU E 348 -17.90 35.50 -46.08
C LEU E 348 -18.08 37.01 -46.18
N PRO E 349 -18.77 37.70 -45.26
CA PRO E 349 -18.81 39.17 -45.36
C PRO E 349 -17.44 39.81 -45.20
N GLU E 350 -16.69 39.41 -44.16
CA GLU E 350 -15.33 39.92 -43.99
C GLU E 350 -14.44 39.49 -45.15
N ALA E 351 -14.61 38.26 -45.65
CA ALA E 351 -13.84 37.81 -46.79
C ALA E 351 -14.07 38.71 -48.00
N LYS E 352 -15.33 39.03 -48.29
CA LYS E 352 -15.63 39.88 -49.44
C LYS E 352 -15.13 41.30 -49.23
N ARG E 353 -15.27 41.84 -48.02
CA ARG E 353 -14.83 43.22 -47.80
C ARG E 353 -13.30 43.32 -47.87
N ARG E 354 -12.60 42.25 -47.50
CA ARG E 354 -11.15 42.22 -47.72
C ARG E 354 -10.82 42.01 -49.18
N ILE E 355 -11.68 41.29 -49.91
CA ILE E 355 -11.48 41.09 -51.34
C ILE E 355 -11.54 42.41 -52.09
N ASN E 356 -12.50 43.27 -51.71
CA ASN E 356 -12.75 44.50 -52.46
C ASN E 356 -11.51 45.38 -52.50
N PHE E 357 -10.80 45.51 -51.39
CA PHE E 357 -9.59 46.33 -51.31
C PHE E 357 -8.39 45.40 -51.11
N LEU E 358 -7.68 45.13 -52.20
CA LEU E 358 -6.47 44.32 -52.17
C LEU E 358 -5.36 45.04 -52.90
N SER E 359 -4.15 44.95 -52.37
CA SER E 359 -2.99 45.59 -52.99
C SER E 359 -2.68 44.91 -54.32
N ASN E 360 -1.90 45.61 -55.16
CA ASN E 360 -1.55 45.09 -56.47
C ASN E 360 -0.73 43.80 -56.35
N ASN E 361 0.17 43.74 -55.38
CA ASN E 361 0.96 42.53 -55.19
C ASN E 361 0.09 41.36 -54.75
N GLN E 362 -0.98 41.63 -54.00
CA GLN E 362 -1.93 40.57 -53.67
C GLN E 362 -2.60 40.03 -54.92
N CYS E 363 -2.96 40.92 -55.86
CA CYS E 363 -3.51 40.46 -57.14
C CYS E 363 -2.47 39.68 -57.94
N GLU E 364 -1.19 40.07 -57.83
CA GLU E 364 -0.13 39.29 -58.47
C GLU E 364 -0.09 37.88 -57.90
N ASN E 365 -0.15 37.76 -56.58
CA ASN E 365 -0.13 36.45 -55.95
C ASN E 365 -1.34 35.62 -56.35
N ILE E 366 -2.52 36.25 -56.43
CA ILE E 366 -3.70 35.55 -56.91
C ILE E 366 -3.51 35.09 -58.35
N ARG E 367 -2.83 35.90 -59.16
CA ARG E 367 -2.65 35.59 -60.57
C ARG E 367 -1.73 34.40 -60.78
N ARG E 368 -0.85 34.11 -59.83
CA ARG E 368 0.19 33.10 -60.00
C ARG E 368 -0.15 31.76 -59.35
N LEU E 369 -1.35 31.59 -58.82
CA LEU E 369 -1.70 30.34 -58.17
C LEU E 369 -1.76 29.21 -59.19
N PRO E 370 -1.01 28.11 -58.99
CA PRO E 370 -1.10 27.00 -59.95
C PRO E 370 -2.50 26.43 -60.10
N SER E 371 -3.25 26.34 -59.00
CA SER E 371 -4.65 25.92 -59.10
C SER E 371 -5.45 26.92 -59.90
N PHE E 372 -5.11 28.20 -59.80
CA PHE E 372 -5.76 29.22 -60.63
C PHE E 372 -5.29 29.11 -62.08
N ARG E 373 -4.00 28.83 -62.28
CA ARG E 373 -3.50 28.63 -63.64
C ARG E 373 -4.23 27.48 -64.33
N ARG E 374 -4.60 26.46 -63.57
CA ARG E 374 -5.42 25.38 -64.12
C ARG E 374 -6.77 25.92 -64.59
N TYR E 375 -7.40 26.79 -63.79
CA TYR E 375 -8.71 27.33 -64.10
C TYR E 375 -8.60 28.45 -65.12
N LEU E 402 -15.44 31.45 -54.20
CA LEU E 402 -15.41 31.19 -52.77
C LEU E 402 -16.74 30.65 -52.28
N GLU E 403 -17.82 31.32 -52.69
CA GLU E 403 -19.16 30.89 -52.27
C GLU E 403 -19.48 29.50 -52.79
N ASN E 404 -19.10 29.21 -54.04
CA ASN E 404 -19.33 27.87 -54.60
C ASN E 404 -18.55 26.82 -53.81
N LEU E 405 -17.31 27.11 -53.45
CA LEU E 405 -16.53 26.18 -52.63
C LEU E 405 -17.18 25.99 -51.27
N HIS E 406 -17.73 27.05 -50.70
CA HIS E 406 -18.33 26.96 -49.38
C HIS E 406 -19.60 26.11 -49.41
N VAL E 407 -20.44 26.28 -50.44
CA VAL E 407 -21.62 25.43 -50.56
C VAL E 407 -21.22 24.00 -50.86
N TYR E 408 -20.13 23.81 -51.61
CA TYR E 408 -19.61 22.47 -51.81
C TYR E 408 -19.24 21.82 -50.48
N HIS E 409 -18.58 22.58 -49.60
CA HIS E 409 -18.24 22.03 -48.29
C HIS E 409 -19.48 21.72 -47.47
N MET E 410 -20.47 22.63 -47.49
CA MET E 410 -21.64 22.44 -46.65
C MET E 410 -22.51 21.28 -47.13
N ASN E 411 -22.43 20.92 -48.40
CA ASN E 411 -23.14 19.71 -48.82
C ASN E 411 -22.27 18.47 -48.71
N TYR E 412 -20.96 18.62 -48.91
CA TYR E 412 -20.02 17.51 -48.81
C TYR E 412 -20.03 16.90 -47.42
N PHE E 413 -20.04 17.75 -46.38
CA PHE E 413 -19.99 17.22 -45.03
C PHE E 413 -21.27 16.48 -44.66
N LEU E 414 -22.44 16.98 -45.08
CA LEU E 414 -23.67 16.25 -44.82
C LEU E 414 -23.70 14.92 -45.57
N VAL E 415 -23.23 14.90 -46.82
CA VAL E 415 -23.22 13.65 -47.57
C VAL E 415 -22.26 12.65 -46.92
N LEU E 416 -21.12 13.13 -46.42
CA LEU E 416 -20.18 12.26 -45.73
C LEU E 416 -20.77 11.74 -44.43
N ARG E 417 -21.54 12.57 -43.72
CA ARG E 417 -22.22 12.11 -42.51
C ARG E 417 -23.21 11.00 -42.84
N CYS E 418 -23.95 11.17 -43.94
CA CYS E 418 -24.86 10.11 -44.38
C CYS E 418 -24.09 8.83 -44.72
N LEU E 419 -22.94 8.98 -45.39
CA LEU E 419 -22.12 7.83 -45.73
C LEU E 419 -21.62 7.12 -44.47
N HIS E 420 -21.22 7.88 -43.45
CA HIS E 420 -20.79 7.28 -42.20
C HIS E 420 -21.93 6.55 -41.52
N LYS E 421 -23.13 7.12 -41.56
CA LYS E 421 -24.30 6.41 -41.01
C LYS E 421 -24.54 5.11 -41.75
N PHE E 422 -24.36 5.12 -43.07
CA PHE E 422 -24.45 3.89 -43.86
C PHE E 422 -23.42 2.86 -43.42
N THR E 423 -22.15 3.30 -43.32
CA THR E 423 -21.06 2.36 -43.07
C THR E 423 -21.15 1.76 -41.68
N SER E 424 -21.45 2.57 -40.67
CA SER E 424 -21.49 2.06 -39.30
C SER E 424 -22.62 1.06 -39.11
N SER E 425 -23.60 1.05 -40.01
CA SER E 425 -24.70 0.09 -39.92
C SER E 425 -24.24 -1.33 -40.22
N LEU E 426 -23.16 -1.51 -40.98
CA LEU E 426 -22.71 -2.83 -41.35
C LEU E 426 -22.04 -3.55 -40.18
N PRO E 427 -22.20 -4.86 -40.09
CA PRO E 427 -21.60 -5.61 -38.97
C PRO E 427 -20.09 -5.78 -39.10
N LYS E 428 -19.59 -5.87 -40.34
CA LYS E 428 -18.16 -6.06 -40.54
C LYS E 428 -17.37 -4.77 -40.47
N TYR E 429 -18.01 -3.63 -40.73
CA TYR E 429 -17.34 -2.33 -40.77
C TYR E 429 -16.16 -2.36 -41.74
N PRO E 430 -16.40 -2.58 -43.03
CA PRO E 430 -15.27 -2.69 -43.98
C PRO E 430 -14.54 -1.38 -44.20
N LEU E 431 -15.27 -0.30 -44.51
CA LEU E 431 -14.63 0.97 -44.83
C LEU E 431 -13.88 1.53 -43.63
N GLY E 432 -14.47 1.47 -42.45
CA GLY E 432 -13.81 1.97 -41.27
C GLY E 432 -14.73 1.94 -40.06
N ARG E 433 -14.11 2.08 -38.89
CA ARG E 433 -14.85 2.08 -37.64
C ARG E 433 -15.38 3.46 -37.27
N GLN E 434 -14.52 4.48 -37.32
CA GLN E 434 -14.87 5.82 -36.88
C GLN E 434 -14.91 6.77 -38.07
N ILE E 435 -15.38 7.99 -37.80
CA ILE E 435 -15.48 9.01 -38.84
C ILE E 435 -14.11 9.39 -39.38
N ARG E 436 -13.06 9.22 -38.58
CA ARG E 436 -11.71 9.55 -39.01
C ARG E 436 -11.32 8.75 -40.24
N GLU E 437 -11.52 7.44 -40.20
CA GLU E 437 -11.18 6.57 -41.33
C GLU E 437 -12.09 6.84 -42.53
N LEU E 438 -13.36 7.12 -42.29
CA LEU E 438 -14.26 7.49 -43.37
C LEU E 438 -13.75 8.72 -44.11
N TYR E 439 -13.40 9.77 -43.38
CA TYR E 439 -12.92 10.99 -44.02
C TYR E 439 -11.58 10.75 -44.71
N CYS E 440 -10.69 9.96 -44.08
CA CYS E 440 -9.40 9.68 -44.70
C CYS E 440 -9.56 8.94 -46.02
N THR E 441 -10.42 7.92 -46.06
CA THR E 441 -10.62 7.17 -47.29
C THR E 441 -11.44 7.93 -48.32
N CYS E 442 -12.27 8.89 -47.90
CA CYS E 442 -12.99 9.71 -48.85
C CYS E 442 -12.09 10.78 -49.46
N LEU E 443 -11.12 11.26 -48.69
CA LEU E 443 -10.24 12.34 -49.15
C LEU E 443 -9.00 11.82 -49.86
N GLU E 444 -8.62 10.57 -49.64
CA GLU E 444 -7.42 10.04 -50.27
C GLU E 444 -7.54 10.04 -51.79
N LYS E 445 -8.66 9.57 -52.31
CA LYS E 445 -8.87 9.46 -53.76
C LYS E 445 -10.35 9.20 -53.99
N ASN E 446 -10.77 9.32 -55.25
CA ASN E 446 -12.11 8.91 -55.64
C ASN E 446 -12.34 7.46 -55.22
N ILE E 447 -13.28 7.27 -54.30
CA ILE E 447 -13.49 5.94 -53.72
C ILE E 447 -13.95 4.95 -54.79
N TRP E 448 -14.80 5.40 -55.71
CA TRP E 448 -15.27 4.55 -56.79
C TRP E 448 -14.17 4.32 -57.83
N GLU E 452 -11.54 -1.68 -52.79
CA GLU E 452 -12.38 -2.17 -51.71
C GLU E 452 -13.79 -1.59 -51.80
N TYR E 453 -13.93 -0.52 -52.59
CA TYR E 453 -15.22 0.12 -52.76
C TYR E 453 -16.27 -0.87 -53.27
N ALA E 454 -15.95 -1.57 -54.36
CA ALA E 454 -16.81 -2.64 -54.84
C ALA E 454 -16.86 -3.81 -53.86
N SER E 455 -15.80 -4.03 -53.08
CA SER E 455 -15.86 -5.06 -52.06
C SER E 455 -16.91 -4.75 -51.01
N VAL E 456 -17.02 -3.47 -50.63
CA VAL E 456 -18.09 -3.07 -49.71
C VAL E 456 -19.45 -3.13 -50.40
N LEU E 457 -19.51 -2.74 -51.66
CA LEU E 457 -20.75 -2.87 -52.41
C LEU E 457 -21.23 -4.31 -52.50
N GLN E 458 -20.30 -5.27 -52.46
CA GLN E 458 -20.69 -6.69 -52.46
C GLN E 458 -21.55 -7.03 -51.24
N LEU E 459 -21.12 -6.61 -50.05
CA LEU E 459 -21.97 -6.75 -48.87
C LEU E 459 -23.24 -5.93 -49.02
N LEU E 460 -23.11 -4.74 -49.60
CA LEU E 460 -24.27 -3.87 -49.80
C LEU E 460 -25.37 -4.58 -50.59
N ARG E 461 -24.98 -5.42 -51.56
CA ARG E 461 -25.94 -6.13 -52.39
C ARG E 461 -26.75 -7.17 -51.64
N MET E 462 -26.34 -7.55 -50.42
CA MET E 462 -26.92 -8.69 -49.72
C MET E 462 -27.40 -8.28 -48.33
N LEU E 463 -28.12 -7.16 -48.26
CA LEU E 463 -28.59 -6.62 -47.00
C LEU E 463 -30.07 -6.90 -46.80
N ALA E 464 -30.48 -6.95 -45.53
CA ALA E 464 -31.84 -7.27 -45.16
C ALA E 464 -32.73 -6.03 -45.16
N LYS E 465 -34.03 -6.25 -45.01
CA LYS E 465 -35.00 -5.17 -45.11
C LYS E 465 -34.99 -4.26 -43.89
N ASP E 466 -34.87 -4.85 -42.69
CA ASP E 466 -34.89 -4.03 -41.47
C ASP E 466 -33.69 -3.09 -41.42
N GLU E 467 -32.54 -3.54 -41.91
CA GLU E 467 -31.38 -2.66 -42.00
C GLU E 467 -31.67 -1.47 -42.90
N LEU E 468 -32.32 -1.72 -44.04
CA LEU E 468 -32.69 -0.64 -44.94
C LEU E 468 -33.65 0.33 -44.26
N MET E 469 -34.65 -0.20 -43.55
CA MET E 469 -35.61 0.66 -42.87
C MET E 469 -34.93 1.54 -41.83
N THR E 470 -34.05 0.95 -41.02
CA THR E 470 -33.36 1.70 -39.98
C THR E 470 -32.44 2.77 -40.59
N ILE E 471 -31.70 2.39 -41.64
CA ILE E 471 -30.80 3.35 -42.28
C ILE E 471 -31.59 4.50 -42.90
N LEU E 472 -32.73 4.19 -43.52
CA LEU E 472 -33.55 5.24 -44.11
C LEU E 472 -34.11 6.17 -43.04
N GLU E 473 -34.53 5.61 -41.90
CA GLU E 473 -35.00 6.46 -40.80
C GLU E 473 -33.89 7.37 -40.29
N LYS E 474 -32.68 6.81 -40.13
CA LYS E 474 -31.55 7.63 -39.69
C LYS E 474 -31.22 8.72 -40.70
N CYS E 475 -31.27 8.40 -41.99
CA CYS E 475 -31.04 9.43 -43.01
C CYS E 475 -32.11 10.51 -42.94
N PHE E 476 -33.37 10.12 -42.73
CA PHE E 476 -34.44 11.10 -42.63
C PHE E 476 -34.24 12.03 -41.44
N LYS E 477 -33.85 11.47 -40.28
CA LYS E 477 -33.61 12.31 -39.12
C LYS E 477 -32.37 13.19 -39.33
N VAL E 478 -31.38 12.72 -40.10
CA VAL E 478 -30.24 13.56 -40.44
C VAL E 478 -30.68 14.73 -41.31
N PHE E 479 -31.54 14.47 -42.29
CA PHE E 479 -32.06 15.56 -43.11
C PHE E 479 -32.83 16.56 -42.28
N LYS E 480 -33.67 16.08 -41.37
CA LYS E 480 -34.43 16.98 -40.51
C LYS E 480 -33.53 17.73 -39.54
N SER E 481 -32.35 17.17 -39.22
CA SER E 481 -31.45 17.82 -38.29
C SER E 481 -30.94 19.16 -38.81
N TYR E 482 -30.62 19.22 -40.10
CA TYR E 482 -30.00 20.39 -40.70
C TYR E 482 -31.01 21.09 -41.61
N CYS E 483 -31.19 22.39 -41.39
CA CYS E 483 -32.07 23.20 -42.21
C CYS E 483 -31.26 23.90 -43.30
N GLU E 484 -31.92 24.82 -44.03
CA GLU E 484 -31.29 25.53 -45.15
C GLU E 484 -30.70 24.56 -46.17
N ASN E 485 -31.40 23.45 -46.38
CA ASN E 485 -30.87 22.38 -47.22
C ASN E 485 -31.02 22.72 -48.69
N HIS E 486 -29.96 22.45 -49.45
CA HIS E 486 -30.01 22.51 -50.91
C HIS E 486 -30.51 21.20 -51.52
N LEU E 487 -30.79 20.20 -50.69
CA LEU E 487 -31.15 18.86 -51.15
C LEU E 487 -32.56 18.48 -50.71
N GLY E 488 -33.51 19.42 -50.78
CA GLY E 488 -34.87 19.12 -50.38
C GLY E 488 -35.54 18.11 -51.28
N SER E 489 -35.27 18.16 -52.58
CA SER E 489 -35.86 17.21 -53.52
C SER E 489 -35.41 15.78 -53.23
N THR E 490 -34.13 15.61 -52.88
CA THR E 490 -33.65 14.29 -52.51
C THR E 490 -34.34 13.80 -51.23
N ALA E 491 -34.59 14.71 -50.29
CA ALA E 491 -35.34 14.34 -49.09
C ALA E 491 -36.75 13.89 -49.45
N LYS E 492 -37.40 14.58 -50.38
CA LYS E 492 -38.71 14.15 -50.84
C LYS E 492 -38.64 12.78 -51.50
N ARG E 493 -37.61 12.54 -52.30
CA ARG E 493 -37.46 11.26 -52.98
C ARG E 493 -37.29 10.13 -51.98
N ILE E 494 -36.42 10.32 -50.99
CA ILE E 494 -36.22 9.26 -49.99
C ILE E 494 -37.46 9.10 -49.12
N GLU E 495 -38.21 10.19 -48.92
CA GLU E 495 -39.49 10.07 -48.22
C GLU E 495 -40.46 9.20 -49.01
N GLU E 496 -40.52 9.38 -50.32
CA GLU E 496 -41.31 8.49 -51.17
C GLU E 496 -40.80 7.05 -51.08
N PHE E 497 -39.48 6.87 -51.07
CA PHE E 497 -38.91 5.53 -50.95
C PHE E 497 -39.39 4.84 -49.67
N LEU E 498 -39.26 5.52 -48.54
CA LEU E 498 -39.61 4.90 -47.26
C LEU E 498 -41.11 4.70 -47.13
N ALA E 499 -41.91 5.67 -47.59
CA ALA E 499 -43.35 5.61 -47.39
C ALA E 499 -43.97 4.41 -48.10
N GLN E 500 -43.33 3.91 -49.15
CA GLN E 500 -43.86 2.76 -49.87
C GLN E 500 -43.84 1.49 -49.03
N PHE E 501 -43.04 1.46 -47.97
CA PHE E 501 -43.00 0.30 -47.08
C PHE E 501 -43.95 0.51 -45.90
N PHE E 549 -39.56 -7.36 -53.85
CA PHE E 549 -38.75 -6.85 -52.76
C PHE E 549 -37.39 -6.35 -53.25
N GLU E 550 -36.77 -7.15 -54.12
CA GLU E 550 -35.39 -6.89 -54.52
C GLU E 550 -35.26 -5.56 -55.25
N VAL E 551 -36.23 -5.25 -56.13
CA VAL E 551 -36.11 -4.06 -56.96
C VAL E 551 -36.12 -2.79 -56.13
N LEU E 552 -36.89 -2.76 -55.04
CA LEU E 552 -36.94 -1.57 -54.20
C LEU E 552 -35.60 -1.33 -53.51
N ARG E 553 -35.00 -2.39 -52.98
CA ARG E 553 -33.67 -2.27 -52.37
C ARG E 553 -32.64 -1.85 -53.41
N GLU E 554 -32.73 -2.40 -54.62
CA GLU E 554 -31.82 -2.00 -55.68
C GLU E 554 -31.99 -0.52 -56.01
N ASN E 555 -33.23 -0.03 -56.04
CA ASN E 555 -33.46 1.38 -56.35
C ASN E 555 -32.91 2.29 -55.27
N VAL E 556 -33.11 1.93 -53.99
CA VAL E 556 -32.58 2.81 -52.94
C VAL E 556 -31.06 2.75 -52.91
N VAL E 557 -30.47 1.59 -53.20
CA VAL E 557 -29.02 1.50 -53.35
C VAL E 557 -28.54 2.39 -54.49
N ASN E 558 -29.28 2.39 -55.61
CA ASN E 558 -28.95 3.28 -56.71
C ASN E 558 -29.03 4.74 -56.29
N PHE E 559 -30.03 5.08 -55.47
CA PHE E 559 -30.18 6.45 -54.99
C PHE E 559 -28.97 6.88 -54.17
N ILE E 560 -28.56 6.04 -53.21
CA ILE E 560 -27.43 6.41 -52.37
C ILE E 560 -26.14 6.44 -53.16
N ASP E 561 -25.99 5.53 -54.13
CA ASP E 561 -24.78 5.53 -54.95
C ASP E 561 -24.73 6.76 -55.84
N CYS E 562 -25.88 7.17 -56.39
CA CYS E 562 -25.94 8.42 -57.14
C CYS E 562 -25.61 9.61 -56.26
N LEU E 563 -26.08 9.59 -55.00
CA LEU E 563 -25.75 10.66 -54.06
C LEU E 563 -24.23 10.77 -53.87
N VAL E 564 -23.59 9.65 -53.55
CA VAL E 564 -22.17 9.67 -53.22
C VAL E 564 -21.34 10.00 -54.46
N ARG E 565 -21.81 9.62 -55.65
CA ARG E 565 -21.15 10.08 -56.86
C ARG E 565 -21.41 11.57 -57.10
N GLU E 566 -22.57 12.05 -56.66
CA GLU E 566 -23.02 13.39 -57.03
C GLU E 566 -22.29 14.46 -56.23
N TYR E 567 -22.00 14.20 -54.96
CA TYR E 567 -21.51 15.27 -54.09
C TYR E 567 -20.04 15.11 -53.70
N LEU E 568 -19.64 13.98 -53.13
CA LEU E 568 -18.29 13.86 -52.59
C LEU E 568 -17.25 13.93 -53.70
N LEU E 569 -16.15 14.63 -53.40
CA LEU E 569 -15.05 14.82 -54.36
C LEU E 569 -13.81 15.21 -53.57
N PRO E 570 -12.62 15.02 -54.16
CA PRO E 570 -11.43 15.61 -53.56
C PRO E 570 -11.49 17.12 -53.61
N PRO E 571 -10.87 17.81 -52.65
CA PRO E 571 -11.02 19.27 -52.61
C PRO E 571 -10.13 19.99 -53.61
N GLU E 572 -8.94 19.47 -53.90
CA GLU E 572 -8.00 20.18 -54.77
C GLU E 572 -8.47 20.20 -56.22
N THR E 573 -9.49 19.42 -56.57
CA THR E 573 -10.01 19.46 -57.94
C THR E 573 -10.52 20.85 -58.29
N GLN E 574 -11.22 21.49 -57.36
CA GLN E 574 -11.68 22.86 -57.55
C GLN E 574 -10.51 23.83 -57.36
N PRO E 575 -10.55 24.98 -58.03
CA PRO E 575 -9.40 25.90 -58.00
C PRO E 575 -9.41 26.78 -56.76
N LEU E 576 -8.31 27.52 -56.59
CA LEU E 576 -8.12 28.45 -55.47
C LEU E 576 -8.18 27.74 -54.12
N HIS E 577 -7.77 26.46 -54.10
CA HIS E 577 -7.77 25.71 -52.85
C HIS E 577 -6.58 26.08 -51.97
N GLU E 578 -5.43 26.35 -52.59
CA GLU E 578 -4.20 26.54 -51.84
C GLU E 578 -4.24 27.75 -50.92
N VAL E 579 -5.20 28.65 -51.11
CA VAL E 579 -5.38 29.75 -50.18
C VAL E 579 -5.73 29.24 -48.79
N VAL E 580 -6.60 28.24 -48.72
CA VAL E 580 -7.13 27.74 -47.46
C VAL E 580 -6.26 26.63 -46.87
N TYR E 581 -5.37 26.05 -47.68
CA TYR E 581 -4.71 24.80 -47.31
C TYR E 581 -3.22 25.02 -47.09
N PHE E 582 -2.65 24.16 -46.24
CA PHE E 582 -1.23 24.16 -45.94
C PHE E 582 -0.67 22.75 -46.06
N SER E 583 0.52 22.63 -46.62
CA SER E 583 1.21 21.34 -46.66
C SER E 583 2.71 21.59 -46.77
N ALA E 584 3.39 21.54 -45.62
CA ALA E 584 4.85 21.38 -45.55
C ALA E 584 5.07 20.29 -44.51
N ALA E 585 4.98 19.03 -44.96
CA ALA E 585 4.92 17.91 -44.03
C ALA E 585 6.20 17.78 -43.22
N HIS E 586 7.35 18.00 -43.88
CA HIS E 586 8.62 17.83 -43.19
C HIS E 586 8.79 18.81 -42.04
N ALA E 587 8.37 20.05 -42.23
CA ALA E 587 8.50 21.06 -41.17
C ALA E 587 7.78 20.61 -39.90
N LEU E 588 6.47 20.39 -40.00
CA LEU E 588 5.68 20.00 -38.83
C LEU E 588 6.15 18.66 -38.27
N ARG E 589 6.43 17.69 -39.14
CA ARG E 589 6.80 16.36 -38.69
C ARG E 589 8.12 16.37 -37.93
N GLU E 590 9.09 17.16 -38.40
CA GLU E 590 10.36 17.28 -37.71
C GLU E 590 10.24 18.14 -36.45
N HIS E 591 9.31 19.09 -36.45
CA HIS E 591 9.18 19.98 -35.30
C HIS E 591 8.52 19.28 -34.12
N LEU E 592 7.50 18.45 -34.38
CA LEU E 592 6.70 17.93 -33.27
C LEU E 592 7.23 16.62 -32.71
N ASN E 593 7.88 15.79 -33.53
CA ASN E 593 8.35 14.47 -33.09
C ASN E 593 9.80 14.27 -33.51
N ALA E 594 10.67 15.18 -33.10
CA ALA E 594 12.06 15.18 -33.54
C ALA E 594 12.80 13.95 -33.01
N ALA E 595 13.83 13.55 -33.75
CA ALA E 595 14.63 12.37 -33.42
C ALA E 595 16.05 12.80 -33.05
N PRO E 596 16.40 12.82 -31.76
CA PRO E 596 17.77 13.19 -31.40
C PRO E 596 18.81 12.17 -31.82
N ARG E 597 18.55 10.88 -31.56
CA ARG E 597 19.54 9.85 -31.86
C ARG E 597 19.82 9.76 -33.37
N ILE E 598 18.77 9.85 -34.18
CA ILE E 598 18.96 9.78 -35.63
C ILE E 598 19.80 10.97 -36.11
N ALA E 599 19.50 12.17 -35.61
CA ALA E 599 20.27 13.35 -36.01
C ALA E 599 21.72 13.23 -35.56
N LEU E 600 21.96 12.74 -34.34
CA LEU E 600 23.32 12.58 -33.86
C LEU E 600 24.10 11.59 -34.72
N HIS E 601 23.47 10.45 -35.05
CA HIS E 601 24.14 9.45 -35.87
C HIS E 601 24.41 10.00 -37.27
N THR E 602 23.47 10.75 -37.83
CA THR E 602 23.67 11.36 -39.13
C THR E 602 24.85 12.33 -39.10
N ALA E 603 24.94 13.14 -38.04
CA ALA E 603 26.03 14.11 -37.94
C ALA E 603 27.38 13.42 -37.73
N LEU E 604 27.39 12.31 -36.99
CA LEU E 604 28.64 11.65 -36.67
C LEU E 604 29.08 10.61 -37.70
N ASN E 605 28.22 10.27 -38.66
CA ASN E 605 28.60 9.28 -39.67
C ASN E 605 28.82 9.92 -41.04
N ASN E 606 27.93 10.82 -41.45
CA ASN E 606 27.97 11.41 -42.79
C ASN E 606 27.93 12.93 -42.66
N PRO E 607 29.09 13.56 -42.41
CA PRO E 607 29.13 15.02 -42.35
C PRO E 607 28.77 15.69 -43.66
N TYR E 608 28.91 14.97 -44.78
CA TYR E 608 28.60 15.53 -46.09
C TYR E 608 27.13 15.91 -46.23
N TYR E 609 26.27 15.32 -45.39
CA TYR E 609 24.83 15.57 -45.49
C TYR E 609 24.47 17.02 -45.24
N TYR E 610 25.32 17.76 -44.51
CA TYR E 610 25.14 19.19 -44.32
C TYR E 610 26.39 20.01 -44.61
N LEU E 611 27.53 19.38 -44.88
CA LEU E 611 28.74 20.04 -45.34
C LEU E 611 28.96 19.60 -46.78
N LYS E 612 28.51 20.42 -47.73
CA LYS E 612 28.49 20.06 -49.14
C LYS E 612 29.84 20.37 -49.76
N ASN E 613 30.79 19.46 -49.53
CA ASN E 613 32.13 19.59 -50.10
C ASN E 613 32.67 18.26 -50.59
N GLU E 614 31.77 17.31 -50.91
CA GLU E 614 32.15 15.99 -51.40
C GLU E 614 33.09 15.28 -50.42
N ALA E 615 32.80 15.44 -49.13
CA ALA E 615 33.59 14.76 -48.10
C ALA E 615 33.30 13.28 -48.02
N LEU E 616 32.21 12.81 -48.62
CA LEU E 616 31.87 11.39 -48.62
C LEU E 616 30.88 11.05 -49.72
N LYS E 617 31.20 10.05 -50.54
CA LYS E 617 30.28 9.52 -51.53
C LYS E 617 30.22 8.00 -51.56
N SER E 618 31.15 7.30 -50.92
CA SER E 618 31.16 5.84 -50.91
C SER E 618 31.21 5.31 -49.49
N ASN E 625 37.57 9.54 -43.37
CA ASN E 625 39.00 9.84 -43.46
C ASN E 625 39.23 11.35 -43.46
N ILE E 626 38.75 12.01 -44.49
CA ILE E 626 38.84 13.49 -44.58
C ILE E 626 37.57 14.03 -43.94
N ALA E 627 37.64 14.21 -42.63
CA ALA E 627 36.48 14.62 -41.83
C ALA E 627 36.98 15.26 -40.55
N PRO E 628 36.14 16.01 -39.85
CA PRO E 628 36.55 16.52 -38.53
C PRO E 628 36.83 15.38 -37.57
N ASP E 629 37.74 15.65 -36.63
CA ASP E 629 38.24 14.59 -35.74
C ASP E 629 37.13 13.99 -34.87
N ILE E 630 36.03 14.73 -34.66
CA ILE E 630 34.89 14.17 -33.96
C ILE E 630 34.38 12.93 -34.69
N CYS E 631 34.15 13.07 -36.00
CA CYS E 631 33.68 11.94 -36.80
C CYS E 631 34.73 10.84 -36.86
N ILE E 632 36.01 11.21 -36.96
CA ILE E 632 37.08 10.21 -37.01
C ILE E 632 37.05 9.35 -35.76
N ALA E 633 37.00 9.99 -34.58
CA ALA E 633 36.99 9.23 -33.34
C ALA E 633 35.73 8.38 -33.20
N TYR E 634 34.57 8.97 -33.53
CA TYR E 634 33.32 8.22 -33.39
C TYR E 634 33.30 7.01 -34.30
N LYS E 635 33.79 7.15 -35.53
CA LYS E 635 33.83 6.02 -36.45
C LYS E 635 34.86 4.99 -36.03
N LEU E 636 36.00 5.44 -35.48
CA LEU E 636 37.01 4.49 -35.03
C LEU E 636 36.52 3.70 -33.82
N HIS E 637 35.60 4.28 -33.04
CA HIS E 637 35.02 3.53 -31.94
C HIS E 637 34.30 2.28 -32.43
N LEU E 638 33.53 2.41 -33.50
CA LEU E 638 32.74 1.29 -34.02
C LEU E 638 33.41 0.67 -35.24
N ILE E 644 38.19 -1.11 -27.08
CA ILE E 644 38.83 0.10 -27.58
C ILE E 644 39.65 0.74 -26.47
N ASN E 645 40.77 0.12 -26.13
CA ASN E 645 41.65 0.66 -25.10
C ASN E 645 42.25 1.99 -25.56
N LEU E 646 42.52 2.87 -24.60
CA LEU E 646 42.89 4.24 -24.92
C LEU E 646 44.26 4.35 -25.56
N VAL E 647 45.21 3.50 -25.20
CA VAL E 647 46.55 3.60 -25.79
C VAL E 647 46.50 3.23 -27.27
N ASP E 648 45.87 2.10 -27.60
CA ASP E 648 45.76 1.69 -29.00
C ASP E 648 44.89 2.66 -29.78
N TRP E 649 43.80 3.12 -29.17
CA TRP E 649 42.94 4.10 -29.83
C TRP E 649 43.68 5.39 -30.12
N SER E 650 44.48 5.86 -29.15
CA SER E 650 45.26 7.08 -29.36
C SER E 650 46.30 6.90 -30.44
N GLU E 651 46.98 5.74 -30.48
CA GLU E 651 47.96 5.50 -31.53
C GLU E 651 47.30 5.48 -32.90
N ALA E 652 46.14 4.80 -33.01
CA ALA E 652 45.43 4.76 -34.28
C ALA E 652 44.95 6.15 -34.70
N PHE E 653 44.44 6.93 -33.74
CA PHE E 653 43.99 8.28 -34.04
C PHE E 653 45.14 9.15 -34.52
N ALA E 654 46.30 9.03 -33.88
CA ALA E 654 47.47 9.80 -34.29
C ALA E 654 47.92 9.42 -35.70
N THR E 655 47.99 8.11 -35.98
CA THR E 655 48.44 7.70 -37.30
C THR E 655 47.43 8.10 -38.37
N VAL E 656 46.13 8.07 -38.05
CA VAL E 656 45.13 8.48 -39.03
C VAL E 656 45.18 9.98 -39.28
N VAL E 657 45.34 10.78 -38.23
CA VAL E 657 45.37 12.22 -38.41
C VAL E 657 46.65 12.64 -39.12
N THR E 658 47.74 11.88 -38.95
CA THR E 658 48.95 12.17 -39.71
C THR E 658 48.80 11.74 -41.17
N ALA E 659 48.13 10.61 -41.42
CA ALA E 659 47.90 10.18 -42.80
C ALA E 659 47.02 11.17 -43.55
N ALA E 660 46.01 11.72 -42.86
CA ALA E 660 45.17 12.73 -43.49
C ALA E 660 45.95 13.99 -43.85
N GLU E 661 47.10 14.19 -43.21
CA GLU E 661 47.96 15.33 -43.51
C GLU E 661 49.09 14.93 -44.45
N MET E 673 57.52 18.60 -34.52
CA MET E 673 56.87 18.12 -33.32
C MET E 673 55.36 18.32 -33.41
N ASN E 674 54.60 17.23 -33.22
CA ASN E 674 53.15 17.26 -33.24
C ASN E 674 52.64 16.67 -31.93
N GLU E 675 52.55 17.52 -30.90
CA GLU E 675 51.95 17.15 -29.64
C GLU E 675 50.48 17.53 -29.56
N ILE E 676 50.03 18.44 -30.42
CA ILE E 676 48.65 18.91 -30.36
C ILE E 676 47.66 17.87 -30.85
N ILE E 677 48.13 16.82 -31.54
CA ILE E 677 47.24 15.72 -31.88
C ILE E 677 46.74 15.04 -30.61
N HIS E 678 47.61 14.93 -29.61
CA HIS E 678 47.19 14.43 -28.30
C HIS E 678 46.13 15.34 -27.69
N ALA E 679 46.30 16.65 -27.82
CA ALA E 679 45.32 17.59 -27.30
C ALA E 679 43.97 17.42 -27.99
N ARG E 680 43.98 17.28 -29.32
CA ARG E 680 42.74 17.06 -30.05
C ARG E 680 42.08 15.74 -29.62
N PHE E 681 42.89 14.70 -29.40
CA PHE E 681 42.36 13.43 -28.92
C PHE E 681 41.70 13.60 -27.55
N ILE E 682 42.35 14.36 -26.66
CA ILE E 682 41.78 14.59 -25.33
C ILE E 682 40.47 15.35 -25.44
N ARG E 683 40.43 16.38 -26.31
CA ARG E 683 39.20 17.15 -26.47
C ARG E 683 38.07 16.27 -27.01
N ALA E 684 38.37 15.43 -28.00
CA ALA E 684 37.35 14.54 -28.54
C ALA E 684 36.85 13.58 -27.47
N VAL E 685 37.76 13.01 -26.69
CA VAL E 685 37.36 12.08 -25.63
C VAL E 685 36.48 12.79 -24.61
N SER E 686 36.86 14.00 -24.21
CA SER E 686 36.09 14.72 -23.21
C SER E 686 34.70 15.08 -23.71
N GLU E 687 34.60 15.56 -24.96
CA GLU E 687 33.31 15.93 -25.50
C GLU E 687 32.43 14.70 -25.71
N LEU E 688 33.05 13.57 -26.06
CA LEU E 688 32.30 12.31 -26.14
C LEU E 688 31.79 11.90 -24.76
N GLU E 689 32.63 12.07 -23.73
CA GLU E 689 32.22 11.71 -22.37
C GLU E 689 31.06 12.58 -21.91
N LEU E 690 31.06 13.87 -22.28
CA LEU E 690 29.95 14.74 -21.91
C LEU E 690 28.64 14.22 -22.49
N LEU E 691 28.66 13.75 -23.73
CA LEU E 691 27.49 13.13 -24.33
C LEU E 691 27.22 11.77 -23.69
N GLY E 692 25.97 11.33 -23.77
CA GLY E 692 25.58 10.06 -23.20
C GLY E 692 26.04 8.86 -24.02
N PHE E 693 27.36 8.74 -24.18
CA PHE E 693 27.94 7.70 -25.02
C PHE E 693 28.84 6.74 -24.27
N ILE E 694 29.79 7.24 -23.48
CA ILE E 694 30.85 6.42 -22.92
C ILE E 694 30.91 6.60 -21.41
N LYS E 695 31.55 5.63 -20.75
CA LYS E 695 31.82 5.65 -19.32
C LYS E 695 33.12 4.89 -19.10
N PRO E 696 34.08 5.45 -18.37
CA PRO E 696 35.37 4.78 -18.19
C PRO E 696 35.22 3.44 -17.48
N THR E 697 36.03 2.46 -17.92
CA THR E 697 35.98 1.11 -17.38
C THR E 697 37.38 0.69 -16.94
N LYS E 698 37.44 -0.47 -16.28
CA LYS E 698 38.69 -0.98 -15.73
C LYS E 698 39.18 -2.28 -16.37
N GLN E 699 38.35 -2.95 -17.17
CA GLN E 699 38.81 -4.18 -17.83
C GLN E 699 39.98 -3.88 -18.76
N LYS E 700 39.88 -2.81 -19.52
CA LYS E 700 40.98 -2.22 -20.27
C LYS E 700 41.21 -0.81 -19.74
N THR E 701 42.06 -0.05 -20.43
CA THR E 701 42.20 1.36 -20.08
C THR E 701 40.84 2.05 -20.14
N ASP E 702 40.01 1.68 -21.13
CA ASP E 702 38.58 1.96 -21.14
C ASP E 702 37.95 1.11 -22.24
N HIS E 703 36.83 0.47 -21.91
CA HIS E 703 36.11 -0.36 -22.88
C HIS E 703 34.62 -0.27 -22.56
N VAL E 704 33.92 0.63 -23.24
CA VAL E 704 32.49 0.83 -23.05
C VAL E 704 31.82 0.91 -24.41
N ALA E 705 30.70 0.21 -24.57
CA ALA E 705 29.97 0.11 -25.82
C ALA E 705 28.47 0.28 -25.59
N ARG E 706 28.09 1.35 -24.90
CA ARG E 706 26.68 1.58 -24.59
C ARG E 706 25.81 1.65 -25.83
N LEU E 707 26.38 2.01 -26.97
CA LEU E 707 25.57 2.23 -28.17
C LEU E 707 25.01 0.92 -28.72
N THR E 708 25.89 0.02 -29.16
CA THR E 708 25.49 -1.25 -29.79
C THR E 708 24.50 -1.03 -30.92
N TRP E 709 24.71 0.00 -31.73
CA TRP E 709 23.81 0.28 -32.84
C TRP E 709 24.54 1.03 -33.96
N LEU F 17 -21.68 -25.95 50.07
CA LEU F 17 -22.25 -24.81 50.78
C LEU F 17 -21.56 -23.52 50.35
N SER F 18 -22.26 -22.40 50.49
CA SER F 18 -21.72 -21.12 50.03
C SER F 18 -20.51 -20.69 50.85
N GLN F 19 -20.53 -20.94 52.15
CA GLN F 19 -19.48 -20.43 53.03
C GLN F 19 -18.12 -21.01 52.67
N VAL F 20 -18.04 -22.33 52.49
CA VAL F 20 -16.77 -22.96 52.16
C VAL F 20 -16.29 -22.50 50.78
N GLN F 21 -17.22 -22.32 49.85
CA GLN F 21 -16.86 -21.84 48.51
C GLN F 21 -16.25 -20.44 48.59
N ARG F 22 -16.87 -19.56 49.38
CA ARG F 22 -16.32 -18.22 49.56
C ARG F 22 -14.96 -18.27 50.23
N ILE F 23 -14.79 -19.12 51.24
CA ILE F 23 -13.52 -19.22 51.94
C ILE F 23 -12.41 -19.64 50.98
N LEU F 24 -12.68 -20.67 50.16
CA LEU F 24 -11.65 -21.14 49.24
C LEU F 24 -11.39 -20.13 48.12
N ARG F 25 -12.44 -19.45 47.64
CA ARG F 25 -12.23 -18.41 46.64
C ARG F 25 -11.36 -17.29 47.18
N GLU F 26 -11.56 -16.91 48.43
CA GLU F 26 -10.69 -15.93 49.06
C GLU F 26 -9.29 -16.46 49.25
N ARG F 27 -9.16 -17.76 49.53
CA ARG F 27 -7.85 -18.35 49.79
C ARG F 27 -6.99 -18.37 48.53
N PHE F 28 -7.53 -18.87 47.43
CA PHE F 28 -6.71 -19.12 46.24
C PHE F 28 -6.63 -17.91 45.31
N CYS F 29 -7.77 -17.37 44.89
CA CYS F 29 -7.78 -16.36 43.86
C CYS F 29 -7.10 -15.07 44.32
N ARG F 30 -7.49 -14.57 45.49
CA ARG F 30 -6.89 -13.33 45.99
C ARG F 30 -5.51 -13.56 46.58
N GLN F 31 -5.17 -14.81 46.90
CA GLN F 31 -3.90 -15.15 47.57
C GLN F 31 -3.76 -14.40 48.89
N SER F 32 -4.81 -14.42 49.70
CA SER F 32 -4.81 -13.76 51.00
C SER F 32 -3.85 -14.49 51.95
N PRO F 33 -3.36 -13.79 52.97
CA PRO F 33 -2.40 -14.42 53.90
C PRO F 33 -3.01 -15.59 54.64
N HIS F 34 -2.17 -16.57 54.95
CA HIS F 34 -2.59 -17.75 55.71
C HIS F 34 -1.49 -18.13 56.69
N SER F 35 -1.90 -18.75 57.80
CA SER F 35 -0.96 -19.02 58.89
C SER F 35 0.07 -20.07 58.51
N ASN F 36 -0.30 -21.06 57.71
CA ASN F 36 0.60 -22.15 57.37
C ASN F 36 1.64 -21.69 56.36
N LEU F 37 2.91 -21.94 56.66
CA LEU F 37 4.01 -21.63 55.77
C LEU F 37 4.77 -22.92 55.44
N PHE F 38 5.34 -22.96 54.24
CA PHE F 38 5.90 -24.19 53.68
C PHE F 38 7.37 -23.97 53.29
N GLY F 39 8.27 -24.61 54.03
CA GLY F 39 9.68 -24.64 53.66
C GLY F 39 10.34 -23.28 53.61
N VAL F 40 9.90 -22.33 54.43
CA VAL F 40 10.46 -20.99 54.45
C VAL F 40 10.79 -20.59 55.88
N GLN F 41 11.03 -21.58 56.74
CA GLN F 41 11.25 -21.30 58.15
C GLN F 41 12.47 -20.39 58.36
N VAL F 42 13.61 -20.79 57.82
CA VAL F 42 14.84 -20.04 58.03
C VAL F 42 14.75 -18.66 57.37
N GLN F 43 14.28 -18.63 56.12
CA GLN F 43 14.22 -17.36 55.39
C GLN F 43 13.27 -16.38 56.05
N TYR F 44 12.06 -16.84 56.39
CA TYR F 44 11.12 -15.94 57.04
C TYR F 44 11.61 -15.52 58.42
N LYS F 45 12.21 -16.44 59.17
CA LYS F 45 12.75 -16.08 60.47
C LYS F 45 13.77 -14.96 60.34
N HIS F 46 14.69 -15.11 59.39
CA HIS F 46 15.71 -14.08 59.17
C HIS F 46 15.08 -12.76 58.74
N LEU F 47 14.11 -12.82 57.83
CA LEU F 47 13.51 -11.59 57.30
C LEU F 47 12.76 -10.84 58.40
N SER F 48 11.96 -11.56 59.18
CA SER F 48 11.22 -10.92 60.26
C SER F 48 12.16 -10.39 61.35
N GLU F 49 13.24 -11.13 61.64
CA GLU F 49 14.23 -10.65 62.60
C GLU F 49 14.86 -9.35 62.12
N LEU F 50 15.21 -9.27 60.84
CA LEU F 50 15.81 -8.04 60.31
C LEU F 50 14.80 -6.90 60.33
N LEU F 51 13.53 -7.18 60.03
CA LEU F 51 12.53 -6.13 60.12
C LEU F 51 12.39 -5.62 61.54
N LYS F 52 12.41 -6.53 62.52
CA LYS F 52 12.36 -6.10 63.92
C LYS F 52 13.58 -5.28 64.30
N ARG F 53 14.76 -5.65 63.80
CA ARG F 53 15.96 -4.88 64.05
C ARG F 53 15.83 -3.46 63.48
N THR F 54 15.32 -3.36 62.26
CA THR F 54 15.22 -2.05 61.61
C THR F 54 14.08 -1.22 62.19
N ALA F 55 13.11 -1.86 62.85
CA ALA F 55 12.01 -1.11 63.45
C ALA F 55 12.36 -0.64 64.85
N LEU F 56 12.75 -1.58 65.73
CA LEU F 56 13.05 -1.22 67.11
C LEU F 56 14.30 -0.35 67.21
N HIS F 57 15.17 -0.42 66.21
CA HIS F 57 16.42 0.33 66.21
C HIS F 57 16.54 1.14 64.93
N GLY F 58 17.45 2.11 64.95
CA GLY F 58 17.62 3.05 63.86
C GLY F 58 18.47 2.58 62.71
N GLU F 59 18.92 1.33 62.73
CA GLU F 59 19.76 0.82 61.65
C GLU F 59 18.96 0.68 60.36
N SER F 60 19.64 0.90 59.25
CA SER F 60 19.04 0.83 57.92
C SER F 60 19.71 -0.28 57.11
N ASN F 61 18.90 -1.03 56.37
CA ASN F 61 19.38 -2.17 55.59
C ASN F 61 18.64 -2.22 54.27
N SER F 62 19.21 -2.97 53.31
CA SER F 62 18.60 -3.18 52.01
C SER F 62 18.70 -4.65 51.65
N VAL F 63 17.58 -5.23 51.18
CA VAL F 63 17.50 -6.66 50.90
C VAL F 63 16.81 -6.88 49.56
N LEU F 64 17.28 -7.87 48.81
CA LEU F 64 16.61 -8.32 47.60
C LEU F 64 16.16 -9.76 47.76
N ILE F 65 14.90 -10.03 47.42
CA ILE F 65 14.35 -11.38 47.43
C ILE F 65 14.23 -11.83 45.98
N ILE F 66 15.03 -12.82 45.60
CA ILE F 66 15.10 -13.33 44.24
C ILE F 66 14.42 -14.69 44.19
N GLY F 67 13.53 -14.88 43.22
CA GLY F 67 12.86 -16.14 43.05
C GLY F 67 12.10 -16.23 41.74
N PRO F 68 11.76 -17.45 41.34
CA PRO F 68 10.89 -17.63 40.16
C PRO F 68 9.49 -17.11 40.44
N ARG F 69 8.82 -16.69 39.37
CA ARG F 69 7.52 -16.08 39.50
C ARG F 69 6.49 -17.08 40.05
N GLY F 70 5.62 -16.59 40.92
CA GLY F 70 4.61 -17.42 41.53
C GLY F 70 5.05 -18.20 42.75
N SER F 71 6.29 -18.02 43.20
CA SER F 71 6.81 -18.78 44.33
C SER F 71 6.45 -18.15 45.66
N GLY F 72 5.45 -17.27 45.68
CA GLY F 72 5.05 -16.64 46.91
C GLY F 72 6.06 -15.70 47.51
N LYS F 73 6.68 -14.85 46.69
CA LYS F 73 7.61 -13.84 47.21
C LYS F 73 6.90 -12.85 48.11
N THR F 74 5.70 -12.42 47.70
CA THR F 74 4.97 -11.39 48.42
C THR F 74 4.67 -11.82 49.85
N MET F 75 4.45 -13.12 50.06
CA MET F 75 3.96 -13.63 51.34
C MET F 75 4.95 -13.37 52.47
N LEU F 76 6.25 -13.54 52.19
CA LEU F 76 7.26 -13.35 53.22
C LEU F 76 7.18 -11.96 53.83
N ILE F 77 7.18 -10.94 52.97
CA ILE F 77 7.09 -9.56 53.44
C ILE F 77 5.72 -9.30 54.08
N ASN F 78 4.66 -9.78 53.43
CA ASN F 78 3.32 -9.51 53.92
C ASN F 78 3.08 -10.12 55.31
N HIS F 79 3.85 -11.15 55.65
CA HIS F 79 3.66 -11.80 56.94
C HIS F 79 4.64 -11.24 57.98
N ALA F 80 5.87 -10.92 57.56
CA ALA F 80 6.83 -10.34 58.50
C ALA F 80 6.48 -8.90 58.85
N LEU F 81 5.77 -8.18 57.98
CA LEU F 81 5.24 -6.87 58.37
C LEU F 81 4.19 -7.02 59.45
N LYS F 82 3.35 -8.05 59.34
CA LYS F 82 2.39 -8.34 60.41
C LYS F 82 3.11 -8.77 61.68
N GLU F 83 4.29 -9.37 61.55
CA GLU F 83 5.10 -9.73 62.71
C GLU F 83 5.46 -8.49 63.52
N LEU F 84 5.64 -7.37 62.85
CA LEU F 84 5.93 -6.11 63.53
C LEU F 84 4.70 -5.59 64.27
N VAL F 94 5.39 4.87 62.36
CA VAL F 94 5.90 3.97 61.34
C VAL F 94 5.00 4.01 60.11
N LEU F 95 5.58 4.34 58.96
CA LEU F 95 4.86 4.43 57.70
C LEU F 95 5.53 3.53 56.66
N GLN F 96 4.70 2.89 55.83
CA GLN F 96 5.17 1.97 54.82
C GLN F 96 4.83 2.52 53.44
N VAL F 97 5.77 2.37 52.51
CA VAL F 97 5.60 2.84 51.13
C VAL F 97 5.82 1.65 50.20
N HIS F 98 4.81 1.31 49.41
CA HIS F 98 4.89 0.23 48.44
C HIS F 98 4.99 0.82 47.04
N LEU F 99 6.01 0.39 46.30
CA LEU F 99 6.25 0.87 44.95
C LEU F 99 6.34 -0.31 44.00
N ASN F 100 5.52 -0.31 42.96
CA ASN F 100 5.53 -1.34 41.94
C ASN F 100 6.10 -0.75 40.65
N GLY F 101 6.95 -1.52 39.98
CA GLY F 101 7.62 -1.02 38.79
C GLY F 101 6.70 -0.75 37.62
N LEU F 102 5.46 -1.25 37.67
CA LEU F 102 4.55 -1.11 36.55
C LEU F 102 3.69 0.16 36.62
N LEU F 103 3.42 0.67 37.82
CA LEU F 103 2.59 1.86 37.93
C LEU F 103 3.40 3.13 37.68
N GLN F 104 4.53 3.27 38.36
CA GLN F 104 5.38 4.45 38.23
C GLN F 104 6.53 4.12 37.29
N ILE F 105 6.46 4.65 36.06
CA ILE F 105 7.48 4.38 35.04
C ILE F 105 8.50 5.51 34.92
N ASN F 106 8.22 6.68 35.49
CA ASN F 106 9.12 7.82 35.38
C ASN F 106 9.40 8.37 36.78
N ASP F 107 10.59 8.96 36.93
CA ASP F 107 11.01 9.46 38.23
C ASP F 107 10.07 10.52 38.77
N LYS F 108 9.48 11.34 37.90
CA LYS F 108 8.50 12.31 38.35
C LYS F 108 7.27 11.64 38.95
N ILE F 109 6.81 10.56 38.31
CA ILE F 109 5.67 9.82 38.84
C ILE F 109 6.00 9.22 40.20
N ALA F 110 7.21 8.66 40.33
CA ALA F 110 7.63 8.10 41.62
C ALA F 110 7.70 9.18 42.69
N LEU F 111 8.21 10.36 42.34
CA LEU F 111 8.28 11.46 43.30
C LEU F 111 6.88 11.89 43.71
N LYS F 112 5.95 11.98 42.76
CA LYS F 112 4.58 12.35 43.09
C LYS F 112 3.95 11.34 44.03
N GLU F 113 4.14 10.05 43.74
CA GLU F 113 3.56 9.01 44.61
C GLU F 113 4.19 9.03 46.00
N ILE F 114 5.51 9.24 46.08
CA ILE F 114 6.18 9.29 47.38
C ILE F 114 5.67 10.47 48.19
N THR F 115 5.55 11.63 47.56
CA THR F 115 5.06 12.81 48.27
C THR F 115 3.62 12.63 48.73
N ARG F 116 2.78 12.04 47.88
CA ARG F 116 1.37 11.88 48.22
C ARG F 116 1.19 10.85 49.34
N GLN F 117 1.91 9.72 49.27
CA GLN F 117 1.72 8.67 50.26
C GLN F 117 2.25 9.06 51.62
N LEU F 118 3.37 9.79 51.67
CA LEU F 118 3.98 10.19 52.93
C LEU F 118 3.23 11.32 53.62
N ASN F 119 2.15 11.82 53.00
CA ASN F 119 1.36 12.92 53.55
C ASN F 119 2.19 14.18 53.75
N LEU F 120 3.27 14.31 52.99
CA LEU F 120 4.10 15.51 52.98
C LEU F 120 3.85 16.37 51.74
N GLU F 121 2.83 16.05 50.96
CA GLU F 121 2.52 16.82 49.75
C GLU F 121 2.15 18.26 50.11
N ASN F 122 1.43 18.44 51.21
CA ASN F 122 1.11 19.78 51.68
C ASN F 122 2.38 20.54 52.07
N VAL F 123 3.33 19.86 52.70
CA VAL F 123 4.57 20.50 53.11
C VAL F 123 5.37 20.95 51.89
N VAL F 124 5.49 20.08 50.89
CA VAL F 124 6.25 20.41 49.69
C VAL F 124 5.39 21.23 48.74
N PRO F 153 10.92 6.27 61.47
CA PRO F 153 11.33 5.38 60.38
C PRO F 153 10.21 5.12 59.37
N VAL F 154 10.57 5.10 58.09
CA VAL F 154 9.62 4.87 57.00
C VAL F 154 10.11 3.68 56.20
N ILE F 155 9.19 2.78 55.85
CA ILE F 155 9.51 1.53 55.17
C ILE F 155 9.19 1.68 53.69
N PHE F 156 10.15 1.34 52.84
CA PHE F 156 9.97 1.35 51.40
C PHE F 156 9.86 -0.08 50.89
N ILE F 157 8.81 -0.35 50.13
CA ILE F 157 8.59 -1.64 49.50
C ILE F 157 8.65 -1.44 47.99
N LEU F 158 9.51 -2.19 47.32
CA LEU F 158 9.80 -1.99 45.89
C LEU F 158 9.44 -3.27 45.13
N ASP F 159 8.22 -3.32 44.62
CA ASP F 159 7.83 -4.39 43.71
C ASP F 159 8.38 -4.11 42.32
N GLU F 160 8.75 -5.18 41.62
CA GLU F 160 9.37 -5.10 40.29
C GLU F 160 10.61 -4.20 40.33
N PHE F 161 11.59 -4.65 41.13
CA PHE F 161 12.78 -3.85 41.37
C PHE F 161 13.64 -3.76 40.10
N ASP F 162 13.70 -4.83 39.32
CA ASP F 162 14.58 -4.88 38.17
C ASP F 162 14.28 -3.76 37.17
N LEU F 163 13.00 -3.44 36.97
CA LEU F 163 12.64 -2.37 36.04
C LEU F 163 13.26 -1.04 36.45
N PHE F 164 13.47 -0.83 37.75
CA PHE F 164 14.08 0.40 38.22
C PHE F 164 15.54 0.52 37.79
N ALA F 165 16.17 -0.57 37.39
CA ALA F 165 17.51 -0.50 36.82
C ALA F 165 17.51 -0.08 35.36
N HIS F 166 16.33 0.03 34.75
CA HIS F 166 16.22 0.39 33.33
C HIS F 166 15.96 1.87 33.12
N HIS F 167 15.93 2.67 34.18
CA HIS F 167 15.70 4.09 34.03
C HIS F 167 16.93 4.79 33.45
N LYS F 168 16.76 6.07 33.14
CA LYS F 168 17.81 6.81 32.43
C LYS F 168 19.10 6.88 33.23
N ASN F 169 19.00 7.15 34.52
CA ASN F 169 20.18 7.30 35.36
C ASN F 169 20.12 6.49 36.66
N GLN F 170 19.05 5.72 36.87
CA GLN F 170 18.82 5.02 38.13
C GLN F 170 18.87 5.98 39.32
N THR F 171 18.34 7.18 39.11
CA THR F 171 18.43 8.24 40.11
C THR F 171 17.71 7.85 41.39
N LEU F 172 16.51 7.28 41.26
CA LEU F 172 15.74 6.90 42.45
C LEU F 172 16.47 5.84 43.27
N LEU F 173 17.00 4.82 42.59
CA LEU F 173 17.73 3.77 43.30
C LEU F 173 18.99 4.32 43.95
N TYR F 174 19.73 5.18 43.25
CA TYR F 174 20.95 5.76 43.80
C TYR F 174 20.63 6.59 45.04
N ASN F 175 19.59 7.43 44.96
CA ASN F 175 19.22 8.24 46.12
C ASN F 175 18.75 7.39 47.29
N LEU F 176 17.96 6.35 47.01
CA LEU F 176 17.52 5.46 48.09
C LEU F 176 18.69 4.75 48.75
N PHE F 177 19.64 4.26 47.95
CA PHE F 177 20.83 3.63 48.52
C PHE F 177 21.63 4.62 49.36
N ASP F 178 21.78 5.85 48.87
CA ASP F 178 22.55 6.85 49.60
C ASP F 178 21.89 7.17 50.94
N ILE F 179 20.57 7.41 50.94
CA ILE F 179 19.90 7.77 52.18
C ILE F 179 19.87 6.59 53.14
N SER F 180 19.77 5.37 52.61
CA SER F 180 19.84 4.19 53.47
C SER F 180 21.22 4.08 54.12
N GLN F 181 22.29 4.33 53.36
CA GLN F 181 23.63 4.14 53.88
C GLN F 181 24.07 5.28 54.81
N SER F 182 23.59 6.50 54.58
CA SER F 182 24.12 7.67 55.26
C SER F 182 23.13 8.35 56.18
N ALA F 183 21.90 8.60 55.71
CA ALA F 183 20.95 9.39 56.50
C ALA F 183 20.63 8.71 57.82
N GLN F 184 20.55 9.52 58.88
CA GLN F 184 20.30 8.98 60.21
C GLN F 184 18.89 8.43 60.35
N THR F 185 17.97 8.91 59.52
CA THR F 185 16.59 8.43 59.59
C THR F 185 16.54 6.96 59.18
N PRO F 186 15.88 6.10 59.96
CA PRO F 186 15.87 4.67 59.63
C PRO F 186 14.98 4.39 58.42
N ILE F 187 15.57 3.79 57.39
CA ILE F 187 14.85 3.45 56.17
C ILE F 187 15.20 2.01 55.81
N ALA F 188 14.18 1.20 55.57
CA ALA F 188 14.35 -0.20 55.18
C ALA F 188 13.80 -0.37 53.77
N VAL F 189 14.63 -0.93 52.87
CA VAL F 189 14.26 -1.12 51.48
C VAL F 189 14.44 -2.59 51.13
N ILE F 190 13.38 -3.20 50.62
CA ILE F 190 13.41 -4.58 50.16
C ILE F 190 12.81 -4.63 48.76
N GLY F 191 13.48 -5.30 47.85
CA GLY F 191 13.07 -5.40 46.46
C GLY F 191 12.70 -6.83 46.10
N LEU F 192 11.83 -6.97 45.10
CA LEU F 192 11.38 -8.26 44.61
C LEU F 192 11.97 -8.49 43.23
N THR F 193 12.53 -9.68 43.01
CA THR F 193 13.30 -9.94 41.80
C THR F 193 12.96 -11.33 41.26
N CYS F 194 12.80 -11.39 39.94
CA CYS F 194 12.66 -12.64 39.21
C CYS F 194 13.90 -13.02 38.42
N ARG F 195 14.65 -12.04 37.91
CA ARG F 195 15.88 -12.32 37.18
C ARG F 195 16.98 -12.74 38.15
N LEU F 196 17.75 -13.75 37.75
CA LEU F 196 18.87 -14.19 38.56
C LEU F 196 20.14 -13.36 38.32
N ASP F 197 20.11 -12.44 37.37
CA ASP F 197 21.24 -11.56 37.09
C ASP F 197 20.96 -10.13 37.55
N ILE F 198 20.28 -9.97 38.68
CA ILE F 198 19.95 -8.64 39.17
C ILE F 198 21.21 -7.88 39.57
N LEU F 199 22.30 -8.59 39.86
CA LEU F 199 23.56 -7.95 40.23
C LEU F 199 24.29 -7.37 39.04
N GLU F 200 23.84 -7.59 37.81
CA GLU F 200 24.53 -7.08 36.64
C GLU F 200 23.74 -6.04 35.85
N LEU F 201 22.49 -5.77 36.20
CA LEU F 201 21.73 -4.68 35.61
C LEU F 201 21.95 -3.36 36.33
N LEU F 202 22.78 -3.34 37.36
CA LEU F 202 22.99 -2.14 38.16
C LEU F 202 24.34 -1.51 37.83
N GLU F 203 24.42 -0.19 38.04
CA GLU F 203 25.66 0.53 37.83
C GLU F 203 26.67 0.19 38.92
N LYS F 204 27.94 0.53 38.67
CA LYS F 204 29.00 0.18 39.61
C LYS F 204 28.81 0.86 40.96
N ARG F 205 28.49 2.15 40.96
CA ARG F 205 28.41 2.89 42.21
C ARG F 205 27.18 2.48 43.04
N VAL F 206 26.04 2.34 42.38
CA VAL F 206 24.84 1.91 43.10
C VAL F 206 25.03 0.49 43.64
N LYS F 207 25.80 -0.33 42.94
CA LYS F 207 26.15 -1.64 43.49
C LYS F 207 27.10 -1.50 44.68
N SER F 208 27.98 -0.51 44.63
CA SER F 208 28.88 -0.27 45.76
C SER F 208 28.10 0.10 47.02
N ARG F 209 27.11 0.98 46.89
CA ARG F 209 26.26 1.30 48.03
C ARG F 209 25.21 0.24 48.31
N PHE F 210 24.93 -0.67 47.38
CA PHE F 210 23.95 -1.72 47.61
C PHE F 210 24.49 -2.74 48.59
N SER F 211 23.82 -2.90 49.72
CA SER F 211 24.18 -3.94 50.67
C SER F 211 23.77 -5.31 50.12
N HIS F 212 24.71 -6.25 50.14
CA HIS F 212 24.52 -7.55 49.49
C HIS F 212 23.75 -8.50 50.42
N ARG F 213 22.49 -8.14 50.68
CA ARG F 213 21.58 -8.98 51.45
C ARG F 213 20.62 -9.66 50.48
N GLN F 214 20.74 -10.98 50.36
CA GLN F 214 20.04 -11.76 49.35
C GLN F 214 19.20 -12.83 50.02
N ILE F 215 17.96 -12.97 49.58
CA ILE F 215 17.09 -14.07 49.97
C ILE F 215 16.74 -14.82 48.69
N HIS F 216 16.81 -16.15 48.73
CA HIS F 216 16.58 -16.99 47.57
C HIS F 216 15.35 -17.85 47.85
N LEU F 217 14.29 -17.66 47.04
CA LEU F 217 13.05 -18.42 47.22
C LEU F 217 12.96 -19.46 46.12
N MET F 218 13.54 -20.62 46.39
CA MET F 218 13.39 -21.76 45.49
C MET F 218 12.38 -22.76 46.06
N ASN F 219 11.91 -23.66 45.20
CA ASN F 219 10.96 -24.70 45.60
C ASN F 219 11.70 -25.98 45.94
N SER F 220 12.50 -25.90 47.01
CA SER F 220 13.35 -27.01 47.43
C SER F 220 12.58 -27.93 48.37
N PHE F 221 11.65 -28.67 47.78
CA PHE F 221 10.90 -29.68 48.53
C PHE F 221 10.50 -30.81 47.59
N GLY F 222 10.54 -32.03 48.12
CA GLY F 222 10.32 -33.22 47.32
C GLY F 222 8.86 -33.51 47.07
N PHE F 223 8.63 -34.60 46.34
CA PHE F 223 7.27 -34.98 45.97
C PHE F 223 6.39 -35.33 47.17
N PRO F 224 6.85 -36.12 48.16
CA PRO F 224 5.98 -36.35 49.34
C PRO F 224 5.63 -35.06 50.06
N GLN F 225 6.55 -34.10 50.10
CA GLN F 225 6.21 -32.80 50.66
C GLN F 225 5.16 -32.10 49.82
N TYR F 226 5.23 -32.26 48.50
CA TYR F 226 4.17 -31.74 47.63
C TYR F 226 2.84 -32.40 47.95
N VAL F 227 2.87 -33.69 48.27
CA VAL F 227 1.64 -34.39 48.66
C VAL F 227 1.09 -33.81 49.95
N LYS F 228 1.95 -33.55 50.93
CA LYS F 228 1.51 -32.92 52.17
C LYS F 228 0.93 -31.54 51.91
N ILE F 229 1.57 -30.78 51.02
CA ILE F 229 1.09 -29.44 50.69
C ILE F 229 -0.28 -29.51 50.05
N PHE F 230 -0.47 -30.43 49.10
CA PHE F 230 -1.78 -30.58 48.47
C PHE F 230 -2.84 -30.98 49.48
N LYS F 231 -2.50 -31.91 50.38
CA LYS F 231 -3.45 -32.33 51.40
C LYS F 231 -3.85 -31.17 52.30
N GLU F 232 -2.87 -30.36 52.72
CA GLU F 232 -3.16 -29.28 53.67
C GLU F 232 -3.91 -28.14 52.99
N GLN F 233 -3.59 -27.85 51.73
CA GLN F 233 -4.13 -26.65 51.08
C GLN F 233 -5.63 -26.76 50.82
N LEU F 234 -6.15 -27.98 50.70
CA LEU F 234 -7.56 -28.20 50.41
C LEU F 234 -8.33 -28.64 51.66
N SER F 235 -7.98 -28.08 52.81
CA SER F 235 -8.56 -28.46 54.09
C SER F 235 -9.23 -27.25 54.73
N LEU F 236 -10.45 -27.44 55.22
CA LEU F 236 -11.15 -26.38 55.91
C LEU F 236 -10.50 -26.11 57.28
N PRO F 237 -10.50 -24.86 57.73
CA PRO F 237 -9.96 -24.55 59.07
C PRO F 237 -10.91 -24.93 60.18
N ALA F 238 -10.54 -24.61 61.42
CA ALA F 238 -11.36 -24.92 62.58
C ALA F 238 -12.32 -23.81 62.95
N GLU F 239 -12.36 -22.73 62.18
CA GLU F 239 -13.24 -21.59 62.46
C GLU F 239 -14.56 -21.68 61.69
N PHE F 240 -14.78 -22.75 60.94
CA PHE F 240 -16.02 -22.87 60.18
C PHE F 240 -17.20 -23.06 61.13
N PRO F 241 -18.37 -22.50 60.80
CA PRO F 241 -19.53 -22.66 61.71
C PRO F 241 -19.96 -24.10 61.90
N ASP F 242 -20.22 -24.82 60.81
CA ASP F 242 -20.69 -26.21 60.89
C ASP F 242 -19.48 -27.11 61.09
N LYS F 243 -19.37 -27.73 62.28
CA LYS F 243 -18.18 -28.48 62.66
C LYS F 243 -18.19 -29.92 62.14
N VAL F 244 -19.33 -30.60 62.20
CA VAL F 244 -19.40 -31.98 61.73
C VAL F 244 -19.09 -32.05 60.25
N PHE F 245 -19.62 -31.10 59.47
CA PHE F 245 -19.29 -31.05 58.05
C PHE F 245 -17.82 -30.75 57.84
N ALA F 246 -17.22 -29.94 58.72
CA ALA F 246 -15.78 -29.67 58.61
C ALA F 246 -14.97 -30.95 58.81
N GLU F 247 -15.33 -31.73 59.82
CA GLU F 247 -14.63 -32.98 60.07
C GLU F 247 -14.82 -33.96 58.92
N LYS F 248 -16.04 -34.03 58.38
CA LYS F 248 -16.28 -34.92 57.24
C LYS F 248 -15.51 -34.47 56.01
N TRP F 249 -15.42 -33.15 55.79
CA TRP F 249 -14.63 -32.62 54.67
C TRP F 249 -13.16 -32.97 54.82
N ASN F 250 -12.63 -32.86 56.05
CA ASN F 250 -11.24 -33.25 56.28
C ASN F 250 -11.06 -34.74 56.05
N GLU F 251 -12.03 -35.56 56.45
CA GLU F 251 -11.95 -36.99 56.17
C GLU F 251 -11.94 -37.25 54.66
N ASN F 252 -12.77 -36.53 53.91
CA ASN F 252 -12.84 -36.72 52.47
C ASN F 252 -11.54 -36.32 51.79
N VAL F 253 -10.94 -35.20 52.20
CA VAL F 253 -9.66 -34.82 51.60
C VAL F 253 -8.57 -35.80 52.00
N GLN F 254 -8.63 -36.32 53.23
CA GLN F 254 -7.72 -37.39 53.64
C GLN F 254 -7.83 -38.57 52.70
N TYR F 255 -9.05 -39.00 52.41
CA TYR F 255 -9.24 -40.14 51.50
C TYR F 255 -8.75 -39.83 50.10
N LEU F 256 -9.02 -38.62 49.62
CA LEU F 256 -8.54 -38.22 48.30
C LEU F 256 -7.03 -38.14 48.23
N SER F 257 -6.36 -37.99 49.37
CA SER F 257 -4.90 -37.85 49.36
C SER F 257 -4.22 -39.09 48.78
N GLU F 258 -4.67 -40.29 49.16
CA GLU F 258 -3.98 -41.51 48.75
C GLU F 258 -4.53 -42.13 47.47
N ASP F 259 -5.55 -41.55 46.86
CA ASP F 259 -6.08 -42.09 45.61
C ASP F 259 -5.04 -41.94 44.50
N ARG F 260 -4.68 -43.07 43.87
CA ARG F 260 -3.55 -43.06 42.96
C ARG F 260 -3.85 -42.32 41.65
N SER F 261 -5.11 -42.23 41.24
CA SER F 261 -5.44 -41.42 40.07
C SER F 261 -5.22 -39.94 40.35
N VAL F 262 -5.46 -39.53 41.60
CA VAL F 262 -5.07 -38.18 42.01
C VAL F 262 -3.55 -38.03 42.00
N GLN F 263 -2.83 -39.08 42.39
CA GLN F 263 -1.37 -39.04 42.36
C GLN F 263 -0.86 -38.90 40.94
N GLU F 264 -1.58 -39.44 39.95
CA GLU F 264 -1.23 -39.23 38.56
C GLU F 264 -1.24 -37.74 38.21
N VAL F 265 -2.32 -37.06 38.55
CA VAL F 265 -2.44 -35.61 38.28
C VAL F 265 -1.34 -34.86 39.00
N LEU F 266 -1.11 -35.20 40.27
CA LEU F 266 -0.09 -34.49 41.05
C LEU F 266 1.29 -34.70 40.47
N GLN F 267 1.63 -35.93 40.07
CA GLN F 267 2.93 -36.18 39.47
C GLN F 267 3.08 -35.43 38.15
N LYS F 268 2.02 -35.39 37.33
CA LYS F 268 2.10 -34.71 36.05
C LYS F 268 2.34 -33.21 36.24
N HIS F 269 1.52 -32.57 37.09
CA HIS F 269 1.68 -31.14 37.30
C HIS F 269 2.91 -30.81 38.15
N PHE F 270 3.47 -31.80 38.85
CA PHE F 270 4.75 -31.59 39.52
C PHE F 270 5.89 -31.59 38.52
N ASN F 271 5.82 -32.50 37.54
CA ASN F 271 6.81 -32.49 36.46
C ASN F 271 6.72 -31.20 35.66
N ILE F 272 5.49 -30.72 35.40
CA ILE F 272 5.32 -29.49 34.65
C ILE F 272 5.89 -28.31 35.42
N SER F 273 5.35 -28.05 36.61
CA SER F 273 5.72 -26.84 37.35
C SER F 273 5.41 -26.95 38.84
N LYS F 274 6.46 -26.93 39.68
CA LYS F 274 6.28 -26.91 41.12
C LYS F 274 5.77 -25.57 41.65
N ASN F 275 5.72 -24.54 40.81
CA ASN F 275 5.25 -23.23 41.25
C ASN F 275 3.84 -23.34 41.80
N LEU F 276 3.65 -22.84 43.02
CA LEU F 276 2.39 -23.04 43.72
C LEU F 276 1.24 -22.28 43.08
N ARG F 277 1.52 -21.27 42.25
CA ARG F 277 0.45 -20.55 41.57
C ARG F 277 -0.31 -21.48 40.64
N SER F 278 0.40 -22.33 39.91
CA SER F 278 -0.26 -23.31 39.05
C SER F 278 -1.12 -24.26 39.85
N LEU F 279 -0.62 -24.71 41.01
CA LEU F 279 -1.40 -25.61 41.85
C LEU F 279 -2.66 -24.93 42.38
N HIS F 280 -2.56 -23.65 42.76
CA HIS F 280 -3.75 -22.93 43.20
C HIS F 280 -4.75 -22.79 42.07
N MET F 281 -4.27 -22.50 40.86
CA MET F 281 -5.18 -22.46 39.71
C MET F 281 -5.86 -23.81 39.50
N LEU F 282 -5.09 -24.89 39.63
CA LEU F 282 -5.65 -26.23 39.47
C LEU F 282 -6.72 -26.49 40.52
N LEU F 283 -6.45 -26.14 41.78
CA LEU F 283 -7.42 -26.37 42.83
C LEU F 283 -8.68 -25.56 42.62
N MET F 284 -8.54 -24.30 42.18
CA MET F 284 -9.71 -23.47 41.91
C MET F 284 -10.55 -24.06 40.78
N LEU F 285 -9.89 -24.46 39.69
CA LEU F 285 -10.62 -25.04 38.57
C LEU F 285 -11.33 -26.32 38.97
N ALA F 286 -10.67 -27.16 39.79
CA ALA F 286 -11.31 -28.37 40.27
C ALA F 286 -12.50 -28.06 41.17
N LEU F 287 -12.33 -27.10 42.09
CA LEU F 287 -13.40 -26.73 42.99
C LEU F 287 -14.59 -26.13 42.25
N ASN F 288 -14.37 -25.58 41.06
CA ASN F 288 -15.48 -25.04 40.28
C ASN F 288 -16.53 -26.09 39.93
N ARG F 289 -16.17 -27.38 40.00
CA ARG F 289 -17.08 -28.47 39.66
C ARG F 289 -17.74 -29.08 40.89
N VAL F 290 -18.01 -28.28 41.92
CA VAL F 290 -18.60 -28.76 43.16
C VAL F 290 -19.86 -27.94 43.45
N THR F 291 -21.00 -28.62 43.53
CA THR F 291 -22.25 -27.99 43.93
C THR F 291 -22.95 -28.87 44.97
N ALA F 292 -24.20 -28.54 45.29
CA ALA F 292 -24.95 -29.37 46.23
C ALA F 292 -25.16 -30.77 45.67
N SER F 293 -25.43 -30.88 44.37
CA SER F 293 -25.62 -32.18 43.75
C SER F 293 -24.35 -33.01 43.73
N HIS F 294 -23.19 -32.39 43.92
CA HIS F 294 -21.90 -33.08 43.96
C HIS F 294 -21.20 -32.66 45.24
N PRO F 295 -21.65 -33.18 46.39
CA PRO F 295 -21.21 -32.63 47.68
C PRO F 295 -19.72 -32.79 47.95
N PHE F 296 -19.04 -33.72 47.30
CA PHE F 296 -17.64 -33.97 47.58
C PHE F 296 -16.85 -34.05 46.28
N MET F 297 -15.56 -33.71 46.37
CA MET F 297 -14.67 -33.79 45.23
C MET F 297 -14.24 -35.24 44.99
N THR F 298 -14.00 -35.56 43.73
CA THR F 298 -13.65 -36.92 43.34
C THR F 298 -12.42 -36.88 42.44
N ALA F 299 -11.70 -38.01 42.42
CA ALA F 299 -10.47 -38.11 41.63
C ALA F 299 -10.71 -37.79 40.16
N VAL F 300 -11.88 -38.17 39.64
CA VAL F 300 -12.19 -37.90 38.24
C VAL F 300 -12.23 -36.39 37.99
N ASP F 301 -12.67 -35.61 38.97
CA ASP F 301 -12.65 -34.17 38.82
C ASP F 301 -11.23 -33.64 38.69
N LEU F 302 -10.30 -34.17 39.49
CA LEU F 302 -8.92 -33.73 39.40
C LEU F 302 -8.30 -34.14 38.07
N MET F 303 -8.66 -35.33 37.58
CA MET F 303 -8.19 -35.74 36.25
C MET F 303 -8.72 -34.79 35.18
N GLU F 304 -9.99 -34.42 35.27
CA GLU F 304 -10.57 -33.50 34.30
C GLU F 304 -9.87 -32.15 34.34
N ALA F 305 -9.62 -31.63 35.54
CA ALA F 305 -8.95 -30.34 35.67
C ALA F 305 -7.53 -30.40 35.11
N SER F 306 -6.81 -31.48 35.40
CA SER F 306 -5.45 -31.63 34.89
C SER F 306 -5.44 -31.68 33.37
N GLN F 307 -6.40 -32.41 32.78
CA GLN F 307 -6.46 -32.45 31.32
C GLN F 307 -6.82 -31.09 30.75
N LEU F 308 -7.75 -30.36 31.39
CA LEU F 308 -8.16 -29.05 30.91
C LEU F 308 -7.06 -28.01 31.08
N CYS F 309 -6.09 -28.25 31.96
CA CYS F 309 -5.01 -27.28 32.17
C CYS F 309 -3.85 -27.47 31.20
N SER F 310 -3.77 -28.61 30.51
CA SER F 310 -2.61 -28.94 29.70
C SER F 310 -2.97 -29.36 28.29
N MET F 311 -3.85 -28.61 27.62
CA MET F 311 -4.17 -28.86 26.22
C MET F 311 -3.41 -27.88 25.34
N ASP F 312 -2.89 -28.38 24.22
CA ASP F 312 -2.05 -27.58 23.34
C ASP F 312 -2.91 -26.71 22.42
N SER F 313 -2.49 -25.45 22.25
CA SER F 313 -3.25 -24.50 21.47
C SER F 313 -3.01 -24.65 19.97
N LYS F 314 -1.80 -25.03 19.56
CA LYS F 314 -1.50 -25.15 18.13
C LYS F 314 -2.32 -26.26 17.49
N ALA F 315 -2.41 -27.41 18.16
CA ALA F 315 -3.24 -28.49 17.64
C ALA F 315 -4.70 -28.07 17.55
N ASN F 316 -5.17 -27.31 18.53
CA ASN F 316 -6.55 -26.83 18.51
C ASN F 316 -6.79 -25.89 17.33
N ILE F 317 -5.84 -24.97 17.08
CA ILE F 317 -5.97 -24.06 15.95
C ILE F 317 -6.00 -24.83 14.64
N VAL F 318 -5.10 -25.81 14.48
CA VAL F 318 -5.09 -26.60 13.26
C VAL F 318 -6.41 -27.35 13.11
N HIS F 319 -6.94 -27.87 14.22
CA HIS F 319 -8.26 -28.48 14.20
C HIS F 319 -9.34 -27.47 13.80
N GLY F 320 -9.10 -26.18 14.00
CA GLY F 320 -10.04 -25.18 13.58
C GLY F 320 -9.98 -24.79 12.13
N LEU F 321 -9.06 -25.35 11.35
CA LEU F 321 -8.86 -24.93 9.98
C LEU F 321 -9.92 -25.54 9.06
N SER F 322 -9.73 -25.38 7.76
CA SER F 322 -10.64 -25.90 6.74
C SER F 322 -9.89 -26.81 5.77
N VAL F 323 -10.62 -27.31 4.77
CA VAL F 323 -10.06 -28.31 3.87
C VAL F 323 -8.91 -27.74 3.06
N LEU F 324 -9.12 -26.58 2.44
CA LEU F 324 -8.08 -25.98 1.61
C LEU F 324 -6.85 -25.64 2.43
N GLU F 325 -7.04 -25.17 3.66
CA GLU F 325 -5.90 -24.87 4.52
C GLU F 325 -5.11 -26.14 4.81
N ILE F 326 -5.81 -27.25 5.07
CA ILE F 326 -5.13 -28.51 5.34
C ILE F 326 -4.33 -28.97 4.11
N CYS F 327 -4.95 -28.86 2.92
CA CYS F 327 -4.24 -29.25 1.71
C CYS F 327 -3.00 -28.38 1.49
N LEU F 328 -3.15 -27.07 1.69
CA LEU F 328 -2.01 -26.17 1.53
C LEU F 328 -0.92 -26.48 2.54
N ILE F 329 -1.30 -26.86 3.76
CA ILE F 329 -0.32 -27.20 4.78
C ILE F 329 0.41 -28.49 4.42
N ILE F 330 -0.31 -29.47 3.87
CA ILE F 330 0.34 -30.70 3.44
C ILE F 330 1.35 -30.40 2.32
N ALA F 331 0.93 -29.58 1.36
CA ALA F 331 1.85 -29.17 0.29
C ALA F 331 3.05 -28.42 0.86
N MET F 332 2.81 -27.58 1.86
CA MET F 332 3.88 -26.84 2.51
C MET F 332 4.86 -27.78 3.18
N LYS F 333 4.34 -28.80 3.87
CA LYS F 333 5.21 -29.78 4.51
C LYS F 333 6.04 -30.53 3.47
N HIS F 334 5.42 -30.89 2.35
CA HIS F 334 6.16 -31.55 1.29
C HIS F 334 7.29 -30.68 0.77
N LEU F 335 7.00 -29.40 0.50
CA LEU F 335 8.01 -28.50 -0.02
C LEU F 335 9.15 -28.30 0.98
N ASN F 336 8.80 -28.15 2.26
CA ASN F 336 9.84 -28.03 3.28
C ASN F 336 10.67 -29.29 3.37
N ASP F 337 10.06 -30.45 3.19
CA ASP F 337 10.81 -31.70 3.19
C ASP F 337 11.79 -31.75 2.03
N ILE F 338 11.33 -31.39 0.83
CA ILE F 338 12.21 -31.43 -0.34
C ILE F 338 13.29 -30.37 -0.23
N TYR F 339 12.90 -29.13 0.10
CA TYR F 339 13.85 -28.03 0.29
C TYR F 339 14.13 -27.90 1.77
N GLU F 340 15.23 -28.53 2.21
CA GLU F 340 15.53 -28.63 3.64
C GLU F 340 15.80 -27.24 4.21
N GLU F 341 14.86 -26.73 5.00
CA GLU F 341 15.02 -25.49 5.76
C GLU F 341 15.36 -24.32 4.84
N GLU F 342 14.62 -24.20 3.74
CA GLU F 342 14.75 -23.05 2.86
C GLU F 342 13.37 -22.53 2.49
N PRO F 343 13.24 -21.20 2.30
CA PRO F 343 11.91 -20.61 2.11
C PRO F 343 11.26 -20.93 0.78
N PHE F 344 10.10 -20.35 0.55
CA PHE F 344 9.33 -20.54 -0.67
C PHE F 344 8.34 -19.39 -0.79
N ASN F 345 7.41 -19.52 -1.74
CA ASN F 345 6.43 -18.47 -1.98
C ASN F 345 5.13 -19.13 -2.41
N PHE F 346 4.23 -18.30 -2.97
CA PHE F 346 2.90 -18.80 -3.32
C PHE F 346 2.93 -19.63 -4.60
N GLN F 347 3.85 -19.33 -5.52
CA GLN F 347 3.83 -19.99 -6.82
C GLN F 347 4.21 -21.46 -6.72
N MET F 348 5.29 -21.76 -6.00
CA MET F 348 5.72 -23.15 -5.88
C MET F 348 4.67 -23.98 -5.15
N VAL F 349 4.08 -23.43 -4.09
CA VAL F 349 3.03 -24.14 -3.35
C VAL F 349 1.83 -24.37 -4.25
N TYR F 350 1.45 -23.36 -5.03
CA TYR F 350 0.30 -23.51 -5.92
C TYR F 350 0.56 -24.55 -6.99
N ASN F 351 1.77 -24.59 -7.54
CA ASN F 351 2.11 -25.59 -8.54
C ASN F 351 2.09 -26.99 -7.94
N GLU F 352 2.61 -27.15 -6.72
CA GLU F 352 2.56 -28.45 -6.06
C GLU F 352 1.12 -28.90 -5.83
N PHE F 353 0.27 -27.98 -5.36
CA PHE F 353 -1.13 -28.30 -5.15
C PHE F 353 -1.83 -28.68 -6.45
N GLN F 354 -1.54 -27.93 -7.52
CA GLN F 354 -2.12 -28.23 -8.82
C GLN F 354 -1.69 -29.60 -9.31
N LYS F 355 -0.40 -29.93 -9.13
CA LYS F 355 0.09 -31.25 -9.50
C LYS F 355 -0.66 -32.34 -8.74
N PHE F 356 -0.83 -32.15 -7.43
CA PHE F 356 -1.53 -33.16 -6.63
C PHE F 356 -2.96 -33.34 -7.10
N VAL F 357 -3.68 -32.23 -7.32
CA VAL F 357 -5.10 -32.36 -7.66
C VAL F 357 -5.27 -32.93 -9.06
N GLN F 358 -4.41 -32.54 -10.00
CA GLN F 358 -4.54 -33.05 -11.37
C GLN F 358 -4.18 -34.52 -11.45
N ARG F 359 -3.11 -34.93 -10.78
CA ARG F 359 -2.59 -36.29 -10.95
C ARG F 359 -3.23 -37.28 -9.98
N LYS F 360 -3.08 -37.05 -8.68
CA LYS F 360 -3.47 -38.08 -7.71
C LYS F 360 -4.91 -37.92 -7.24
N ALA F 361 -5.37 -36.69 -7.04
CA ALA F 361 -6.68 -36.45 -6.47
C ALA F 361 -7.77 -36.60 -7.52
N HIS F 362 -9.01 -36.44 -7.08
CA HIS F 362 -10.16 -36.54 -7.96
C HIS F 362 -10.28 -35.28 -8.82
N SER F 363 -11.08 -35.38 -9.90
CA SER F 363 -11.28 -34.23 -10.78
C SER F 363 -12.00 -33.11 -10.07
N VAL F 364 -12.77 -33.42 -9.02
CA VAL F 364 -13.36 -32.38 -8.18
C VAL F 364 -12.23 -31.64 -7.46
N TYR F 365 -12.58 -30.49 -6.86
CA TYR F 365 -11.63 -29.61 -6.19
C TYR F 365 -10.71 -28.92 -7.20
N ASN F 366 -11.30 -28.40 -8.28
CA ASN F 366 -10.56 -27.66 -9.29
C ASN F 366 -10.73 -26.16 -9.02
N PHE F 367 -9.84 -25.65 -8.18
CA PHE F 367 -9.93 -24.28 -7.71
C PHE F 367 -8.95 -23.38 -8.44
N GLU F 368 -9.36 -22.13 -8.63
CA GLU F 368 -8.60 -21.16 -9.40
C GLU F 368 -7.48 -20.57 -8.54
N LYS F 369 -6.84 -19.53 -9.05
CA LYS F 369 -5.79 -18.81 -8.35
C LYS F 369 -6.31 -17.85 -7.27
N PRO F 370 -7.38 -17.07 -7.53
CA PRO F 370 -7.83 -16.13 -6.48
C PRO F 370 -8.24 -16.79 -5.17
N VAL F 371 -8.90 -17.95 -5.22
CA VAL F 371 -9.33 -18.58 -3.98
C VAL F 371 -8.15 -19.10 -3.18
N VAL F 372 -7.15 -19.67 -3.87
CA VAL F 372 -5.96 -20.13 -3.17
C VAL F 372 -5.18 -18.95 -2.60
N MET F 373 -5.14 -17.83 -3.34
CA MET F 373 -4.49 -16.64 -2.81
C MET F 373 -5.20 -16.12 -1.56
N LYS F 374 -6.54 -16.15 -1.58
CA LYS F 374 -7.30 -15.75 -0.40
C LYS F 374 -7.03 -16.67 0.79
N ALA F 375 -6.94 -17.98 0.52
CA ALA F 375 -6.62 -18.92 1.60
C ALA F 375 -5.23 -18.66 2.16
N PHE F 376 -4.27 -18.34 1.28
CA PHE F 376 -2.94 -18.01 1.76
C PHE F 376 -2.96 -16.74 2.60
N GLU F 377 -3.76 -15.76 2.20
CA GLU F 377 -3.92 -14.55 3.02
C GLU F 377 -4.50 -14.90 4.38
N HIS F 378 -5.51 -15.78 4.41
CA HIS F 378 -6.11 -16.16 5.69
C HIS F 378 -5.11 -16.85 6.59
N LEU F 379 -4.30 -17.75 6.03
CA LEU F 379 -3.27 -18.41 6.83
C LEU F 379 -2.24 -17.41 7.33
N GLN F 380 -1.88 -16.44 6.51
CA GLN F 380 -0.96 -15.39 6.96
C GLN F 380 -1.61 -14.51 8.03
N GLN F 381 -2.94 -14.45 8.06
CA GLN F 381 -3.62 -13.57 9.00
C GLN F 381 -3.51 -14.07 10.43
N LEU F 382 -3.54 -15.39 10.62
CA LEU F 382 -3.42 -15.98 11.95
C LEU F 382 -1.97 -16.10 12.41
N GLU F 383 -1.04 -15.53 11.64
CA GLU F 383 0.38 -15.51 11.99
C GLU F 383 0.94 -16.92 12.12
N LEU F 384 0.41 -17.85 11.33
CA LEU F 384 1.04 -19.15 11.15
C LEU F 384 2.13 -19.11 10.10
N ILE F 385 2.17 -18.06 9.27
CA ILE F 385 3.16 -17.90 8.21
C ILE F 385 3.74 -16.50 8.33
N LYS F 386 5.05 -16.41 8.53
CA LYS F 386 5.70 -15.13 8.68
C LYS F 386 6.70 -14.89 7.55
N PRO F 387 6.65 -13.73 6.89
CA PRO F 387 7.66 -13.43 5.87
C PRO F 387 9.03 -13.24 6.49
N MET F 388 10.06 -13.49 5.69
CA MET F 388 11.44 -13.30 6.14
C MET F 388 11.82 -11.82 6.08
N ARG F 397 2.77 -9.14 -3.41
CA ARG F 397 2.63 -10.14 -2.35
C ARG F 397 3.22 -11.48 -2.78
N GLU F 398 3.10 -11.78 -4.07
CA GLU F 398 3.68 -13.02 -4.58
C GLU F 398 5.19 -12.93 -4.60
N TYR F 399 5.82 -14.07 -4.91
CA TYR F 399 7.29 -14.16 -5.00
C TYR F 399 7.95 -13.76 -3.69
N GLN F 400 7.23 -13.90 -2.58
CA GLN F 400 7.71 -13.47 -1.28
C GLN F 400 8.15 -14.67 -0.48
N LEU F 401 9.31 -14.56 0.17
CA LEU F 401 9.90 -15.68 0.89
C LEU F 401 9.11 -15.96 2.17
N MET F 402 8.14 -16.87 2.09
CA MET F 402 7.34 -17.28 3.23
C MET F 402 8.03 -18.43 3.95
N LYS F 403 7.55 -18.73 5.16
CA LYS F 403 8.03 -19.88 5.91
C LYS F 403 6.90 -20.42 6.77
N LEU F 404 7.12 -21.61 7.32
CA LEU F 404 6.14 -22.33 8.11
C LEU F 404 6.51 -22.27 9.59
N LEU F 405 5.49 -22.33 10.45
CA LEU F 405 5.65 -22.24 11.89
C LEU F 405 4.99 -23.43 12.59
N LEU F 406 5.24 -24.64 12.09
CA LEU F 406 4.66 -25.84 12.68
C LEU F 406 5.66 -26.98 12.58
N ASP F 407 5.35 -28.07 13.29
CA ASP F 407 6.13 -29.30 13.24
C ASP F 407 5.31 -30.40 12.57
N ASN F 408 6.03 -31.34 11.95
CA ASN F 408 5.37 -32.36 11.14
C ASN F 408 4.44 -33.23 11.97
N THR F 409 4.95 -33.74 13.10
CA THR F 409 4.14 -34.64 13.92
C THR F 409 2.93 -33.94 14.51
N GLN F 410 3.03 -32.64 14.77
CA GLN F 410 1.85 -31.89 15.20
C GLN F 410 0.77 -31.91 14.12
N ILE F 411 1.17 -31.70 12.87
CA ILE F 411 0.21 -31.73 11.77
C ILE F 411 -0.40 -33.12 11.65
N MET F 412 0.44 -34.17 11.80
CA MET F 412 -0.07 -35.53 11.70
C MET F 412 -1.10 -35.82 12.78
N ASN F 413 -0.79 -35.46 14.02
CA ASN F 413 -1.72 -35.69 15.12
C ASN F 413 -3.00 -34.89 14.94
N ALA F 414 -2.88 -33.64 14.50
CA ALA F 414 -4.05 -32.80 14.30
C ALA F 414 -4.95 -33.36 13.21
N LEU F 415 -4.35 -33.87 12.13
CA LEU F 415 -5.14 -34.49 11.07
C LEU F 415 -5.76 -35.79 11.56
N GLN F 416 -5.09 -36.49 12.49
CA GLN F 416 -5.65 -37.72 13.04
C GLN F 416 -7.00 -37.47 13.70
N LYS F 417 -7.17 -36.31 14.32
CA LYS F 417 -8.42 -35.95 14.95
C LYS F 417 -9.39 -35.20 14.04
N TYR F 418 -8.99 -34.92 12.81
CA TYR F 418 -9.85 -34.16 11.92
C TYR F 418 -11.08 -35.00 11.57
N PRO F 419 -12.29 -34.47 11.74
CA PRO F 419 -13.50 -35.30 11.60
C PRO F 419 -13.70 -35.93 10.22
N ASN F 420 -13.76 -35.12 9.18
CA ASN F 420 -14.20 -35.56 7.86
C ASN F 420 -13.05 -35.58 6.86
N CYS F 421 -11.88 -36.02 7.29
CA CYS F 421 -10.73 -36.07 6.41
C CYS F 421 -10.89 -37.20 5.40
N PRO F 422 -10.84 -36.92 4.09
CA PRO F 422 -10.91 -37.99 3.10
C PRO F 422 -9.68 -38.89 3.12
N THR F 423 -9.66 -39.91 2.24
CA THR F 423 -8.57 -40.88 2.24
C THR F 423 -7.45 -40.50 1.28
N ASP F 424 -7.78 -39.93 0.12
CA ASP F 424 -6.75 -39.54 -0.83
C ASP F 424 -5.85 -38.45 -0.26
N VAL F 425 -6.43 -37.49 0.46
CA VAL F 425 -5.63 -36.45 1.09
C VAL F 425 -4.72 -37.05 2.15
N ARG F 426 -5.22 -38.05 2.90
CA ARG F 426 -4.38 -38.73 3.88
C ARG F 426 -3.22 -39.44 3.20
N GLN F 427 -3.49 -40.12 2.10
CA GLN F 427 -2.43 -40.81 1.38
C GLN F 427 -1.40 -39.82 0.84
N TRP F 428 -1.86 -38.68 0.33
CA TRP F 428 -0.94 -37.65 -0.15
C TRP F 428 -0.07 -37.14 0.99
N ALA F 429 -0.68 -36.94 2.18
CA ALA F 429 0.09 -36.52 3.33
C ALA F 429 1.15 -37.57 3.70
N THR F 430 0.77 -38.85 3.70
CA THR F 430 1.73 -39.90 3.99
C THR F 430 2.79 -40.00 2.89
N SER F 431 2.37 -39.89 1.64
CA SER F 431 3.30 -40.00 0.52
C SER F 431 4.00 -38.67 0.26
N VAL G 7 -29.75 -14.72 21.39
CA VAL G 7 -29.76 -16.14 21.72
C VAL G 7 -28.45 -16.78 21.29
N VAL G 8 -28.04 -17.82 22.02
CA VAL G 8 -26.82 -18.56 21.75
C VAL G 8 -27.18 -19.99 21.40
N LEU G 9 -26.65 -20.49 20.29
CA LEU G 9 -26.93 -21.83 19.82
C LEU G 9 -25.66 -22.67 19.84
N CYS G 10 -25.83 -23.94 20.23
CA CYS G 10 -24.73 -24.90 20.32
C CYS G 10 -23.62 -24.42 21.24
N ARG G 11 -23.94 -23.58 22.22
CA ARG G 11 -22.98 -23.10 23.20
C ARG G 11 -23.57 -23.33 24.59
N GLU G 12 -23.21 -24.44 25.21
CA GLU G 12 -23.72 -24.79 26.53
C GLU G 12 -22.59 -25.23 27.45
N SER G 13 -21.48 -25.68 26.88
CA SER G 13 -20.35 -26.10 27.70
C SER G 13 -19.62 -24.90 28.29
N GLN G 14 -19.09 -24.03 27.42
CA GLN G 14 -18.34 -22.87 27.91
C GLN G 14 -19.25 -21.91 28.67
N VAL G 15 -20.51 -21.81 28.26
CA VAL G 15 -21.45 -20.92 28.97
C VAL G 15 -21.62 -21.39 30.40
N SER G 16 -21.89 -22.68 30.60
CA SER G 16 -22.06 -23.20 31.95
C SER G 16 -20.76 -23.10 32.74
N ILE G 17 -19.63 -23.33 32.07
CA ILE G 17 -18.34 -23.19 32.75
C ILE G 17 -18.16 -21.77 33.26
N LEU G 18 -18.47 -20.78 32.42
CA LEU G 18 -18.34 -19.38 32.82
C LEU G 18 -19.28 -19.05 33.97
N GLN G 19 -20.54 -19.51 33.89
CA GLN G 19 -21.50 -19.20 34.93
C GLN G 19 -21.09 -19.82 36.26
N SER G 20 -20.56 -21.04 36.24
CA SER G 20 -20.00 -21.63 37.45
C SER G 20 -18.80 -20.84 37.93
N LEU G 21 -17.98 -20.35 37.00
CA LEU G 21 -16.81 -19.57 37.36
C LEU G 21 -17.18 -18.31 38.12
N PHE G 22 -18.24 -17.63 37.69
CA PHE G 22 -18.62 -16.39 38.35
C PHE G 22 -19.04 -16.63 39.79
N GLY G 23 -19.81 -17.68 40.04
CA GLY G 23 -20.33 -17.89 41.38
C GLY G 23 -21.32 -16.80 41.77
N GLU G 24 -21.10 -16.22 42.94
CA GLU G 24 -21.97 -15.17 43.47
C GLU G 24 -21.32 -13.80 43.33
N ARG G 25 -22.14 -12.76 43.47
CA ARG G 25 -21.65 -11.39 43.30
C ARG G 25 -20.60 -11.04 44.35
N HIS G 26 -20.82 -11.46 45.60
CA HIS G 26 -19.85 -11.20 46.65
C HIS G 26 -18.67 -12.15 46.62
N HIS G 27 -18.67 -13.15 45.75
CA HIS G 27 -17.55 -14.05 45.62
C HIS G 27 -16.42 -13.41 44.82
N PHE G 28 -15.22 -13.98 44.98
CA PHE G 28 -14.06 -13.59 44.19
C PHE G 28 -13.84 -14.58 43.07
N SER G 29 -13.16 -14.13 42.02
CA SER G 29 -12.90 -14.96 40.84
C SER G 29 -11.46 -14.78 40.38
N PHE G 30 -11.17 -15.32 39.19
CA PHE G 30 -9.83 -15.20 38.63
C PHE G 30 -9.50 -13.74 38.33
N PRO G 31 -8.22 -13.37 38.42
CA PRO G 31 -7.84 -12.02 37.98
C PRO G 31 -7.78 -11.89 36.47
N SER G 32 -7.36 -12.94 35.77
CA SER G 32 -7.17 -12.85 34.32
C SER G 32 -7.54 -14.18 33.67
N ILE G 33 -8.45 -14.12 32.71
CA ILE G 33 -8.85 -15.27 31.91
C ILE G 33 -8.62 -14.92 30.45
N PHE G 34 -7.83 -15.73 29.76
CA PHE G 34 -7.48 -15.49 28.36
C PHE G 34 -8.29 -16.44 27.47
N ILE G 35 -9.18 -15.87 26.70
CA ILE G 35 -9.99 -16.63 25.74
C ILE G 35 -9.34 -16.53 24.37
N TYR G 36 -9.37 -17.62 23.61
CA TYR G 36 -8.86 -17.58 22.25
C TYR G 36 -9.66 -18.53 21.38
N GLY G 37 -9.63 -18.26 20.08
CA GLY G 37 -10.36 -19.08 19.14
C GLY G 37 -10.10 -18.64 17.72
N HIS G 38 -11.02 -19.00 16.82
CA HIS G 38 -10.93 -18.61 15.43
C HIS G 38 -11.82 -17.39 15.18
N THR G 39 -11.90 -16.99 13.90
CA THR G 39 -12.51 -15.73 13.52
C THR G 39 -13.93 -15.57 14.04
N ALA G 40 -14.85 -16.44 13.61
CA ALA G 40 -16.24 -16.37 14.00
C ALA G 40 -16.61 -17.38 15.09
N SER G 41 -15.64 -17.75 15.94
CA SER G 41 -15.87 -18.75 16.97
C SER G 41 -16.96 -18.35 17.96
N GLY G 42 -17.15 -17.05 18.22
CA GLY G 42 -18.18 -16.58 19.11
C GLY G 42 -17.71 -15.91 20.38
N LYS G 43 -16.45 -15.46 20.43
CA LYS G 43 -15.88 -14.87 21.64
C LYS G 43 -16.60 -13.58 22.05
N THR G 44 -17.29 -12.94 21.09
CA THR G 44 -17.90 -11.64 21.34
C THR G 44 -19.39 -11.74 21.64
N TYR G 45 -20.14 -12.47 20.82
CA TYR G 45 -21.58 -12.58 21.04
C TYR G 45 -21.90 -13.31 22.33
N VAL G 46 -21.16 -14.38 22.62
CA VAL G 46 -21.45 -15.19 23.81
C VAL G 46 -21.26 -14.37 25.07
N THR G 47 -20.10 -13.71 25.20
CA THR G 47 -19.81 -12.97 26.43
C THR G 47 -20.73 -11.77 26.59
N GLN G 48 -21.08 -11.10 25.48
CA GLN G 48 -21.96 -9.95 25.56
C GLN G 48 -23.36 -10.36 25.97
N THR G 49 -23.89 -11.41 25.34
CA THR G 49 -25.22 -11.91 25.73
C THR G 49 -25.22 -12.39 27.17
N LEU G 50 -24.14 -13.05 27.61
CA LEU G 50 -24.05 -13.54 28.97
C LEU G 50 -24.09 -12.39 29.97
N LEU G 51 -23.25 -11.37 29.75
CA LEU G 51 -23.19 -10.24 30.68
C LEU G 51 -24.44 -9.37 30.60
N LYS G 52 -25.17 -9.40 29.49
CA LYS G 52 -26.45 -8.71 29.44
C LYS G 52 -27.52 -9.49 30.20
N THR G 53 -27.49 -10.82 30.12
CA THR G 53 -28.47 -11.63 30.82
C THR G 53 -28.26 -11.56 32.33
N LEU G 54 -27.00 -11.68 32.77
CA LEU G 54 -26.73 -11.69 34.20
C LEU G 54 -26.92 -10.33 34.86
N GLU G 55 -26.87 -9.25 34.10
CA GLU G 55 -27.04 -7.89 34.62
C GLU G 55 -26.00 -7.59 35.71
N LEU G 56 -24.73 -7.68 35.32
CA LEU G 56 -23.54 -7.43 36.12
C LEU G 56 -22.81 -6.18 35.62
N PRO G 57 -22.00 -5.52 36.46
CA PRO G 57 -21.26 -4.35 35.98
C PRO G 57 -20.12 -4.75 35.06
N HIS G 58 -20.29 -4.51 33.77
CA HIS G 58 -19.28 -4.84 32.77
C HIS G 58 -19.08 -3.64 31.85
N VAL G 59 -17.82 -3.36 31.52
CA VAL G 59 -17.44 -2.26 30.66
C VAL G 59 -16.78 -2.84 29.42
N PHE G 60 -17.35 -2.54 28.25
CA PHE G 60 -16.91 -3.10 26.98
C PHE G 60 -15.92 -2.14 26.32
N VAL G 61 -14.78 -2.68 25.88
CA VAL G 61 -13.69 -1.87 25.37
C VAL G 61 -13.13 -2.49 24.11
N ASN G 62 -12.91 -1.66 23.10
CA ASN G 62 -12.31 -2.06 21.83
C ASN G 62 -10.90 -1.49 21.76
N CYS G 63 -9.91 -2.35 21.54
CA CYS G 63 -8.53 -1.91 21.50
C CYS G 63 -8.19 -1.19 20.20
N VAL G 64 -8.89 -1.50 19.12
CA VAL G 64 -8.62 -0.83 17.85
C VAL G 64 -8.95 0.66 17.93
N GLU G 65 -10.10 0.99 18.52
CA GLU G 65 -10.52 2.38 18.61
C GLU G 65 -9.55 3.21 19.45
N CYS G 66 -9.11 2.67 20.57
CA CYS G 66 -8.23 3.40 21.49
C CYS G 66 -6.78 3.16 21.09
N PHE G 67 -6.38 3.82 20.01
CA PHE G 67 -5.00 3.72 19.53
C PHE G 67 -4.01 4.40 20.46
N THR G 68 -4.47 5.20 21.41
CA THR G 68 -3.62 5.86 22.38
C THR G 68 -3.98 5.41 23.78
N LEU G 69 -2.97 5.35 24.65
CA LEU G 69 -3.16 4.91 26.03
C LEU G 69 -4.16 5.81 26.76
N ARG G 70 -4.04 7.12 26.56
CA ARG G 70 -4.94 8.06 27.21
C ARG G 70 -6.39 7.82 26.80
N LEU G 71 -6.63 7.59 25.51
CA LEU G 71 -7.99 7.31 25.06
C LEU G 71 -8.53 6.06 25.72
N LEU G 72 -7.71 5.02 25.80
CA LEU G 72 -8.14 3.77 26.42
C LEU G 72 -8.56 3.99 27.87
N LEU G 73 -7.67 4.61 28.66
CA LEU G 73 -7.96 4.80 30.07
C LEU G 73 -9.17 5.72 30.28
N GLU G 74 -9.25 6.81 29.51
CA GLU G 74 -10.34 7.76 29.70
C GLU G 74 -11.67 7.16 29.28
N GLN G 75 -11.71 6.40 28.19
CA GLN G 75 -12.93 5.73 27.79
C GLN G 75 -13.38 4.73 28.85
N ILE G 76 -12.43 3.96 29.39
CA ILE G 76 -12.76 3.02 30.46
C ILE G 76 -13.38 3.74 31.64
N LEU G 77 -12.72 4.83 32.09
CA LEU G 77 -13.19 5.54 33.27
C LEU G 77 -14.55 6.19 33.03
N ASN G 78 -14.75 6.79 31.85
CA ASN G 78 -16.03 7.44 31.57
C ASN G 78 -17.16 6.43 31.49
N LYS G 79 -16.93 5.29 30.83
CA LYS G 79 -17.96 4.26 30.79
C LYS G 79 -18.29 3.74 32.18
N LEU G 80 -17.25 3.53 33.00
CA LEU G 80 -17.48 3.05 34.36
C LEU G 80 -18.27 4.04 35.17
N ASN G 81 -17.94 5.33 35.08
CA ASN G 81 -18.66 6.35 35.82
C ASN G 81 -20.10 6.47 35.34
N HIS G 82 -20.32 6.37 34.03
CA HIS G 82 -21.68 6.43 33.50
C HIS G 82 -22.51 5.24 33.98
N LEU G 83 -21.90 4.05 34.01
CA LEU G 83 -22.62 2.89 34.55
C LEU G 83 -22.93 3.07 36.03
N SER G 84 -21.98 3.61 36.79
CA SER G 84 -22.24 3.86 38.21
C SER G 84 -23.36 4.86 38.40
N SER G 85 -23.40 5.90 37.59
CA SER G 85 -24.46 6.91 37.67
C SER G 85 -25.65 6.49 36.82
N THR G 92 -18.07 14.67 36.41
CA THR G 92 -18.49 14.92 35.02
C THR G 92 -17.54 14.24 34.04
N GLU G 93 -16.29 14.70 34.01
CA GLU G 93 -15.29 14.15 33.12
C GLU G 93 -14.02 13.83 33.92
N ILE G 94 -13.40 12.71 33.60
CA ILE G 94 -12.17 12.26 34.25
C ILE G 94 -11.10 12.11 33.18
N THR G 95 -9.95 12.75 33.40
CA THR G 95 -8.83 12.67 32.48
C THR G 95 -7.59 12.24 33.26
N CYS G 96 -6.93 11.20 32.78
CA CYS G 96 -5.72 10.69 33.40
C CYS G 96 -4.66 10.49 32.31
N GLU G 97 -3.39 10.48 32.74
CA GLU G 97 -2.27 10.49 31.81
C GLU G 97 -1.39 9.26 31.88
N THR G 98 -1.27 8.63 33.04
CA THR G 98 -0.43 7.45 33.19
C THR G 98 -1.25 6.32 33.80
N PHE G 99 -0.64 5.13 33.82
CA PHE G 99 -1.33 3.97 34.39
C PHE G 99 -1.49 4.11 35.90
N ASN G 100 -0.50 4.69 36.58
CA ASN G 100 -0.60 4.87 38.02
C ASN G 100 -1.76 5.79 38.40
N ASP G 101 -1.91 6.89 37.66
CA ASP G 101 -3.02 7.80 37.91
C ASP G 101 -4.36 7.12 37.64
N PHE G 102 -4.42 6.29 36.59
CA PHE G 102 -5.64 5.54 36.32
C PHE G 102 -5.96 4.57 37.45
N VAL G 103 -4.94 3.91 38.00
CA VAL G 103 -5.16 2.99 39.11
C VAL G 103 -5.68 3.75 40.33
N ARG G 104 -5.09 4.90 40.63
CA ARG G 104 -5.55 5.71 41.75
C ARG G 104 -7.00 6.15 41.55
N LEU G 105 -7.33 6.61 40.35
CA LEU G 105 -8.69 7.06 40.07
C LEU G 105 -9.68 5.90 40.11
N PHE G 106 -9.24 4.70 39.70
CA PHE G 106 -10.09 3.52 39.79
C PHE G 106 -10.38 3.15 41.23
N LYS G 107 -9.35 3.17 42.08
CA LYS G 107 -9.55 2.93 43.50
C LYS G 107 -10.49 3.98 44.10
N GLN G 108 -10.39 5.21 43.61
CA GLN G 108 -11.27 6.28 44.11
C GLN G 108 -12.71 6.09 43.64
N VAL G 109 -12.91 5.62 42.42
CA VAL G 109 -14.24 5.64 41.81
C VAL G 109 -15.06 4.39 42.15
N THR G 110 -14.41 3.26 42.45
CA THR G 110 -15.13 2.03 42.69
C THR G 110 -15.76 1.96 44.08
N THR G 111 -15.52 2.95 44.93
CA THR G 111 -16.04 2.96 46.29
C THR G 111 -17.53 3.25 46.37
N ALA G 112 -18.22 3.34 45.23
CA ALA G 112 -19.65 3.55 45.26
C ALA G 112 -20.37 2.33 45.83
N GLU G 113 -21.58 2.57 46.34
CA GLU G 113 -22.34 1.49 46.99
C GLU G 113 -22.66 0.38 46.01
N ASN G 114 -23.14 0.74 44.81
CA ASN G 114 -23.50 -0.28 43.83
C ASN G 114 -22.29 -1.03 43.30
N LEU G 115 -21.09 -0.46 43.44
CA LEU G 115 -19.85 -1.10 43.01
C LEU G 115 -18.98 -1.50 44.19
N LYS G 116 -19.60 -1.77 45.34
CA LYS G 116 -18.88 -2.10 46.56
C LYS G 116 -18.61 -3.60 46.69
N ASP G 117 -19.67 -4.41 46.67
CA ASP G 117 -19.56 -5.86 46.85
C ASP G 117 -20.04 -6.61 45.62
N GLN G 118 -19.65 -6.11 44.44
CA GLN G 118 -19.85 -6.81 43.19
C GLN G 118 -18.54 -6.84 42.42
N THR G 119 -18.41 -7.82 41.54
CA THR G 119 -17.24 -7.90 40.68
C THR G 119 -17.49 -7.02 39.45
N VAL G 120 -16.56 -6.10 39.19
CA VAL G 120 -16.65 -5.22 38.04
C VAL G 120 -15.74 -5.76 36.95
N TYR G 121 -16.31 -5.96 35.77
CA TYR G 121 -15.62 -6.66 34.68
C TYR G 121 -15.21 -5.68 33.59
N ILE G 122 -14.03 -5.90 33.04
CA ILE G 122 -13.48 -5.06 31.98
C ILE G 122 -13.30 -5.96 30.76
N VAL G 123 -14.33 -6.00 29.91
CA VAL G 123 -14.29 -6.80 28.70
C VAL G 123 -13.46 -6.07 27.65
N LEU G 124 -12.46 -6.75 27.11
CA LEU G 124 -11.64 -6.23 26.02
C LEU G 124 -11.88 -7.10 24.80
N ASP G 125 -11.92 -6.49 23.62
CA ASP G 125 -11.93 -7.28 22.40
C ASP G 125 -10.92 -6.73 21.40
N LYS G 126 -10.54 -7.59 20.46
CA LYS G 126 -9.50 -7.29 19.48
C LYS G 126 -8.20 -6.91 20.17
N ALA G 127 -7.87 -7.63 21.23
CA ALA G 127 -6.71 -7.34 22.05
C ALA G 127 -5.38 -7.60 21.35
N GLU G 128 -5.38 -8.04 20.09
CA GLU G 128 -4.13 -8.29 19.38
C GLU G 128 -3.25 -7.05 19.29
N TYR G 129 -3.84 -5.86 19.44
CA TYR G 129 -3.10 -4.62 19.34
C TYR G 129 -2.40 -4.25 20.65
N LEU G 130 -2.79 -4.86 21.77
CA LEU G 130 -2.22 -4.47 23.06
C LEU G 130 -0.73 -4.73 23.12
N ARG G 131 -0.25 -5.76 22.42
CA ARG G 131 1.18 -6.05 22.42
C ARG G 131 1.98 -5.01 21.66
N ASP G 132 1.32 -4.19 20.83
CA ASP G 132 2.00 -3.19 20.03
C ASP G 132 1.76 -1.77 20.54
N MET G 133 1.23 -1.60 21.74
CA MET G 133 0.98 -0.28 22.29
C MET G 133 2.13 0.20 23.18
N GLU G 134 2.41 -0.52 24.26
CA GLU G 134 3.50 -0.19 25.16
C GLU G 134 4.02 -1.47 25.80
N ALA G 135 5.22 -1.37 26.38
CA ALA G 135 5.85 -2.54 26.95
C ALA G 135 5.15 -3.02 28.20
N ASN G 136 4.86 -2.10 29.13
CA ASN G 136 4.39 -2.46 30.45
C ASN G 136 2.87 -2.46 30.60
N LEU G 137 2.12 -2.12 29.55
CA LEU G 137 0.67 -2.01 29.70
C LEU G 137 0.03 -3.37 29.95
N LEU G 138 0.44 -4.40 29.20
CA LEU G 138 -0.15 -5.73 29.36
C LEU G 138 0.08 -6.31 30.75
N PRO G 139 1.30 -6.30 31.30
CA PRO G 139 1.45 -6.76 32.70
C PRO G 139 0.64 -5.95 33.69
N GLY G 140 0.44 -4.66 33.41
CA GLY G 140 -0.38 -3.85 34.30
C GLY G 140 -1.82 -4.31 34.34
N PHE G 141 -2.35 -4.71 33.18
CA PHE G 141 -3.73 -5.22 33.15
C PHE G 141 -3.80 -6.63 33.70
N LEU G 142 -2.74 -7.43 33.56
CA LEU G 142 -2.76 -8.79 34.06
C LEU G 142 -2.87 -8.85 35.58
N ARG G 143 -2.15 -7.99 36.31
CA ARG G 143 -2.12 -8.02 37.76
C ARG G 143 -3.05 -6.97 38.38
N LEU G 144 -4.18 -6.71 37.74
CA LEU G 144 -5.04 -5.61 38.18
C LEU G 144 -5.65 -5.90 39.55
N GLN G 145 -6.03 -7.15 39.81
CA GLN G 145 -6.70 -7.46 41.06
C GLN G 145 -5.75 -7.31 42.24
N GLU G 146 -4.46 -7.57 42.04
CA GLU G 146 -3.49 -7.33 43.11
C GLU G 146 -3.35 -5.85 43.42
N LEU G 147 -3.14 -5.04 42.38
CA LEU G 147 -2.83 -3.63 42.58
C LEU G 147 -4.05 -2.85 43.07
N ALA G 148 -5.19 -3.01 42.40
CA ALA G 148 -6.39 -2.30 42.80
C ALA G 148 -7.01 -2.89 44.06
N ASP G 149 -6.99 -4.23 44.18
CA ASP G 149 -7.52 -4.94 45.34
C ASP G 149 -8.98 -4.55 45.59
N ARG G 150 -9.79 -4.61 44.53
CA ARG G 150 -11.18 -4.17 44.62
C ARG G 150 -12.13 -5.11 43.88
N ASN G 151 -11.83 -6.41 43.87
CA ASN G 151 -12.71 -7.42 43.26
C ASN G 151 -12.90 -7.13 41.76
N VAL G 152 -11.80 -7.23 41.02
CA VAL G 152 -11.76 -6.85 39.62
C VAL G 152 -11.38 -8.06 38.78
N THR G 153 -12.12 -8.29 37.70
CA THR G 153 -11.82 -9.34 36.75
C THR G 153 -11.74 -8.75 35.34
N VAL G 154 -10.73 -9.20 34.59
CA VAL G 154 -10.48 -8.69 33.24
C VAL G 154 -10.39 -9.87 32.28
N LEU G 155 -11.15 -9.79 31.19
CA LEU G 155 -11.14 -10.81 30.15
C LEU G 155 -10.25 -10.37 28.99
N PHE G 156 -9.77 -11.36 28.24
CA PHE G 156 -9.00 -11.13 27.03
C PHE G 156 -9.66 -11.88 25.88
N LEU G 157 -9.87 -11.19 24.77
CA LEU G 157 -10.37 -11.79 23.55
C LEU G 157 -9.31 -11.67 22.47
N SER G 158 -9.12 -12.74 21.70
CA SER G 158 -8.04 -12.75 20.72
C SER G 158 -8.35 -13.79 19.65
N GLU G 159 -7.57 -13.73 18.57
CA GLU G 159 -7.49 -14.80 17.59
C GLU G 159 -6.14 -15.49 17.57
N ILE G 160 -5.13 -14.86 18.16
CA ILE G 160 -3.81 -15.47 18.34
C ILE G 160 -3.79 -16.19 19.67
N VAL G 161 -3.12 -17.34 19.71
CA VAL G 161 -3.02 -18.08 20.97
C VAL G 161 -2.21 -17.30 21.98
N TRP G 162 -2.32 -17.70 23.24
CA TRP G 162 -1.60 -17.03 24.31
C TRP G 162 -0.09 -17.15 24.14
N GLU G 163 0.39 -18.11 23.36
CA GLU G 163 1.83 -18.30 23.20
C GLU G 163 2.52 -17.05 22.67
N LYS G 164 1.79 -16.21 21.93
CA LYS G 164 2.38 -15.03 21.30
C LYS G 164 2.12 -13.75 22.07
N PHE G 165 1.41 -13.82 23.20
CA PHE G 165 1.24 -12.68 24.08
C PHE G 165 2.24 -12.67 25.23
N ARG G 166 3.10 -13.68 25.33
CA ARG G 166 3.98 -13.80 26.48
C ARG G 166 5.15 -12.81 26.36
N PRO G 167 5.35 -11.95 27.36
CA PRO G 167 6.57 -11.14 27.39
C PRO G 167 7.75 -11.98 27.88
N ASN G 168 8.95 -11.43 27.67
CA ASN G 168 10.16 -12.14 28.07
C ASN G 168 10.23 -12.32 29.58
N THR G 169 9.84 -11.30 30.34
CA THR G 169 10.00 -11.32 31.80
C THR G 169 9.00 -12.22 32.51
N GLY G 170 7.94 -12.66 31.84
CA GLY G 170 6.91 -13.44 32.48
C GLY G 170 6.02 -12.60 33.37
N CYS G 171 4.77 -13.03 33.50
CA CYS G 171 3.77 -12.26 34.22
C CYS G 171 2.78 -13.21 34.87
N PHE G 172 1.65 -12.65 35.31
CA PHE G 172 0.57 -13.42 35.94
C PHE G 172 -0.17 -14.16 34.84
N GLU G 173 -0.05 -15.48 34.81
CA GLU G 173 -0.63 -16.27 33.75
C GLU G 173 -2.14 -16.33 33.88
N PRO G 174 -2.90 -15.91 32.88
CA PRO G 174 -4.35 -16.07 32.92
C PRO G 174 -4.74 -17.53 32.76
N PHE G 175 -5.98 -17.83 33.10
CA PHE G 175 -6.51 -19.16 32.82
C PHE G 175 -6.93 -19.22 31.35
N VAL G 176 -6.39 -20.18 30.62
CA VAL G 176 -6.58 -20.26 29.17
C VAL G 176 -7.90 -20.96 28.87
N LEU G 177 -8.60 -20.48 27.84
CA LEU G 177 -9.88 -21.04 27.45
C LEU G 177 -10.03 -20.96 25.93
N TYR G 178 -10.66 -21.98 25.36
CA TYR G 178 -10.82 -22.13 23.91
C TYR G 178 -12.29 -22.21 23.57
N PHE G 179 -12.72 -21.37 22.65
CA PHE G 179 -14.08 -21.55 22.17
C PHE G 179 -14.09 -22.51 20.99
N PRO G 180 -15.06 -23.42 20.93
CA PRO G 180 -14.93 -24.61 20.08
C PRO G 180 -15.05 -24.32 18.59
N ASP G 181 -14.36 -25.16 17.82
CA ASP G 181 -14.52 -25.21 16.38
C ASP G 181 -15.94 -25.61 16.01
N TYR G 182 -16.47 -25.00 14.95
CA TYR G 182 -17.84 -25.29 14.53
C TYR G 182 -17.89 -26.56 13.70
N SER G 183 -19.13 -27.00 13.42
CA SER G 183 -19.38 -28.20 12.65
C SER G 183 -20.51 -27.92 11.67
N ILE G 184 -20.75 -28.89 10.79
CA ILE G 184 -21.81 -28.74 9.79
C ILE G 184 -23.17 -28.60 10.46
N GLY G 185 -23.47 -29.45 11.44
CA GLY G 185 -24.74 -29.38 12.13
C GLY G 185 -24.92 -28.08 12.88
N ASN G 186 -23.89 -27.66 13.62
CA ASN G 186 -23.96 -26.40 14.34
C ASN G 186 -24.16 -25.23 13.38
N LEU G 187 -23.40 -25.21 12.29
CA LEU G 187 -23.52 -24.12 11.33
C LEU G 187 -24.92 -24.07 10.72
N GLN G 188 -25.46 -25.22 10.33
CA GLN G 188 -26.80 -25.22 9.76
C GLN G 188 -27.84 -24.78 10.77
N LYS G 189 -27.73 -25.26 12.02
CA LYS G 189 -28.71 -24.90 13.03
C LYS G 189 -28.67 -23.39 13.30
N ILE G 190 -27.47 -22.81 13.31
CA ILE G 190 -27.37 -21.35 13.42
C ILE G 190 -28.03 -20.68 12.23
N LEU G 191 -27.75 -21.18 11.03
CA LEU G 191 -28.33 -20.59 9.82
C LEU G 191 -29.83 -20.89 9.71
N SER G 192 -30.23 -22.13 9.96
CA SER G 192 -31.62 -22.53 9.74
C SER G 192 -32.58 -21.98 10.78
N HIS G 193 -32.14 -21.03 11.61
CA HIS G 193 -32.99 -20.42 12.62
C HIS G 193 -33.63 -19.12 12.13
N ASP G 194 -32.83 -18.21 11.56
CA ASP G 194 -33.34 -16.91 11.10
C ASP G 194 -33.87 -17.05 9.68
N HIS G 195 -34.93 -17.83 9.54
CA HIS G 195 -35.64 -18.14 8.31
C HIS G 195 -36.57 -16.98 7.92
N PRO G 196 -36.79 -16.77 6.63
CA PRO G 196 -37.82 -15.82 6.20
C PRO G 196 -39.20 -16.38 6.47
N PRO G 197 -40.09 -15.60 7.09
CA PRO G 197 -41.41 -16.12 7.44
C PRO G 197 -42.31 -16.39 6.25
N GLU G 198 -41.85 -16.12 5.02
CA GLU G 198 -42.70 -16.26 3.85
C GLU G 198 -42.61 -17.64 3.19
N TYR G 199 -41.78 -18.55 3.70
CA TYR G 199 -41.65 -19.87 3.12
C TYR G 199 -41.40 -20.89 4.23
N SER G 200 -41.16 -22.14 3.83
CA SER G 200 -41.07 -23.25 4.77
C SER G 200 -39.72 -23.30 5.47
N ALA G 201 -39.72 -23.84 6.68
CA ALA G 201 -38.47 -24.07 7.40
C ALA G 201 -37.68 -25.19 6.74
N ASP G 202 -38.36 -26.21 6.21
CA ASP G 202 -37.68 -27.26 5.46
C ASP G 202 -36.98 -26.68 4.24
N PHE G 203 -37.62 -25.73 3.57
CA PHE G 203 -37.01 -25.07 2.42
C PHE G 203 -35.71 -24.38 2.83
N TYR G 204 -35.76 -23.65 3.95
CA TYR G 204 -34.57 -22.96 4.43
C TYR G 204 -33.48 -23.93 4.81
N ALA G 205 -33.85 -25.04 5.46
CA ALA G 205 -32.86 -26.05 5.84
C ALA G 205 -32.20 -26.65 4.61
N ALA G 206 -32.99 -26.95 3.58
CA ALA G 206 -32.43 -27.49 2.35
C ALA G 206 -31.52 -26.49 1.66
N TYR G 207 -31.91 -25.22 1.66
CA TYR G 207 -31.05 -24.17 1.09
C TYR G 207 -29.72 -24.10 1.83
N ILE G 208 -29.76 -24.12 3.16
CA ILE G 208 -28.53 -24.11 3.93
C ILE G 208 -27.69 -25.35 3.64
N ASN G 209 -28.35 -26.50 3.47
CA ASN G 209 -27.63 -27.73 3.21
C ASN G 209 -26.88 -27.66 1.90
N ILE G 210 -27.57 -27.24 0.83
CA ILE G 210 -26.89 -27.16 -0.47
C ILE G 210 -25.82 -26.08 -0.44
N LEU G 211 -26.07 -24.98 0.27
CA LEU G 211 -25.07 -23.93 0.37
C LEU G 211 -23.81 -24.45 1.06
N LEU G 212 -23.98 -25.21 2.14
CA LEU G 212 -22.84 -25.79 2.83
C LEU G 212 -22.13 -26.79 1.93
N GLY G 213 -22.89 -27.63 1.22
CA GLY G 213 -22.26 -28.60 0.34
C GLY G 213 -21.43 -27.94 -0.74
N VAL G 214 -21.85 -26.75 -1.18
CA VAL G 214 -21.09 -26.05 -2.21
C VAL G 214 -19.87 -25.36 -1.60
N PHE G 215 -20.03 -24.69 -0.46
CA PHE G 215 -19.03 -23.73 -0.01
C PHE G 215 -18.26 -24.14 1.24
N TYR G 216 -18.70 -25.15 2.00
CA TYR G 216 -18.04 -25.42 3.28
C TYR G 216 -16.58 -25.82 3.09
N THR G 217 -16.21 -26.24 1.87
CA THR G 217 -14.87 -26.75 1.65
C THR G 217 -13.80 -25.73 2.05
N VAL G 218 -14.03 -24.46 1.72
CA VAL G 218 -13.03 -23.42 1.96
C VAL G 218 -13.55 -22.33 2.90
N CYS G 219 -14.77 -21.84 2.66
CA CYS G 219 -15.31 -20.68 3.37
C CYS G 219 -16.16 -21.16 4.55
N ARG G 220 -15.49 -21.46 5.66
CA ARG G 220 -16.18 -21.86 6.88
C ARG G 220 -16.72 -20.68 7.68
N ASP G 221 -16.25 -19.46 7.41
CA ASP G 221 -16.62 -18.31 8.22
C ASP G 221 -18.13 -18.11 8.19
N LEU G 222 -18.74 -18.11 9.38
CA LEU G 222 -20.18 -17.99 9.48
C LEU G 222 -20.68 -16.64 8.98
N LYS G 223 -19.93 -15.57 9.25
CA LYS G 223 -20.32 -14.26 8.77
C LYS G 223 -20.34 -14.21 7.25
N GLU G 224 -19.26 -14.67 6.63
CA GLU G 224 -19.20 -14.70 5.17
C GLU G 224 -20.27 -15.60 4.58
N LEU G 225 -20.47 -16.77 5.19
CA LEU G 225 -21.46 -17.71 4.67
C LEU G 225 -22.87 -17.14 4.75
N ARG G 226 -23.20 -16.48 5.86
CA ARG G 226 -24.53 -15.90 5.99
C ARG G 226 -24.71 -14.73 5.03
N HIS G 227 -23.66 -13.92 4.83
CA HIS G 227 -23.75 -12.86 3.84
C HIS G 227 -23.99 -13.43 2.45
N LEU G 228 -23.29 -14.51 2.10
CA LEU G 228 -23.51 -15.16 0.82
C LEU G 228 -24.93 -15.68 0.68
N ALA G 229 -25.45 -16.29 1.75
CA ALA G 229 -26.83 -16.78 1.73
C ALA G 229 -27.83 -15.64 1.51
N VAL G 230 -27.63 -14.53 2.22
CA VAL G 230 -28.52 -13.39 2.09
C VAL G 230 -28.49 -12.86 0.66
N LEU G 231 -27.30 -12.76 0.08
CA LEU G 231 -27.19 -12.30 -1.30
C LEU G 231 -27.86 -13.28 -2.26
N ASN G 232 -27.69 -14.58 -2.04
CA ASN G 232 -28.10 -15.58 -3.01
C ASN G 232 -29.54 -16.01 -2.90
N PHE G 233 -30.24 -15.65 -1.81
CA PHE G 233 -31.62 -16.09 -1.64
C PHE G 233 -32.55 -15.70 -2.78
N PRO G 234 -32.58 -14.43 -3.25
CA PRO G 234 -33.63 -14.06 -4.22
C PRO G 234 -33.64 -14.88 -5.51
N LYS G 235 -32.48 -15.34 -5.95
CA LYS G 235 -32.45 -16.16 -7.16
C LYS G 235 -33.13 -17.50 -6.95
N TYR G 236 -33.15 -18.00 -5.72
CA TYR G 236 -33.68 -19.33 -5.44
C TYR G 236 -35.20 -19.37 -5.49
N CYS G 237 -35.87 -18.26 -5.18
CA CYS G 237 -37.32 -18.25 -5.17
C CYS G 237 -37.93 -18.07 -6.56
N GLU G 238 -37.14 -17.68 -7.55
CA GLU G 238 -37.67 -17.48 -8.89
C GLU G 238 -38.31 -18.74 -9.49
N PRO G 239 -37.72 -19.94 -9.36
CA PRO G 239 -38.40 -21.13 -9.93
C PRO G 239 -39.80 -21.37 -9.38
N VAL G 240 -40.04 -21.12 -8.09
CA VAL G 240 -41.36 -21.37 -7.55
C VAL G 240 -42.30 -20.20 -7.82
N VAL G 241 -41.76 -18.98 -7.96
CA VAL G 241 -42.60 -17.84 -8.33
C VAL G 241 -43.12 -18.01 -9.75
N LYS G 242 -42.23 -18.38 -10.68
CA LYS G 242 -42.65 -18.54 -12.07
C LYS G 242 -43.52 -19.78 -12.25
N GLY G 243 -43.45 -20.74 -11.33
CA GLY G 243 -44.28 -21.92 -11.38
C GLY G 243 -43.70 -23.09 -12.13
N GLU G 244 -42.53 -22.94 -12.76
CA GLU G 244 -41.90 -24.04 -13.47
C GLU G 244 -41.50 -25.16 -12.53
N ALA G 245 -41.26 -24.87 -11.26
CA ALA G 245 -40.89 -25.86 -10.26
C ALA G 245 -41.76 -25.70 -9.03
N SER G 246 -41.95 -26.81 -8.32
CA SER G 246 -42.72 -26.84 -7.09
C SER G 246 -41.77 -26.84 -5.89
N GLU G 247 -42.37 -26.67 -4.71
CA GLU G 247 -41.58 -26.59 -3.49
C GLU G 247 -40.94 -27.92 -3.11
N ARG G 248 -41.40 -29.02 -3.71
CA ARG G 248 -40.84 -30.34 -3.44
C ARG G 248 -39.80 -30.76 -4.46
N ASP G 249 -39.47 -29.89 -5.43
CA ASP G 249 -38.53 -30.24 -6.49
C ASP G 249 -37.11 -29.95 -6.02
N THR G 250 -36.58 -30.88 -5.22
CA THR G 250 -35.22 -30.71 -4.70
C THR G 250 -34.18 -30.80 -5.80
N ARG G 251 -34.25 -31.85 -6.63
CA ARG G 251 -33.28 -32.02 -7.70
C ARG G 251 -33.37 -30.89 -8.72
N LYS G 252 -34.59 -30.46 -9.06
CA LYS G 252 -34.76 -29.38 -10.02
C LYS G 252 -34.11 -28.10 -9.53
N LEU G 253 -34.36 -27.74 -8.26
CA LEU G 253 -33.75 -26.53 -7.71
C LEU G 253 -32.24 -26.66 -7.60
N TRP G 254 -31.76 -27.85 -7.22
CA TRP G 254 -30.32 -28.07 -7.17
C TRP G 254 -29.67 -27.83 -8.53
N ARG G 255 -30.24 -28.43 -9.58
CA ARG G 255 -29.70 -28.25 -10.92
C ARG G 255 -29.81 -26.80 -11.38
N ASN G 256 -30.91 -26.14 -11.03
CA ASN G 256 -31.09 -24.75 -11.44
C ASN G 256 -30.09 -23.82 -10.76
N ILE G 257 -29.72 -24.12 -9.51
CA ILE G 257 -29.02 -23.14 -8.69
C ILE G 257 -27.53 -23.43 -8.57
N GLU G 258 -27.10 -24.64 -8.90
CA GLU G 258 -25.69 -24.99 -8.68
C GLU G 258 -24.73 -24.17 -9.51
N PRO G 259 -24.89 -24.02 -10.84
CA PRO G 259 -23.92 -23.20 -11.59
C PRO G 259 -23.90 -21.74 -11.14
N HIS G 260 -25.05 -21.21 -10.72
CA HIS G 260 -25.11 -19.84 -10.25
C HIS G 260 -24.23 -19.65 -9.02
N LEU G 261 -24.32 -20.57 -8.07
CA LEU G 261 -23.44 -20.51 -6.89
C LEU G 261 -21.99 -20.74 -7.28
N LYS G 262 -21.73 -21.63 -8.23
CA LYS G 262 -20.36 -21.88 -8.64
C LYS G 262 -19.72 -20.61 -9.23
N LYS G 263 -20.49 -19.86 -10.01
CA LYS G 263 -19.97 -18.62 -10.58
C LYS G 263 -19.85 -17.53 -9.52
N ALA G 264 -20.83 -17.44 -8.61
CA ALA G 264 -20.72 -16.49 -7.52
C ALA G 264 -19.51 -16.79 -6.63
N MET G 265 -19.10 -18.05 -6.58
CA MET G 265 -17.88 -18.41 -5.87
C MET G 265 -16.66 -17.77 -6.50
N GLN G 266 -16.61 -17.68 -7.83
CA GLN G 266 -15.48 -17.03 -8.48
C GLN G 266 -15.58 -15.51 -8.42
N THR G 267 -16.78 -14.96 -8.55
CA THR G 267 -16.92 -13.51 -8.68
C THR G 267 -17.17 -12.82 -7.33
N VAL G 268 -18.26 -13.17 -6.66
CA VAL G 268 -18.67 -12.42 -5.47
C VAL G 268 -17.75 -12.74 -4.29
N TYR G 269 -17.26 -13.99 -4.21
CA TYR G 269 -16.48 -14.40 -3.05
C TYR G 269 -15.22 -13.56 -2.91
N LEU G 270 -14.56 -13.25 -4.03
CA LEU G 270 -13.45 -12.31 -3.99
C LEU G 270 -13.91 -10.87 -4.02
N ARG G 271 -15.21 -10.62 -4.15
CA ARG G 271 -15.79 -9.27 -4.20
C ARG G 271 -15.22 -8.44 -5.34
N GLU G 272 -14.86 -9.10 -6.44
CA GLU G 272 -14.47 -8.37 -7.65
C GLU G 272 -15.66 -7.60 -8.21
N ILE G 273 -16.85 -8.19 -8.16
CA ILE G 273 -18.08 -7.51 -8.51
C ILE G 273 -18.71 -6.98 -7.22
N SER G 274 -19.07 -5.70 -7.20
CA SER G 274 -19.75 -5.14 -6.05
C SER G 274 -21.13 -5.77 -5.91
N SER G 275 -21.60 -5.84 -4.65
CA SER G 275 -22.88 -6.47 -4.38
C SER G 275 -24.03 -5.78 -5.10
N SER G 276 -23.97 -4.45 -5.22
CA SER G 276 -25.00 -3.72 -5.93
C SER G 276 -25.08 -4.15 -7.39
N GLN G 277 -23.93 -4.26 -8.05
CA GLN G 277 -23.91 -4.71 -9.44
C GLN G 277 -24.41 -6.14 -9.56
N TRP G 278 -24.01 -7.00 -8.62
CA TRP G 278 -24.48 -8.39 -8.63
C TRP G 278 -26.01 -8.45 -8.56
N GLU G 279 -26.59 -7.74 -7.58
CA GLU G 279 -28.04 -7.78 -7.41
C GLU G 279 -28.74 -7.15 -8.61
N LYS G 280 -28.18 -6.07 -9.17
CA LYS G 280 -28.78 -5.45 -10.34
C LYS G 280 -28.76 -6.41 -11.53
N LEU G 281 -27.65 -7.12 -11.73
CA LEU G 281 -27.55 -8.06 -12.83
C LEU G 281 -28.56 -9.20 -12.67
N GLN G 282 -28.67 -9.73 -11.45
CA GLN G 282 -29.60 -10.85 -11.25
C GLN G 282 -31.05 -10.39 -11.35
N LYS G 283 -31.34 -9.17 -10.90
CA LYS G 283 -32.68 -8.62 -11.09
C LYS G 283 -32.96 -8.39 -12.57
N ASP G 284 -31.97 -7.91 -13.31
CA ASP G 284 -32.10 -7.67 -14.74
C ASP G 284 -31.75 -8.89 -15.58
N ASP G 285 -31.48 -10.02 -14.95
CA ASP G 285 -31.16 -11.28 -15.64
C ASP G 285 -29.93 -11.13 -16.51
N TYR G 304 -0.26 2.09 -28.66
CA TYR G 304 0.17 1.04 -29.56
C TYR G 304 1.61 0.63 -29.28
N TYR G 305 2.55 1.54 -29.57
CA TYR G 305 3.96 1.24 -29.32
C TYR G 305 4.24 0.98 -27.85
N SER G 306 3.39 1.49 -26.95
CA SER G 306 3.51 1.15 -25.54
C SER G 306 3.33 -0.35 -25.32
N LYS G 307 2.36 -0.95 -26.02
CA LYS G 307 2.13 -2.38 -25.88
C LYS G 307 3.34 -3.17 -26.31
N PHE G 308 3.96 -2.79 -27.44
CA PHE G 308 5.13 -3.52 -27.90
C PHE G 308 6.31 -3.31 -26.98
N ILE G 309 6.47 -2.11 -26.44
CA ILE G 309 7.52 -1.87 -25.45
C ILE G 309 7.33 -2.76 -24.24
N LEU G 310 6.08 -2.86 -23.76
CA LEU G 310 5.79 -3.69 -22.60
C LEU G 310 6.05 -5.15 -22.88
N ILE G 311 5.66 -5.62 -24.07
CA ILE G 311 5.89 -7.01 -24.44
C ILE G 311 7.38 -7.31 -24.52
N ALA G 312 8.15 -6.41 -25.14
CA ALA G 312 9.59 -6.60 -25.20
C ALA G 312 10.19 -6.62 -23.81
N ALA G 313 9.73 -5.73 -22.93
CA ALA G 313 10.22 -5.71 -21.56
C ALA G 313 9.93 -7.03 -20.85
N TYR G 314 8.71 -7.54 -21.00
CA TYR G 314 8.34 -8.78 -20.32
C TYR G 314 9.16 -9.94 -20.85
N LEU G 315 9.32 -10.04 -22.18
CA LEU G 315 10.08 -11.14 -22.75
C LEU G 315 11.55 -11.06 -22.36
N ALA G 316 12.09 -9.85 -22.21
CA ALA G 316 13.47 -9.72 -21.78
C ALA G 316 13.63 -10.04 -20.30
N SER G 317 12.60 -9.77 -19.50
CA SER G 317 12.71 -9.95 -18.06
C SER G 317 12.71 -11.44 -17.69
N TYR G 318 11.94 -12.26 -18.40
CA TYR G 318 11.76 -13.66 -18.07
C TYR G 318 12.70 -14.58 -18.84
N ASN G 319 13.86 -14.09 -19.24
CA ASN G 319 14.83 -14.88 -19.99
C ASN G 319 16.23 -14.48 -19.53
N PRO G 320 17.22 -15.37 -19.68
CA PRO G 320 18.60 -15.03 -19.33
C PRO G 320 19.24 -14.09 -20.35
N ASN G 349 13.71 -20.07 -14.29
CA ASN G 349 12.34 -20.47 -14.03
C ASN G 349 11.44 -19.26 -13.83
N HIS G 350 10.13 -19.46 -14.06
CA HIS G 350 9.16 -18.47 -13.63
C HIS G 350 8.87 -18.54 -12.14
N LEU G 351 9.41 -19.55 -11.46
CA LEU G 351 9.20 -19.69 -10.02
C LEU G 351 9.99 -18.65 -9.23
N LEU G 352 11.25 -18.44 -9.60
CA LEU G 352 12.14 -17.58 -8.83
C LEU G 352 11.88 -16.10 -9.01
N GLY G 353 11.08 -15.70 -10.00
CA GLY G 353 10.75 -14.31 -10.19
C GLY G 353 11.54 -13.65 -11.30
N PRO G 354 11.04 -12.51 -11.78
CA PRO G 354 11.73 -11.78 -12.85
C PRO G 354 13.07 -11.22 -12.41
N LYS G 355 13.82 -10.64 -13.34
CA LYS G 355 15.12 -10.03 -13.07
C LYS G 355 15.22 -8.71 -13.80
N PRO G 356 15.98 -7.76 -13.25
CA PRO G 356 16.17 -6.48 -13.95
C PRO G 356 16.97 -6.64 -15.23
N PHE G 357 16.65 -5.80 -16.21
CA PHE G 357 17.31 -5.80 -17.50
C PHE G 357 17.61 -4.36 -17.92
N PRO G 358 18.67 -4.14 -18.68
CA PRO G 358 19.00 -2.79 -19.12
C PRO G 358 18.16 -2.35 -20.32
N LEU G 359 18.32 -1.08 -20.69
CA LEU G 359 17.55 -0.52 -21.78
C LEU G 359 18.06 -1.00 -23.14
N ASP G 360 19.35 -1.34 -23.24
CA ASP G 360 19.93 -1.79 -24.50
C ASP G 360 19.22 -3.04 -25.00
N ARG G 361 19.10 -4.05 -24.14
CA ARG G 361 18.43 -5.28 -24.54
C ARG G 361 16.96 -5.06 -24.82
N LEU G 362 16.31 -4.17 -24.07
CA LEU G 362 14.91 -3.85 -24.33
C LEU G 362 14.74 -3.27 -25.73
N LEU G 363 15.59 -2.32 -26.11
CA LEU G 363 15.51 -1.74 -27.44
C LEU G 363 15.81 -2.78 -28.50
N ALA G 364 16.81 -3.63 -28.27
CA ALA G 364 17.14 -4.67 -29.25
C ALA G 364 15.96 -5.61 -29.47
N ILE G 365 15.33 -6.04 -28.38
CA ILE G 365 14.18 -6.94 -28.48
C ILE G 365 13.03 -6.25 -29.20
N LEU G 366 12.79 -4.98 -28.86
CA LEU G 366 11.70 -4.25 -29.50
C LEU G 366 11.92 -4.14 -31.00
N TYR G 367 13.16 -3.84 -31.42
CA TYR G 367 13.44 -3.76 -32.85
C TYR G 367 13.30 -5.13 -33.51
N SER G 368 13.78 -6.19 -32.85
CA SER G 368 13.72 -7.53 -33.44
C SER G 368 12.27 -7.97 -33.64
N ILE G 369 11.40 -7.69 -32.66
CA ILE G 369 10.01 -8.12 -32.78
C ILE G 369 9.30 -7.38 -33.90
N VAL G 370 9.45 -6.05 -33.95
CA VAL G 370 8.70 -5.25 -34.92
C VAL G 370 9.42 -5.33 -36.26
N ASP G 371 8.76 -5.89 -37.25
CA ASP G 371 9.29 -5.97 -38.61
C ASP G 371 8.93 -4.73 -39.43
N SER G 372 9.22 -3.56 -38.87
CA SER G 372 8.95 -2.30 -39.54
C SER G 372 9.95 -1.27 -39.05
N ARG G 373 10.11 -0.20 -39.82
CA ARG G 373 11.10 0.82 -39.52
C ARG G 373 10.58 1.69 -38.38
N VAL G 374 11.12 1.49 -37.18
CA VAL G 374 10.76 2.25 -36.00
C VAL G 374 11.95 3.15 -35.67
N ALA G 375 11.84 4.43 -36.04
CA ALA G 375 12.93 5.37 -35.78
C ALA G 375 13.04 5.64 -34.29
N PRO G 376 14.24 5.57 -33.71
CA PRO G 376 14.39 5.81 -32.27
C PRO G 376 14.19 7.27 -31.90
N THR G 377 12.99 7.80 -32.14
CA THR G 377 12.68 9.18 -31.85
C THR G 377 12.69 9.42 -30.33
N ALA G 378 12.55 10.69 -29.94
CA ALA G 378 12.46 11.01 -28.52
C ALA G 378 11.10 10.63 -27.95
N ASN G 379 10.08 10.57 -28.80
CA ASN G 379 8.75 10.22 -28.33
C ASN G 379 8.70 8.82 -27.74
N ILE G 380 9.38 7.85 -28.38
CA ILE G 380 9.41 6.49 -27.84
C ILE G 380 10.20 6.44 -26.53
N PHE G 381 11.28 7.24 -26.44
CA PHE G 381 12.05 7.30 -25.21
C PHE G 381 11.20 7.81 -24.05
N SER G 382 10.45 8.90 -24.28
CA SER G 382 9.57 9.42 -23.25
C SER G 382 8.40 8.48 -22.95
N GLN G 383 7.91 7.77 -23.96
CA GLN G 383 6.84 6.80 -23.77
C GLN G 383 7.27 5.62 -22.91
N ILE G 384 8.55 5.21 -23.01
CA ILE G 384 9.05 4.16 -22.14
C ILE G 384 8.93 4.57 -20.67
N THR G 385 9.41 5.76 -20.34
CA THR G 385 9.36 6.21 -18.96
C THR G 385 7.97 6.69 -18.54
N SER G 386 7.06 6.88 -19.50
CA SER G 386 5.67 7.19 -19.16
C SER G 386 4.94 6.00 -18.56
N LEU G 387 5.53 4.80 -18.60
CA LEU G 387 4.91 3.60 -18.06
C LEU G 387 5.31 3.34 -16.62
N VAL G 388 6.56 3.64 -16.27
CA VAL G 388 7.10 3.37 -14.94
C VAL G 388 6.29 4.12 -13.89
N THR G 389 5.62 5.21 -14.31
CA THR G 389 4.75 5.94 -13.40
C THR G 389 3.40 5.27 -13.23
N LEU G 390 3.11 4.23 -14.00
CA LEU G 390 1.91 3.42 -13.80
C LEU G 390 2.16 2.19 -12.94
N GLN G 391 3.34 2.09 -12.33
CA GLN G 391 3.77 1.00 -11.46
C GLN G 391 3.94 -0.32 -12.20
N LEU G 392 3.82 -0.33 -13.53
CA LEU G 392 4.03 -1.55 -14.29
C LEU G 392 5.51 -1.88 -14.46
N LEU G 393 6.41 -0.99 -14.05
CA LEU G 393 7.85 -1.22 -14.10
C LEU G 393 8.46 -0.68 -12.82
N THR G 394 9.73 -1.00 -12.59
CA THR G 394 10.42 -0.49 -11.41
C THR G 394 11.91 -0.48 -11.66
N LEU G 395 12.53 0.69 -11.56
CA LEU G 395 13.98 0.76 -11.66
C LEU G 395 14.61 0.34 -10.33
N VAL G 396 15.85 -0.14 -10.42
CA VAL G 396 16.58 -0.64 -9.25
C VAL G 396 18.00 -0.08 -9.29
N GLY G 397 18.50 0.31 -8.12
CA GLY G 397 19.88 0.76 -7.98
C GLY G 397 20.04 2.25 -7.86
N HIS G 398 19.34 3.01 -8.71
CA HIS G 398 19.37 4.47 -8.70
C HIS G 398 20.80 5.02 -8.81
N ASP G 399 21.69 4.26 -9.46
CA ASP G 399 23.04 4.75 -9.68
C ASP G 399 23.05 5.97 -10.59
N ASP G 400 22.28 5.91 -11.69
CA ASP G 400 22.15 7.05 -12.59
C ASP G 400 20.71 7.10 -13.07
N GLN G 401 20.27 8.30 -13.44
CA GLN G 401 18.91 8.49 -13.93
C GLN G 401 18.82 8.33 -15.44
N LEU G 402 19.89 8.61 -16.16
CA LEU G 402 19.88 8.56 -17.62
C LEU G 402 20.75 7.46 -18.20
N ASP G 403 21.86 7.11 -17.54
CA ASP G 403 22.80 6.13 -18.08
C ASP G 403 22.34 4.72 -17.72
N GLY G 404 21.86 3.99 -18.72
CA GLY G 404 21.48 2.61 -18.57
C GLY G 404 20.54 2.32 -17.41
N PRO G 405 19.31 2.82 -17.48
CA PRO G 405 18.34 2.53 -16.41
C PRO G 405 17.85 1.09 -16.46
N LYS G 406 18.28 0.27 -15.51
CA LYS G 406 17.79 -1.10 -15.43
C LYS G 406 16.35 -1.11 -14.92
N TYR G 407 15.50 -1.92 -15.53
CA TYR G 407 14.10 -1.98 -15.19
C TYR G 407 13.69 -3.42 -14.88
N LYS G 408 12.76 -3.57 -13.95
CA LYS G 408 12.19 -4.85 -13.56
C LYS G 408 10.69 -4.78 -13.81
N CYS G 409 10.15 -5.80 -14.47
CA CYS G 409 8.78 -5.77 -14.98
C CYS G 409 7.86 -6.50 -14.00
N THR G 410 7.07 -5.74 -13.26
CA THR G 410 6.16 -6.30 -12.25
C THR G 410 4.74 -6.38 -12.80
N VAL G 411 4.52 -7.30 -13.75
CA VAL G 411 3.20 -7.54 -14.30
C VAL G 411 2.96 -9.05 -14.33
N SER G 412 1.70 -9.45 -14.28
CA SER G 412 1.33 -10.85 -14.26
C SER G 412 1.29 -11.41 -15.68
N LEU G 413 1.35 -12.74 -15.77
CA LEU G 413 1.40 -13.41 -17.07
C LEU G 413 0.08 -13.25 -17.83
N ASP G 414 -1.05 -13.33 -17.12
CA ASP G 414 -2.34 -13.28 -17.79
C ASP G 414 -2.55 -11.93 -18.48
N PHE G 415 -2.13 -10.84 -17.83
CA PHE G 415 -2.23 -9.52 -18.46
C PHE G 415 -1.40 -9.46 -19.73
N ILE G 416 -0.18 -10.03 -19.70
CA ILE G 416 0.66 -10.07 -20.89
C ILE G 416 -0.02 -10.86 -21.99
N ARG G 417 -0.60 -12.00 -21.65
CA ARG G 417 -1.27 -12.82 -22.66
C ARG G 417 -2.45 -12.09 -23.29
N ALA G 418 -3.23 -11.39 -22.47
CA ALA G 418 -4.35 -10.60 -23.01
C ALA G 418 -3.85 -9.48 -23.91
N ILE G 419 -2.78 -8.80 -23.50
CA ILE G 419 -2.22 -7.71 -24.31
C ILE G 419 -1.76 -8.25 -25.65
N ALA G 420 -1.06 -9.39 -25.64
CA ALA G 420 -0.62 -10.00 -26.90
C ALA G 420 -1.80 -10.40 -27.76
N ARG G 421 -2.87 -10.93 -27.15
CA ARG G 421 -4.07 -11.24 -27.90
C ARG G 421 -4.67 -10.01 -28.54
N THR G 422 -4.51 -8.85 -27.90
CA THR G 422 -5.06 -7.62 -28.46
C THR G 422 -4.44 -7.28 -29.82
N VAL G 423 -3.13 -7.45 -29.95
CA VAL G 423 -2.42 -7.07 -31.17
C VAL G 423 -1.96 -8.30 -31.97
N ASN G 424 -2.52 -9.47 -31.68
CA ASN G 424 -2.27 -10.70 -32.46
C ASN G 424 -0.79 -11.04 -32.51
N PHE G 425 -0.23 -11.34 -31.34
CA PHE G 425 1.14 -11.84 -31.22
C PHE G 425 1.18 -12.90 -30.13
N ASP G 426 2.17 -13.79 -30.22
CA ASP G 426 2.27 -14.94 -29.33
C ASP G 426 3.47 -14.78 -28.41
N ILE G 427 3.22 -14.80 -27.10
CA ILE G 427 4.30 -14.67 -26.13
C ILE G 427 4.87 -16.03 -25.78
N ILE G 428 4.07 -17.09 -25.86
CA ILE G 428 4.47 -18.39 -25.34
C ILE G 428 5.70 -18.91 -26.08
N LYS G 429 5.70 -18.76 -27.41
CA LYS G 429 6.74 -19.37 -28.22
C LYS G 429 8.13 -18.79 -27.92
N TYR G 430 8.20 -17.64 -27.26
CA TYR G 430 9.47 -16.98 -26.94
C TYR G 430 9.86 -17.14 -25.48
N LEU G 431 9.12 -17.90 -24.69
CA LEU G 431 9.24 -17.88 -23.23
C LEU G 431 9.81 -19.17 -22.66
N TYR G 432 10.20 -20.11 -23.50
CA TYR G 432 10.69 -21.40 -23.01
C TYR G 432 12.12 -21.61 -23.48
N ASP G 433 12.99 -21.94 -22.53
CA ASP G 433 14.41 -22.11 -22.82
C ASP G 433 15.14 -22.83 -21.69
PG AGS H . 5.24 -12.36 42.43
S1G AGS H . 3.62 -12.48 41.34
O2G AGS H . 5.34 -10.94 43.05
O3G AGS H . 6.48 -12.60 41.53
PB AGS H . 4.03 -13.53 44.61
O1B AGS H . 3.13 -12.35 44.53
O2B AGS H . 4.70 -13.59 45.99
O3B AGS H . 5.22 -13.43 43.57
PA AGS H . 1.81 -15.07 45.13
O1A AGS H . 1.62 -14.10 46.22
O2A AGS H . 0.80 -14.91 44.00
O3A AGS H . 3.25 -14.90 44.46
O5' AGS H . 1.77 -16.54 45.74
C5' AGS H . 0.66 -17.43 45.44
C4' AGS H . 0.36 -18.34 46.60
O4' AGS H . 1.56 -19.00 47.02
C3' AGS H . -0.17 -17.65 47.85
O3' AGS H . -1.60 -17.70 47.89
C2' AGS H . 0.43 -18.47 49.02
O2' AGS H . -0.57 -19.12 49.78
C1' AGS H . 1.32 -19.50 48.32
N9 AGS H . 2.61 -19.71 48.96
C8 AGS H . 3.84 -19.68 48.36
N7 AGS H . 4.85 -19.91 49.18
C5 AGS H . 4.23 -20.09 50.41
C6 AGS H . 4.74 -20.36 51.69
N6 AGS H . 6.04 -20.51 51.96
N1 AGS H . 3.85 -20.49 52.70
C2 AGS H . 2.55 -20.35 52.44
N3 AGS H . 1.96 -20.09 51.27
C4 AGS H . 2.85 -19.97 50.28
MG MG I . 3.98 -10.23 44.33
PG AGS J . -15.05 -11.27 15.97
S1G AGS J . -14.34 -11.07 14.16
O2G AGS J . -16.38 -10.48 16.09
O3G AGS J . -14.00 -10.73 17.00
PB AGS J . -16.40 -13.19 17.34
O1B AGS J . -16.77 -12.03 18.18
O2B AGS J . -15.79 -14.35 18.12
O3B AGS J . -15.31 -12.77 16.27
PA AGS J . -18.98 -12.88 16.55
O1A AGS J . -19.79 -13.04 17.77
O2A AGS J . -18.52 -11.43 16.32
O3A AGS J . -17.68 -13.76 16.59
O5' AGS J . -19.81 -13.43 15.33
C5' AGS J . -20.61 -12.56 14.50
C4' AGS J . -22.06 -12.91 14.71
O4' AGS J . -22.24 -14.34 14.54
C3' AGS J . -22.60 -12.62 16.11
O3' AGS J . -23.07 -11.28 16.20
C2' AGS J . -23.75 -13.62 16.23
O2' AGS J . -24.94 -13.16 15.61
C1' AGS J . -23.19 -14.83 15.46
N9 AGS J . -22.53 -15.82 16.32
C8 AGS J . -21.18 -16.02 16.46
N7 AGS J . -20.87 -16.98 17.29
C5 AGS J . -22.10 -17.43 17.74
C6 AGS J . -22.46 -18.44 18.66
N6 AGS J . -21.58 -19.21 19.30
N1 AGS J . -23.77 -18.65 18.87
C2 AGS J . -24.67 -17.88 18.22
N3 AGS J . -24.44 -16.91 17.34
C4 AGS J . -23.14 -16.73 17.15
MG MG K . -15.89 -10.42 17.91
#